data_3QPE
#
_entry.id   3QPE
#
_cell.length_a   158.019
_cell.length_b   66.265
_cell.length_c   154.609
_cell.angle_alpha   90.00
_cell.angle_beta   95.73
_cell.angle_gamma   90.00
#
_symmetry.space_group_name_H-M   'C 1 2 1'
#
loop_
_entity.id
_entity.type
_entity.pdbx_description
1 polymer 'Mandelate racemase/muconate lactonizing protein'
2 non-polymer 'MAGNESIUM ION'
3 non-polymer 'D-galacturonic acid'
4 non-polymer '4-deoxy-L-threo-hex-5-ulosuronic acid'
5 non-polymer GLYCEROL
6 water water
#
_entity_poly.entity_id   1
_entity_poly.type   'polypeptide(L)'
_entity_poly.pdbx_seq_one_letter_code
;MSLNITGIQSDWKVEKIEFAKLTGERARSAGANGRIGVHGKSCTVDIARITIDGQTGYGSSIHMTPEWAEDVIGRRLLDL
FDDRGRLREAYRLQLEYPVLDWLGQRQGKPVYDLVSGAHLETGASLVVPCYDTSLYFDDLHLADERAAVALMQEEAMQGY
AKGQRHFKIKVGRGGRHMPLWEGTKRDIAIVRGISEVAGPAGKIMIDANNAYNLNLTKEVLAALSDVNLYWLEEAFHEDE
ALYEDLKEWLGQRGQNVLIADGEGLASPHLIEWATRGRVDVLQYDIIWPGFTHWMELGEKLDAHGLRSAPHCYGNAYGIY
ASGHLSAAVRNFEFVEYDDITIEGMDVSGYRIENGEIHVPATPGFGIVFDDELVTYLINRSGWSEGHHHHHH
;
_entity_poly.pdbx_strand_id   A,B,C,D
#
loop_
_chem_comp.id
_chem_comp.type
_chem_comp.name
_chem_comp.formula
D54 non-polymer '4-deoxy-L-threo-hex-5-ulosuronic acid' 'C6 H8 O6'
DGU D-saccharide 'D-galacturonic acid' 'C6 H10 O7'
GOL non-polymer GLYCEROL 'C3 H8 O3'
MG non-polymer 'MAGNESIUM ION' 'Mg 2'
#
# COMPACT_ATOMS: atom_id res chain seq x y z
N LEU A 3 28.24 -12.04 43.35
CA LEU A 3 27.28 -12.82 44.13
C LEU A 3 27.93 -13.89 45.02
N ASN A 4 27.68 -13.79 46.32
CA ASN A 4 28.19 -14.78 47.27
C ASN A 4 27.22 -15.95 47.41
N ILE A 5 27.64 -17.11 46.93
CA ILE A 5 26.76 -18.28 46.92
C ILE A 5 27.20 -19.38 47.88
N THR A 6 28.09 -19.06 48.82
CA THR A 6 28.52 -20.04 49.81
C THR A 6 27.44 -20.29 50.85
N GLY A 7 26.46 -19.39 50.93
CA GLY A 7 25.36 -19.56 51.86
C GLY A 7 24.19 -20.37 51.31
N ILE A 8 24.26 -20.72 50.03
CA ILE A 8 23.20 -21.50 49.39
C ILE A 8 23.35 -22.98 49.75
N GLN A 9 22.37 -23.52 50.46
CA GLN A 9 22.38 -24.90 50.90
C GLN A 9 22.04 -25.83 49.73
N SER A 10 22.68 -27.00 49.67
CA SER A 10 22.43 -27.91 48.55
C SER A 10 21.02 -28.51 48.66
N ASP A 11 20.39 -28.28 49.80
CA ASP A 11 19.04 -28.72 50.08
C ASP A 11 17.98 -27.85 49.38
N TRP A 12 18.39 -26.67 48.90
CA TRP A 12 17.41 -25.74 48.30
C TRP A 12 17.15 -26.05 46.84
N LYS A 13 15.89 -26.36 46.52
CA LYS A 13 15.49 -26.72 45.19
C LYS A 13 14.35 -25.84 44.70
N VAL A 14 14.21 -25.73 43.38
CA VAL A 14 13.08 -25.03 42.78
C VAL A 14 11.88 -25.95 42.91
N GLU A 15 10.92 -25.52 43.72
CA GLU A 15 9.75 -26.31 44.02
C GLU A 15 8.62 -25.94 43.07
N LYS A 16 8.52 -24.67 42.70
CA LYS A 16 7.41 -24.19 41.90
C LYS A 16 7.78 -22.94 41.07
N ILE A 17 7.32 -22.92 39.81
CA ILE A 17 7.42 -21.71 38.96
C ILE A 17 6.02 -21.31 38.48
N GLU A 18 5.67 -20.04 38.71
CA GLU A 18 4.36 -19.53 38.35
C GLU A 18 4.53 -18.25 37.53
N PHE A 19 3.64 -18.05 36.56
CA PHE A 19 3.73 -16.97 35.58
C PHE A 19 2.40 -16.22 35.46
N ALA A 20 2.47 -14.89 35.44
CA ALA A 20 1.29 -14.05 35.21
C ALA A 20 1.66 -12.75 34.51
N LYS A 21 0.67 -12.12 33.87
CA LYS A 21 0.89 -10.82 33.26
C LYS A 21 0.14 -9.77 34.08
N LEU A 22 0.89 -8.79 34.61
CA LEU A 22 0.31 -7.67 35.34
C LEU A 22 0.07 -6.51 34.39
N THR A 23 -0.95 -5.73 34.71
CA THR A 23 -1.37 -4.64 33.84
C THR A 23 -1.51 -3.34 34.61
N GLY A 24 -1.34 -2.22 33.90
CA GLY A 24 -1.34 -0.92 34.53
C GLY A 24 -1.36 0.16 33.49
N GLU A 25 -0.99 1.37 33.90
CA GLU A 25 -1.01 2.56 33.04
C GLU A 25 0.10 3.50 33.42
N ARG A 26 0.65 4.19 32.42
CA ARG A 26 1.55 5.28 32.75
C ARG A 26 0.73 6.55 33.05
N ALA A 27 1.33 7.48 33.78
CA ALA A 27 0.62 8.65 34.28
C ALA A 27 0.10 9.55 33.15
N ARG A 28 0.88 9.70 32.10
CA ARG A 28 0.46 10.51 30.96
C ARG A 28 0.66 9.70 29.68
N SER A 29 -0.31 9.73 28.78
CA SER A 29 -0.18 9.00 27.53
C SER A 29 1.04 9.49 26.70
N ALA A 30 1.80 8.55 26.16
CA ALA A 30 3.01 8.87 25.40
C ALA A 30 2.70 8.88 23.91
N GLY A 31 2.94 10.02 23.25
CA GLY A 31 2.73 10.11 21.82
C GLY A 31 3.78 9.40 20.98
N ALA A 32 3.95 9.87 19.76
CA ALA A 32 4.85 9.25 18.79
C ALA A 32 6.31 9.55 19.09
N ASN A 33 7.22 8.80 18.47
CA ASN A 33 8.63 9.13 18.46
C ASN A 33 9.09 9.25 17.02
N GLY A 34 10.41 9.39 16.81
CA GLY A 34 10.93 9.66 15.48
C GLY A 34 10.54 8.65 14.41
N ARG A 35 10.32 7.39 14.79
CA ARG A 35 10.10 6.34 13.81
C ARG A 35 8.69 5.74 13.77
N ILE A 36 7.98 5.76 14.89
CA ILE A 36 6.68 5.09 14.95
C ILE A 36 5.63 5.95 15.64
N GLY A 37 4.41 5.43 15.69
CA GLY A 37 3.28 6.18 16.19
C GLY A 37 3.13 6.28 17.69
N VAL A 38 1.94 6.68 18.11
CA VAL A 38 1.62 6.86 19.53
C VAL A 38 1.88 5.59 20.36
N HIS A 39 2.53 5.75 21.50
CA HIS A 39 2.87 4.59 22.33
C HIS A 39 1.74 4.24 23.29
N GLY A 40 0.98 5.25 23.70
CA GLY A 40 -0.18 5.03 24.52
C GLY A 40 0.03 5.16 26.02
N LYS A 41 -0.98 4.71 26.76
CA LYS A 41 -0.98 4.83 28.20
C LYS A 41 -0.92 3.44 28.86
N SER A 42 -1.39 2.42 28.15
CA SER A 42 -1.47 1.06 28.71
C SER A 42 -0.09 0.40 28.87
N CYS A 43 0.12 -0.29 30.00
CA CYS A 43 1.40 -0.93 30.33
C CYS A 43 1.18 -2.30 30.94
N THR A 44 2.09 -3.23 30.63
CA THR A 44 2.04 -4.55 31.24
C THR A 44 3.44 -4.95 31.68
N VAL A 45 3.51 -5.94 32.57
CA VAL A 45 4.77 -6.53 32.98
C VAL A 45 4.56 -8.04 33.18
N ASP A 46 5.31 -8.85 32.45
CA ASP A 46 5.26 -10.32 32.63
C ASP A 46 6.07 -10.71 33.85
N ILE A 47 5.43 -11.41 34.79
CA ILE A 47 6.03 -11.68 36.09
C ILE A 47 6.09 -13.18 36.37
N ALA A 48 7.13 -13.61 37.05
CA ALA A 48 7.18 -15.00 37.51
C ALA A 48 7.36 -15.01 39.01
N ARG A 49 6.80 -16.04 39.63
CA ARG A 49 6.92 -16.23 41.04
C ARG A 49 7.58 -17.58 41.20
N ILE A 50 8.75 -17.60 41.84
CA ILE A 50 9.49 -18.85 42.01
C ILE A 50 9.42 -19.19 43.48
N THR A 51 9.22 -20.48 43.77
CA THR A 51 9.21 -20.97 45.12
C THR A 51 10.40 -21.91 45.36
N ILE A 52 11.23 -21.58 46.33
CA ILE A 52 12.43 -22.35 46.67
C ILE A 52 12.50 -22.52 48.17
N ASP A 53 12.75 -23.75 48.64
CA ASP A 53 12.74 -24.05 50.07
C ASP A 53 11.53 -23.44 50.76
N GLY A 54 10.38 -23.59 50.14
CA GLY A 54 9.14 -23.05 50.68
C GLY A 54 9.08 -21.55 50.91
N GLN A 55 9.88 -20.77 50.18
CA GLN A 55 9.77 -19.30 50.21
C GLN A 55 9.69 -18.78 48.76
N THR A 56 9.07 -17.61 48.55
CA THR A 56 8.90 -17.11 47.18
C THR A 56 9.76 -15.90 46.82
N GLY A 57 10.06 -15.78 45.53
CA GLY A 57 10.65 -14.57 44.97
C GLY A 57 9.86 -14.17 43.74
N TYR A 58 9.82 -12.88 43.44
CA TYR A 58 9.07 -12.39 42.28
C TYR A 58 10.01 -11.59 41.41
N GLY A 59 9.78 -11.61 40.10
CA GLY A 59 10.49 -10.69 39.22
C GLY A 59 10.09 -10.79 37.77
N SER A 60 10.62 -9.87 36.95
CA SER A 60 10.44 -9.95 35.52
C SER A 60 10.79 -11.36 35.04
N SER A 61 10.04 -11.85 34.06
CA SER A 61 10.38 -13.09 33.38
C SER A 61 9.96 -12.99 31.92
N ILE A 62 10.88 -13.27 31.00
CA ILE A 62 10.53 -13.36 29.58
C ILE A 62 11.10 -14.62 28.92
N HIS A 63 10.48 -15.06 27.83
CA HIS A 63 10.95 -16.20 27.06
C HIS A 63 10.81 -17.49 27.85
N MET A 64 9.89 -17.51 28.78
CA MET A 64 9.61 -18.72 29.53
C MET A 64 8.26 -19.32 29.17
N THR A 65 8.26 -20.60 28.79
CA THR A 65 7.03 -21.35 28.55
C THR A 65 6.85 -22.39 29.65
N PRO A 66 5.61 -22.90 29.83
CA PRO A 66 5.38 -23.91 30.87
C PRO A 66 6.29 -25.13 30.73
N GLU A 67 6.54 -25.54 29.48
CA GLU A 67 7.36 -26.70 29.18
C GLU A 67 8.82 -26.45 29.53
N TRP A 68 9.28 -25.20 29.37
CA TRP A 68 10.63 -24.82 29.79
C TRP A 68 10.74 -24.92 31.31
N ALA A 69 9.74 -24.40 32.02
CA ALA A 69 9.80 -24.37 33.47
C ALA A 69 9.77 -25.75 34.08
N GLU A 70 9.04 -26.64 33.41
CA GLU A 70 8.83 -28.00 33.90
C GLU A 70 10.16 -28.70 34.13
N ASP A 71 11.09 -28.54 33.19
CA ASP A 71 12.42 -29.11 33.30
C ASP A 71 13.26 -28.54 34.44
N VAL A 72 12.91 -27.35 34.90
CA VAL A 72 13.69 -26.70 35.95
C VAL A 72 13.20 -27.13 37.32
N ILE A 73 11.94 -27.52 37.41
CA ILE A 73 11.37 -27.93 38.69
C ILE A 73 12.17 -29.11 39.23
N GLY A 74 12.53 -29.03 40.51
CA GLY A 74 13.33 -30.07 41.13
C GLY A 74 14.83 -29.81 41.13
N ARG A 75 15.30 -28.90 40.28
CA ARG A 75 16.72 -28.56 40.27
C ARG A 75 17.15 -27.84 41.52
N ARG A 76 18.38 -28.09 41.96
CA ARG A 76 18.95 -27.33 43.07
C ARG A 76 19.25 -25.92 42.61
N LEU A 77 19.08 -24.95 43.50
CA LEU A 77 19.35 -23.55 43.15
C LEU A 77 20.81 -23.41 42.76
N LEU A 78 21.68 -24.14 43.48
CA LEU A 78 23.10 -24.22 43.19
C LEU A 78 23.36 -24.55 41.72
N ASP A 79 22.55 -25.44 41.17
CA ASP A 79 22.66 -25.82 39.77
C ASP A 79 22.51 -24.64 38.81
N LEU A 80 21.80 -23.58 39.23
CA LEU A 80 21.55 -22.47 38.31
C LEU A 80 22.73 -21.50 38.20
N PHE A 81 23.76 -21.67 39.03
CA PHE A 81 24.90 -20.75 39.06
C PHE A 81 26.18 -21.40 38.54
N ASP A 82 26.98 -20.65 37.78
CA ASP A 82 28.26 -21.18 37.30
C ASP A 82 29.28 -21.14 38.43
N ASP A 83 30.49 -21.65 38.17
CA ASP A 83 31.54 -21.76 39.19
C ASP A 83 31.89 -20.43 39.84
N ARG A 84 31.46 -19.34 39.23
CA ARG A 84 31.88 -18.02 39.67
C ARG A 84 30.73 -17.25 40.32
N GLY A 85 29.67 -17.96 40.69
CA GLY A 85 28.53 -17.33 41.33
C GLY A 85 27.76 -16.46 40.37
N ARG A 86 27.84 -16.80 39.08
CA ARG A 86 27.08 -16.10 38.06
C ARG A 86 25.91 -16.97 37.61
N LEU A 87 24.70 -16.43 37.66
CA LEU A 87 23.57 -17.16 37.14
C LEU A 87 23.85 -17.54 35.69
N ARG A 88 23.63 -18.80 35.36
CA ARG A 88 23.98 -19.34 34.06
C ARG A 88 23.10 -18.76 32.94
N GLU A 89 23.71 -18.59 31.78
CA GLU A 89 23.03 -18.00 30.62
C GLU A 89 21.63 -18.56 30.34
N ALA A 90 21.49 -19.87 30.51
CA ALA A 90 20.27 -20.55 30.12
C ALA A 90 19.08 -20.17 31.01
N TYR A 91 19.36 -19.58 32.17
CA TYR A 91 18.28 -19.26 33.11
C TYR A 91 18.00 -17.75 33.26
N ARG A 92 18.85 -16.91 32.67
CA ARG A 92 18.82 -15.48 32.96
C ARG A 92 17.50 -14.78 32.64
N LEU A 93 17.07 -14.84 31.39
CA LEU A 93 15.90 -14.05 30.98
C LEU A 93 14.64 -14.54 31.67
N GLN A 94 14.57 -15.85 31.89
CA GLN A 94 13.38 -16.48 32.45
C GLN A 94 13.31 -16.30 33.96
N LEU A 95 14.44 -16.42 34.65
CA LEU A 95 14.42 -16.54 36.10
C LEU A 95 15.36 -15.66 36.90
N GLU A 96 16.24 -14.89 36.26
CA GLU A 96 17.18 -14.09 37.06
C GLU A 96 16.50 -13.18 38.08
N TYR A 97 15.43 -12.50 37.67
CA TYR A 97 14.84 -11.56 38.60
C TYR A 97 14.16 -12.26 39.79
N PRO A 98 13.29 -13.24 39.51
CA PRO A 98 12.69 -14.06 40.58
C PRO A 98 13.75 -14.66 41.53
N VAL A 99 14.86 -15.11 40.97
CA VAL A 99 15.89 -15.76 41.78
C VAL A 99 16.65 -14.74 42.63
N LEU A 100 17.07 -13.62 42.02
CA LEU A 100 17.73 -12.57 42.80
C LEU A 100 16.80 -12.03 43.89
N ASP A 101 15.53 -11.83 43.57
CA ASP A 101 14.57 -11.45 44.58
C ASP A 101 14.50 -12.51 45.69
N TRP A 102 14.46 -13.78 45.30
CA TRP A 102 14.43 -14.85 46.30
C TRP A 102 15.62 -14.79 47.26
N LEU A 103 16.82 -14.71 46.71
CA LEU A 103 18.02 -14.67 47.52
C LEU A 103 17.98 -13.51 48.51
N GLY A 104 17.51 -12.37 48.04
CA GLY A 104 17.44 -11.20 48.88
C GLY A 104 16.44 -11.42 50.01
N GLN A 105 15.29 -12.00 49.69
CA GLN A 105 14.25 -12.25 50.69
C GLN A 105 14.80 -13.20 51.74
N ARG A 106 15.49 -14.24 51.28
CA ARG A 106 16.00 -15.29 52.17
C ARG A 106 17.14 -14.79 53.06
N GLN A 107 18.06 -14.01 52.48
CA GLN A 107 19.18 -13.45 53.24
C GLN A 107 18.84 -12.14 53.95
N GLY A 108 17.69 -11.57 53.62
CA GLY A 108 17.24 -10.35 54.27
C GLY A 108 18.09 -9.16 53.86
N LYS A 109 18.42 -9.09 52.58
CA LYS A 109 19.23 -7.99 52.05
C LYS A 109 18.67 -7.58 50.70
N PRO A 110 18.81 -6.30 50.36
CA PRO A 110 18.43 -5.81 49.03
C PRO A 110 19.41 -6.36 48.00
N VAL A 111 18.96 -6.47 46.76
CA VAL A 111 19.79 -7.04 45.72
C VAL A 111 21.08 -6.22 45.53
N TYR A 112 21.01 -4.90 45.68
CA TYR A 112 22.21 -4.07 45.49
C TYR A 112 23.34 -4.45 46.44
N ASP A 113 22.98 -4.96 47.62
CA ASP A 113 23.95 -5.45 48.60
C ASP A 113 24.50 -6.81 48.24
N LEU A 114 23.69 -7.61 47.55
CA LEU A 114 24.09 -8.95 47.14
C LEU A 114 25.04 -8.92 45.96
N VAL A 115 24.95 -7.88 45.14
CA VAL A 115 25.67 -7.84 43.88
C VAL A 115 26.74 -6.75 43.81
N SER A 116 26.86 -5.93 44.85
CA SER A 116 27.79 -4.81 44.80
C SER A 116 29.23 -5.30 44.72
N GLY A 117 29.47 -6.45 45.32
CA GLY A 117 30.83 -6.95 45.44
C GLY A 117 31.55 -6.12 46.48
N ALA A 118 30.80 -5.27 47.17
CA ALA A 118 31.36 -4.43 48.22
C ALA A 118 32.10 -5.29 49.24
N HIS A 119 33.19 -4.76 49.78
CA HIS A 119 33.89 -5.39 50.90
C HIS A 119 33.66 -4.61 52.20
N LEU A 120 33.41 -3.30 52.06
CA LEU A 120 33.19 -2.43 53.21
C LEU A 120 31.83 -2.71 53.89
N GLU A 121 31.64 -2.15 55.08
CA GLU A 121 30.38 -2.36 55.82
C GLU A 121 29.20 -1.70 55.09
N THR A 122 28.09 -2.41 55.02
CA THR A 122 26.88 -1.89 54.39
C THR A 122 26.04 -1.04 55.35
N GLY A 123 24.86 -0.62 54.91
CA GLY A 123 23.99 0.20 55.74
C GLY A 123 23.50 1.45 55.02
N ALA A 124 24.45 2.23 54.49
CA ALA A 124 24.13 3.47 53.79
C ALA A 124 23.12 3.26 52.65
N SER A 125 22.22 4.22 52.48
CA SER A 125 21.13 4.10 51.51
C SER A 125 21.60 4.25 50.06
N LEU A 126 20.87 3.64 49.12
CA LEU A 126 21.24 3.73 47.72
C LEU A 126 20.41 4.80 47.01
N VAL A 127 21.08 5.83 46.52
CA VAL A 127 20.41 6.94 45.83
C VAL A 127 21.02 7.08 44.44
N VAL A 128 20.21 6.97 43.41
CA VAL A 128 20.70 6.84 42.05
C VAL A 128 20.14 7.91 41.13
N PRO A 129 21.00 8.52 40.30
CA PRO A 129 20.49 9.53 39.39
C PRO A 129 19.45 8.91 38.45
N CYS A 130 18.39 9.68 38.19
CA CYS A 130 17.39 9.27 37.23
C CYS A 130 17.00 10.41 36.32
N TYR A 131 16.30 10.10 35.24
CA TYR A 131 15.81 11.13 34.33
C TYR A 131 14.41 10.81 33.79
N ASP A 132 13.70 11.86 33.41
CA ASP A 132 12.35 11.70 32.90
C ASP A 132 12.39 11.39 31.41
N THR A 133 11.91 10.20 31.06
CA THR A 133 12.02 9.72 29.68
C THR A 133 10.72 9.92 28.90
N SER A 134 9.74 10.56 29.51
CA SER A 134 8.37 10.55 28.97
C SER A 134 8.00 11.67 27.99
N LEU A 135 8.99 12.43 27.53
CA LEU A 135 8.70 13.59 26.68
C LEU A 135 8.69 13.23 25.20
N TYR A 136 7.60 12.61 24.76
CA TYR A 136 7.43 12.16 23.39
C TYR A 136 6.95 13.30 22.48
N PHE A 137 6.55 12.97 21.25
CA PHE A 137 6.00 13.94 20.29
C PHE A 137 4.56 14.22 20.66
N ASP A 138 4.39 14.84 21.83
CA ASP A 138 3.05 15.06 22.37
C ASP A 138 2.37 16.30 21.79
N ASP A 139 3.05 16.94 20.85
CA ASP A 139 2.65 18.23 20.30
C ASP A 139 2.22 18.16 18.84
N LEU A 140 2.07 16.95 18.30
CA LEU A 140 1.84 16.84 16.86
C LEU A 140 0.49 17.39 16.42
N HIS A 141 -0.48 17.36 17.32
CA HIS A 141 -1.80 17.93 17.04
C HIS A 141 -1.77 19.46 16.99
N LEU A 142 -0.66 20.06 17.41
CA LEU A 142 -0.53 21.51 17.48
C LEU A 142 0.21 22.11 16.30
N ALA A 143 -0.49 22.91 15.50
CA ALA A 143 0.16 23.53 14.34
C ALA A 143 1.18 24.64 14.70
N ASP A 144 0.93 25.36 15.79
CA ASP A 144 1.78 26.49 16.11
C ASP A 144 2.95 26.09 17.00
N GLU A 145 4.14 26.53 16.63
CA GLU A 145 5.33 26.16 17.36
C GLU A 145 5.20 26.55 18.83
N ARG A 146 4.74 27.77 19.06
CA ARG A 146 4.59 28.29 20.41
C ARG A 146 3.67 27.40 21.25
N ALA A 147 2.53 27.02 20.67
CA ALA A 147 1.60 26.16 21.37
C ALA A 147 2.29 24.82 21.70
N ALA A 148 3.10 24.34 20.76
CA ALA A 148 3.83 23.08 20.91
C ALA A 148 4.88 23.17 22.02
N VAL A 149 5.66 24.25 21.99
CA VAL A 149 6.67 24.48 23.01
C VAL A 149 6.03 24.58 24.38
N ALA A 150 4.91 25.29 24.44
CA ALA A 150 4.19 25.48 25.70
C ALA A 150 3.73 24.16 26.33
N LEU A 151 3.17 23.29 25.50
CA LEU A 151 2.69 22.00 25.96
C LEU A 151 3.85 21.15 26.47
N MET A 152 4.93 21.08 25.68
CA MET A 152 6.07 20.25 26.06
C MET A 152 6.71 20.76 27.34
N GLN A 153 6.69 22.06 27.54
CA GLN A 153 7.15 22.65 28.80
C GLN A 153 6.26 22.23 29.98
N GLU A 154 4.96 22.18 29.73
CA GLU A 154 3.99 21.79 30.75
C GLU A 154 4.25 20.32 31.15
N GLU A 155 4.48 19.47 30.16
CA GLU A 155 4.78 18.06 30.42
C GLU A 155 6.07 17.92 31.23
N ALA A 156 7.09 18.70 30.89
CA ALA A 156 8.32 18.67 31.67
C ALA A 156 8.05 19.10 33.11
N MET A 157 7.27 20.16 33.28
CA MET A 157 7.00 20.63 34.64
C MET A 157 6.17 19.62 35.48
N GLN A 158 5.34 18.82 34.82
CA GLN A 158 4.67 17.72 35.51
C GLN A 158 5.70 16.75 36.09
N GLY A 159 6.77 16.51 35.35
CA GLY A 159 7.85 15.65 35.84
C GLY A 159 8.61 16.35 36.95
N TYR A 160 8.93 17.62 36.74
CA TYR A 160 9.65 18.42 37.74
C TYR A 160 8.90 18.42 39.08
N ALA A 161 7.59 18.48 39.01
CA ALA A 161 6.74 18.52 40.19
C ALA A 161 6.89 17.25 41.00
N LYS A 162 7.16 16.13 40.30
CA LYS A 162 7.34 14.83 40.96
C LYS A 162 8.79 14.56 41.37
N GLY A 163 9.63 15.59 41.29
CA GLY A 163 11.02 15.47 41.69
C GLY A 163 12.02 15.15 40.58
N GLN A 164 11.59 15.10 39.33
CA GLN A 164 12.54 14.96 38.21
C GLN A 164 13.29 16.26 37.96
N ARG A 165 14.59 16.16 37.71
CA ARG A 165 15.42 17.32 37.37
C ARG A 165 16.04 17.20 35.97
N HIS A 166 16.14 15.98 35.48
CA HIS A 166 16.78 15.72 34.21
C HIS A 166 15.76 15.10 33.26
N PHE A 167 15.86 15.45 31.99
CA PHE A 167 14.82 15.11 31.01
C PHE A 167 15.39 14.62 29.69
N LYS A 168 14.80 13.56 29.15
CA LYS A 168 15.17 13.10 27.81
C LYS A 168 14.05 13.39 26.84
N ILE A 169 14.39 14.12 25.79
CA ILE A 169 13.40 14.65 24.88
C ILE A 169 13.45 13.93 23.53
N LYS A 170 12.33 13.40 23.07
CA LYS A 170 12.27 12.82 21.75
C LYS A 170 12.39 13.90 20.69
N VAL A 171 13.32 13.72 19.74
CA VAL A 171 13.45 14.61 18.60
C VAL A 171 13.38 13.76 17.33
N GLY A 172 13.50 14.39 16.17
CA GLY A 172 13.33 13.67 14.92
C GLY A 172 11.96 13.84 14.30
N ARG A 173 11.21 14.84 14.76
CA ARG A 173 9.89 15.11 14.18
C ARG A 173 9.84 15.13 12.64
N GLY A 174 10.88 15.67 12.01
CA GLY A 174 10.92 15.80 10.55
C GLY A 174 11.31 14.54 9.80
N GLY A 175 11.63 13.48 10.54
CA GLY A 175 12.02 12.23 9.91
C GLY A 175 10.87 11.56 9.21
N ARG A 176 9.68 11.61 9.84
CA ARG A 176 8.52 10.89 9.35
C ARG A 176 7.21 11.63 9.57
N HIS A 177 7.00 12.13 10.79
CA HIS A 177 5.67 12.63 11.16
C HIS A 177 5.32 14.05 10.70
N MET A 178 6.34 14.89 10.55
CA MET A 178 6.18 16.29 10.13
C MET A 178 7.09 16.53 8.93
N PRO A 179 6.77 17.56 8.11
CA PRO A 179 7.68 17.90 7.02
C PRO A 179 9.08 18.13 7.58
N LEU A 180 10.11 17.78 6.83
CA LEU A 180 11.45 17.64 7.42
C LEU A 180 11.98 18.94 7.99
N TRP A 181 11.86 20.01 7.23
CA TRP A 181 12.42 21.27 7.68
C TRP A 181 11.63 21.80 8.89
N GLU A 182 10.32 21.82 8.76
N GLU A 182 10.31 21.85 8.77
CA GLU A 182 9.46 22.28 9.84
CA GLU A 182 9.49 22.28 9.89
C GLU A 182 9.60 21.41 11.11
C GLU A 182 9.71 21.42 11.12
N GLY A 183 9.76 20.11 10.92
CA GLY A 183 9.91 19.19 12.04
C GLY A 183 11.19 19.44 12.81
N THR A 184 12.28 19.68 12.08
CA THR A 184 13.57 19.93 12.70
C THR A 184 13.58 21.27 13.45
N LYS A 185 12.99 22.31 12.86
CA LYS A 185 12.84 23.57 13.59
C LYS A 185 12.01 23.36 14.86
N ARG A 186 10.97 22.56 14.74
CA ARG A 186 10.12 22.22 15.89
C ARG A 186 10.92 21.47 16.97
N ASP A 187 11.75 20.49 16.57
CA ASP A 187 12.60 19.80 17.54
C ASP A 187 13.39 20.81 18.37
N ILE A 188 14.09 21.69 17.66
CA ILE A 188 14.99 22.64 18.30
C ILE A 188 14.26 23.57 19.27
N ALA A 189 13.12 24.08 18.85
CA ALA A 189 12.32 24.96 19.70
C ALA A 189 11.83 24.25 20.96
N ILE A 190 11.40 22.99 20.82
CA ILE A 190 10.99 22.16 21.95
C ILE A 190 12.14 22.00 22.95
N VAL A 191 13.31 21.62 22.46
CA VAL A 191 14.42 21.39 23.37
C VAL A 191 14.79 22.66 24.14
N ARG A 192 14.94 23.77 23.42
N ARG A 192 14.92 23.78 23.43
CA ARG A 192 15.23 25.05 24.08
CA ARG A 192 15.22 25.04 24.09
C ARG A 192 14.17 25.38 25.13
C ARG A 192 14.16 25.36 25.14
N GLY A 193 12.90 25.17 24.75
CA GLY A 193 11.78 25.41 25.63
C GLY A 193 11.85 24.64 26.93
N ILE A 194 12.09 23.33 26.85
CA ILE A 194 12.23 22.52 28.05
C ILE A 194 13.49 22.88 28.83
N SER A 195 14.57 23.17 28.11
CA SER A 195 15.77 23.68 28.76
C SER A 195 15.47 24.88 29.66
N GLU A 196 14.72 25.84 29.14
CA GLU A 196 14.40 27.05 29.90
C GLU A 196 13.71 26.71 31.21
N VAL A 197 12.81 25.74 31.14
CA VAL A 197 12.00 25.35 32.27
C VAL A 197 12.79 24.48 33.24
N ALA A 198 13.78 23.75 32.74
CA ALA A 198 14.51 22.82 33.59
C ALA A 198 15.54 23.53 34.45
N GLY A 199 16.06 24.66 33.99
CA GLY A 199 17.13 25.34 34.71
C GLY A 199 18.48 24.72 34.37
N PRO A 200 19.58 25.38 34.77
CA PRO A 200 20.94 25.00 34.38
C PRO A 200 21.49 23.80 35.14
N ALA A 201 20.80 23.40 36.20
CA ALA A 201 21.20 22.19 36.90
C ALA A 201 20.63 20.98 36.15
N GLY A 202 19.64 21.25 35.29
CA GLY A 202 18.94 20.19 34.57
C GLY A 202 19.71 19.62 33.38
N LYS A 203 20.00 18.32 33.44
CA LYS A 203 20.68 17.68 32.32
C LYS A 203 19.68 17.30 31.26
N ILE A 204 19.94 17.74 30.03
CA ILE A 204 19.01 17.52 28.93
C ILE A 204 19.56 16.49 27.95
N MET A 205 18.78 15.46 27.65
CA MET A 205 19.24 14.50 26.68
C MET A 205 18.26 14.47 25.51
N ILE A 206 18.75 14.26 24.30
CA ILE A 206 17.85 14.16 23.18
C ILE A 206 17.99 12.81 22.49
N ASP A 207 16.88 12.30 21.98
CA ASP A 207 16.83 10.94 21.44
C ASP A 207 16.09 10.97 20.12
N ALA A 208 16.82 10.71 19.04
CA ALA A 208 16.27 10.88 17.70
C ALA A 208 15.60 9.63 17.17
N ASN A 209 15.76 8.52 17.88
CA ASN A 209 15.28 7.24 17.35
C ASN A 209 15.64 7.07 15.88
N ASN A 210 16.90 7.43 15.58
CA ASN A 210 17.51 7.15 14.29
C ASN A 210 16.94 7.98 13.16
N ALA A 211 16.14 8.98 13.51
CA ALA A 211 15.46 9.82 12.53
C ALA A 211 16.33 10.86 11.83
N TYR A 212 17.56 11.08 12.30
CA TYR A 212 18.43 12.08 11.67
C TYR A 212 19.39 11.44 10.66
N ASN A 213 20.12 12.29 9.92
CA ASN A 213 21.38 11.86 9.30
C ASN A 213 22.50 12.70 9.91
N LEU A 214 23.73 12.62 9.40
CA LEU A 214 24.84 13.31 10.07
C LEU A 214 24.70 14.83 10.05
N ASN A 215 24.32 15.41 8.91
CA ASN A 215 24.21 16.86 8.81
C ASN A 215 22.98 17.43 9.53
N LEU A 216 21.88 16.69 9.55
CA LEU A 216 20.74 17.11 10.36
C LEU A 216 21.17 17.17 11.81
N THR A 217 21.92 16.14 12.24
CA THR A 217 22.44 16.11 13.59
C THR A 217 23.29 17.33 13.93
N LYS A 218 24.27 17.64 13.10
CA LYS A 218 25.11 18.80 13.38
C LYS A 218 24.32 20.11 13.39
N GLU A 219 23.33 20.23 12.51
CA GLU A 219 22.50 21.44 12.47
C GLU A 219 21.80 21.61 13.82
N VAL A 220 21.22 20.53 14.32
CA VAL A 220 20.47 20.56 15.57
C VAL A 220 21.38 20.86 16.75
N LEU A 221 22.54 20.21 16.78
CA LEU A 221 23.50 20.41 17.86
C LEU A 221 24.03 21.84 17.89
N ALA A 222 24.35 22.38 16.71
CA ALA A 222 24.80 23.76 16.63
C ALA A 222 23.76 24.68 17.22
N ALA A 223 22.50 24.43 16.87
CA ALA A 223 21.39 25.26 17.30
C ALA A 223 21.18 25.18 18.81
N LEU A 224 21.73 24.15 19.44
CA LEU A 224 21.51 23.89 20.86
C LEU A 224 22.78 24.03 21.69
N SER A 225 23.69 24.87 21.21
CA SER A 225 24.99 25.06 21.85
C SER A 225 24.88 25.55 23.28
N ASP A 226 23.93 26.44 23.53
CA ASP A 226 23.79 27.04 24.86
C ASP A 226 22.99 26.18 25.85
N VAL A 227 22.31 25.17 25.34
CA VAL A 227 21.51 24.27 26.16
C VAL A 227 22.40 23.23 26.84
N ASN A 228 22.03 22.78 28.03
CA ASN A 228 22.84 21.82 28.78
C ASN A 228 22.67 20.40 28.23
N LEU A 229 23.16 20.17 27.02
CA LEU A 229 23.00 18.88 26.36
C LEU A 229 24.01 17.92 26.95
N TYR A 230 23.51 16.88 27.60
CA TYR A 230 24.34 15.90 28.28
C TYR A 230 24.70 14.75 27.34
N TRP A 231 23.69 14.23 26.64
CA TRP A 231 23.95 13.25 25.60
C TRP A 231 23.02 13.26 24.39
N LEU A 232 23.54 12.75 23.29
CA LEU A 232 22.82 12.56 22.05
C LEU A 232 22.64 11.07 21.82
N GLU A 233 21.38 10.62 21.79
CA GLU A 233 21.04 9.21 21.75
C GLU A 233 20.44 8.82 20.39
N GLU A 234 21.01 7.81 19.76
CA GLU A 234 20.50 7.29 18.48
C GLU A 234 20.17 8.38 17.44
N ALA A 235 21.12 9.26 17.15
CA ALA A 235 20.92 10.26 16.11
C ALA A 235 20.54 9.55 14.80
N PHE A 236 21.22 8.44 14.54
CA PHE A 236 21.04 7.67 13.31
C PHE A 236 21.60 6.27 13.63
N HIS A 237 21.26 5.26 12.84
CA HIS A 237 21.70 3.93 13.21
C HIS A 237 23.23 3.92 13.31
N GLU A 238 23.75 3.34 14.39
CA GLU A 238 25.17 3.38 14.68
C GLU A 238 26.06 2.96 13.50
N ASP A 239 27.10 3.75 13.28
CA ASP A 239 27.99 3.63 12.14
C ASP A 239 29.31 4.25 12.61
N GLU A 240 30.38 3.46 12.62
CA GLU A 240 31.64 3.92 13.21
C GLU A 240 32.18 5.16 12.50
N ALA A 241 32.03 5.21 11.18
CA ALA A 241 32.64 6.28 10.42
C ALA A 241 31.88 7.58 10.65
N LEU A 242 30.57 7.48 10.83
CA LEU A 242 29.76 8.68 11.08
C LEU A 242 30.00 9.20 12.49
N TYR A 243 30.05 8.31 13.48
CA TYR A 243 30.30 8.75 14.85
C TYR A 243 31.71 9.30 15.03
N GLU A 244 32.67 8.71 14.31
CA GLU A 244 34.01 9.29 14.27
C GLU A 244 33.97 10.74 13.76
N ASP A 245 33.37 10.96 12.61
CA ASP A 245 33.18 12.31 12.12
C ASP A 245 32.50 13.21 13.17
N LEU A 246 31.42 12.73 13.79
CA LEU A 246 30.68 13.54 14.76
C LEU A 246 31.51 13.89 16.00
N LYS A 247 32.22 12.91 16.55
CA LYS A 247 33.05 13.16 17.72
C LYS A 247 34.12 14.22 17.43
N GLU A 248 34.72 14.15 16.25
CA GLU A 248 35.74 15.14 15.89
C GLU A 248 35.13 16.54 15.79
N TRP A 249 33.99 16.64 15.12
CA TRP A 249 33.27 17.91 14.96
C TRP A 249 32.92 18.54 16.32
N LEU A 250 32.37 17.73 17.24
CA LEU A 250 32.07 18.19 18.59
C LEU A 250 33.33 18.65 19.33
N GLY A 251 34.44 17.96 19.10
CA GLY A 251 35.70 18.35 19.70
C GLY A 251 36.21 19.69 19.20
N GLN A 252 36.18 19.90 17.89
CA GLN A 252 36.62 21.17 17.29
C GLN A 252 35.79 22.33 17.79
N ARG A 253 34.54 22.05 18.18
CA ARG A 253 33.63 23.07 18.65
C ARG A 253 33.68 23.23 20.17
N GLY A 254 34.39 22.33 20.84
CA GLY A 254 34.37 22.29 22.30
C GLY A 254 32.95 22.09 22.82
N GLN A 255 32.19 21.25 22.14
CA GLN A 255 30.84 20.92 22.58
C GLN A 255 30.84 19.54 23.22
N ASN A 256 30.65 19.49 24.53
CA ASN A 256 30.80 18.24 25.25
C ASN A 256 29.47 17.50 25.39
N VAL A 257 29.00 16.90 24.30
CA VAL A 257 27.81 16.07 24.30
C VAL A 257 28.27 14.62 24.11
N LEU A 258 27.92 13.75 25.06
CA LEU A 258 28.22 12.33 24.95
C LEU A 258 27.37 11.70 23.85
N ILE A 259 27.92 10.65 23.25
CA ILE A 259 27.17 9.87 22.27
C ILE A 259 26.64 8.61 22.93
N ALA A 260 25.31 8.45 22.92
CA ALA A 260 24.67 7.29 23.53
C ALA A 260 23.99 6.43 22.47
N ASP A 261 24.06 5.11 22.62
CA ASP A 261 23.48 4.21 21.64
C ASP A 261 23.43 2.78 22.21
N GLY A 262 22.75 1.86 21.53
CA GLY A 262 22.80 0.45 21.90
C GLY A 262 21.47 -0.27 22.12
N GLU A 263 20.36 0.46 22.17
CA GLU A 263 19.06 -0.22 22.34
C GLU A 263 18.64 -1.02 21.10
N GLY A 264 17.74 -1.97 21.30
CA GLY A 264 17.18 -2.76 20.20
C GLY A 264 18.19 -3.64 19.48
N LEU A 265 18.09 -3.70 18.16
CA LEU A 265 18.98 -4.56 17.39
C LEU A 265 20.26 -3.79 17.09
N ALA A 266 21.21 -3.86 18.02
CA ALA A 266 22.45 -3.07 17.91
C ALA A 266 23.45 -3.69 16.93
N SER A 267 24.31 -2.86 16.34
CA SER A 267 25.43 -3.38 15.60
C SER A 267 26.23 -4.30 16.52
N PRO A 268 26.64 -5.48 16.00
CA PRO A 268 27.47 -6.39 16.79
C PRO A 268 28.81 -5.79 17.16
N HIS A 269 29.21 -4.70 16.51
CA HIS A 269 30.52 -4.11 16.80
C HIS A 269 30.46 -2.82 17.59
N LEU A 270 29.28 -2.50 18.10
CA LEU A 270 29.08 -1.26 18.84
C LEU A 270 30.06 -1.09 20.00
N ILE A 271 30.28 -2.15 20.78
CA ILE A 271 31.15 -2.01 21.93
C ILE A 271 32.58 -1.73 21.52
N GLU A 272 33.02 -2.42 20.46
CA GLU A 272 34.32 -2.15 19.84
C GLU A 272 34.42 -0.69 19.40
N TRP A 273 33.37 -0.19 18.77
CA TRP A 273 33.39 1.19 18.32
C TRP A 273 33.54 2.15 19.51
N ALA A 274 32.88 1.81 20.62
CA ALA A 274 32.97 2.62 21.84
C ALA A 274 34.36 2.58 22.44
N THR A 275 35.01 1.41 22.41
CA THR A 275 36.38 1.30 22.92
C THR A 275 37.35 2.14 22.08
N ARG A 276 37.00 2.38 20.83
CA ARG A 276 37.83 3.23 19.99
C ARG A 276 37.42 4.69 20.11
N GLY A 277 36.44 4.96 20.96
CA GLY A 277 36.11 6.33 21.30
C GLY A 277 34.99 6.99 20.50
N ARG A 278 34.27 6.21 19.69
CA ARG A 278 33.21 6.75 18.84
C ARG A 278 31.86 6.86 19.56
N VAL A 279 31.66 6.08 20.61
CA VAL A 279 30.39 6.05 21.35
C VAL A 279 30.72 6.02 22.85
N ASP A 280 30.04 6.84 23.65
CA ASP A 280 30.40 6.98 25.06
C ASP A 280 29.50 6.21 26.02
N VAL A 281 28.20 6.20 25.73
CA VAL A 281 27.21 5.60 26.62
C VAL A 281 26.51 4.41 25.93
N LEU A 282 26.54 3.26 26.58
CA LEU A 282 25.96 2.02 26.05
C LEU A 282 24.61 1.76 26.70
N GLN A 283 23.62 1.40 25.88
CA GLN A 283 22.23 1.42 26.33
C GLN A 283 21.43 0.12 26.11
N TYR A 284 22.10 -1.03 26.21
CA TYR A 284 21.39 -2.32 26.16
C TYR A 284 20.29 -2.37 27.21
N ASP A 285 19.19 -3.00 26.84
CA ASP A 285 17.98 -3.01 27.66
C ASP A 285 18.15 -3.76 29.00
N ILE A 286 17.44 -3.32 30.03
CA ILE A 286 17.61 -3.87 31.38
C ILE A 286 16.98 -5.26 31.55
N ILE A 287 16.09 -5.64 30.62
CA ILE A 287 15.44 -6.97 30.64
C ILE A 287 16.07 -7.93 29.65
N TRP A 288 16.33 -7.46 28.43
CA TRP A 288 16.97 -8.24 27.41
C TRP A 288 18.10 -7.40 26.81
N PRO A 289 19.36 -7.76 27.07
CA PRO A 289 19.89 -9.02 27.63
C PRO A 289 19.81 -9.21 29.15
N GLY A 290 19.43 -8.20 29.92
CA GLY A 290 19.10 -8.41 31.32
C GLY A 290 20.15 -8.05 32.36
N PHE A 291 19.84 -8.39 33.61
CA PHE A 291 20.57 -7.97 34.81
C PHE A 291 21.93 -8.64 34.97
N THR A 292 21.96 -9.94 34.82
CA THR A 292 23.20 -10.68 35.01
C THR A 292 24.19 -10.29 33.93
N HIS A 293 23.70 -10.30 32.69
CA HIS A 293 24.46 -9.83 31.55
C HIS A 293 25.07 -8.45 31.78
N TRP A 294 24.25 -7.54 32.34
CA TRP A 294 24.68 -6.17 32.62
C TRP A 294 25.75 -6.07 33.69
N MET A 295 25.75 -6.98 34.66
CA MET A 295 26.82 -6.95 35.65
C MET A 295 28.17 -7.27 35.01
N GLU A 296 28.18 -8.21 34.06
CA GLU A 296 29.41 -8.56 33.37
C GLU A 296 29.79 -7.48 32.38
N LEU A 297 28.82 -7.03 31.60
CA LEU A 297 29.04 -5.96 30.63
C LEU A 297 29.57 -4.71 31.29
N GLY A 298 28.94 -4.32 32.39
CA GLY A 298 29.33 -3.11 33.11
C GLY A 298 30.76 -3.14 33.63
N GLU A 299 31.22 -4.31 34.04
CA GLU A 299 32.62 -4.47 34.42
C GLU A 299 33.51 -4.21 33.22
N LYS A 300 33.11 -4.72 32.06
CA LYS A 300 33.86 -4.54 30.84
C LYS A 300 33.91 -3.04 30.50
N LEU A 301 32.76 -2.40 30.45
CA LEU A 301 32.73 -0.98 30.11
C LEU A 301 33.49 -0.12 31.11
N ASP A 302 33.34 -0.40 32.39
CA ASP A 302 34.11 0.32 33.41
C ASP A 302 35.60 0.22 33.11
N ALA A 303 36.04 -0.97 32.71
CA ALA A 303 37.46 -1.19 32.43
C ALA A 303 37.96 -0.36 31.25
N HIS A 304 37.05 0.11 30.40
CA HIS A 304 37.45 0.97 29.28
C HIS A 304 37.08 2.43 29.53
N GLY A 305 36.60 2.72 30.73
CA GLY A 305 36.16 4.08 31.04
C GLY A 305 34.91 4.47 30.28
N LEU A 306 34.13 3.49 29.88
CA LEU A 306 32.88 3.73 29.18
C LEU A 306 31.70 3.72 30.16
N ARG A 307 30.59 4.33 29.74
CA ARG A 307 29.44 4.57 30.63
C ARG A 307 28.27 3.62 30.34
N SER A 308 27.55 3.26 31.39
CA SER A 308 26.43 2.34 31.29
C SER A 308 25.13 3.10 31.56
N ALA A 309 24.18 3.02 30.64
CA ALA A 309 22.86 3.57 30.86
C ALA A 309 21.82 2.61 30.31
N PRO A 310 21.47 1.57 31.08
CA PRO A 310 20.55 0.56 30.56
C PRO A 310 19.23 1.15 30.09
N HIS A 311 18.79 0.78 28.89
CA HIS A 311 17.50 1.20 28.34
C HIS A 311 16.39 0.55 29.13
N CYS A 312 15.35 1.34 29.44
CA CYS A 312 14.17 0.77 30.08
C CYS A 312 12.97 1.59 29.61
N TYR A 313 12.13 0.97 28.82
CA TYR A 313 10.89 1.58 28.38
C TYR A 313 10.00 0.45 27.92
N GLY A 314 8.75 0.45 28.39
CA GLY A 314 7.82 -0.58 28.01
C GLY A 314 7.69 -1.66 29.07
N ASN A 315 8.48 -1.53 30.13
CA ASN A 315 8.49 -2.49 31.22
C ASN A 315 8.85 -1.78 32.52
N ALA A 316 7.84 -1.52 33.34
CA ALA A 316 8.02 -0.78 34.58
C ALA A 316 9.02 -1.44 35.53
N TYR A 317 9.02 -2.75 35.54
CA TYR A 317 9.89 -3.51 36.44
C TYR A 317 11.37 -3.15 36.21
N GLY A 318 11.71 -2.89 34.94
CA GLY A 318 13.07 -2.54 34.55
C GLY A 318 13.61 -1.34 35.31
N ILE A 319 12.74 -0.40 35.64
CA ILE A 319 13.17 0.80 36.36
C ILE A 319 13.86 0.49 37.69
N TYR A 320 13.22 -0.37 38.48
CA TYR A 320 13.68 -0.67 39.81
C TYR A 320 14.88 -1.58 39.75
N ALA A 321 14.89 -2.51 38.81
CA ALA A 321 16.06 -3.36 38.60
C ALA A 321 17.27 -2.49 38.27
N SER A 322 17.08 -1.50 37.41
CA SER A 322 18.17 -0.61 37.01
C SER A 322 18.77 0.08 38.23
N GLY A 323 17.94 0.49 39.17
CA GLY A 323 18.44 1.10 40.40
C GLY A 323 19.37 0.19 41.19
N HIS A 324 19.05 -1.09 41.27
CA HIS A 324 19.87 -2.03 42.05
C HIS A 324 21.17 -2.36 41.31
N LEU A 325 21.07 -2.43 40.00
CA LEU A 325 22.23 -2.70 39.14
C LEU A 325 23.32 -1.64 39.30
N SER A 326 22.93 -0.40 39.61
CA SER A 326 23.91 0.67 39.76
C SER A 326 24.99 0.39 40.82
N ALA A 327 24.69 -0.47 41.79
CA ALA A 327 25.65 -0.73 42.86
C ALA A 327 26.82 -1.56 42.36
N ALA A 328 26.62 -2.23 41.23
CA ALA A 328 27.63 -3.16 40.68
C ALA A 328 28.42 -2.59 39.50
N VAL A 329 28.07 -1.37 39.07
CA VAL A 329 28.74 -0.76 37.93
C VAL A 329 29.26 0.63 38.28
N ARG A 330 30.57 0.83 38.12
CA ARG A 330 31.13 2.12 38.51
C ARG A 330 30.61 3.29 37.69
N ASN A 331 30.62 3.17 36.37
CA ASN A 331 30.16 4.29 35.54
C ASN A 331 28.68 4.22 35.18
N PHE A 332 27.85 3.88 36.16
CA PHE A 332 26.40 3.88 35.98
C PHE A 332 25.91 5.31 35.79
N GLU A 333 25.16 5.56 34.73
CA GLU A 333 24.70 6.91 34.43
C GLU A 333 23.36 7.30 35.10
N PHE A 334 22.27 6.71 34.63
CA PHE A 334 20.93 7.07 35.09
C PHE A 334 19.99 5.90 35.12
N VAL A 335 19.02 5.96 36.02
CA VAL A 335 17.81 5.15 35.89
C VAL A 335 16.88 5.84 34.89
N GLU A 336 16.52 5.16 33.81
CA GLU A 336 15.56 5.72 32.87
C GLU A 336 14.14 5.62 33.46
N TYR A 337 13.51 6.76 33.77
CA TYR A 337 12.27 6.73 34.57
C TYR A 337 10.97 7.07 33.81
N ASP A 338 9.98 6.18 33.94
CA ASP A 338 8.63 6.38 33.43
C ASP A 338 7.72 6.16 34.63
N ASP A 339 6.77 7.06 34.84
CA ASP A 339 5.88 6.98 36.00
C ASP A 339 4.72 6.04 35.69
N ILE A 340 4.85 4.80 36.15
CA ILE A 340 3.84 3.79 35.85
C ILE A 340 3.26 3.21 37.12
N THR A 341 1.95 2.94 37.07
CA THR A 341 1.27 2.20 38.15
C THR A 341 0.77 0.88 37.61
N ILE A 342 1.35 -0.20 38.14
CA ILE A 342 1.00 -1.54 37.71
C ILE A 342 0.20 -2.18 38.83
N GLU A 343 -0.94 -2.79 38.48
CA GLU A 343 -1.78 -3.39 39.51
C GLU A 343 -1.08 -4.57 40.17
N GLY A 344 -1.06 -4.56 41.50
CA GLY A 344 -0.50 -5.64 42.29
C GLY A 344 0.99 -5.49 42.55
N MET A 345 1.58 -4.44 41.99
CA MET A 345 3.01 -4.21 42.12
C MET A 345 3.32 -2.92 42.87
N ASP A 346 3.59 -3.07 44.17
CA ASP A 346 3.75 -1.96 45.09
C ASP A 346 5.21 -1.49 45.12
N VAL A 347 5.46 -0.35 44.49
CA VAL A 347 6.82 0.19 44.38
C VAL A 347 7.03 1.40 45.28
N SER A 348 6.18 1.53 46.30
CA SER A 348 6.16 2.71 47.16
C SER A 348 7.37 2.83 48.07
N GLY A 349 8.17 1.76 48.14
CA GLY A 349 9.42 1.83 48.87
C GLY A 349 10.42 2.74 48.16
N TYR A 350 10.17 2.99 46.88
CA TYR A 350 11.04 3.85 46.09
C TYR A 350 10.48 5.27 46.09
N ARG A 351 11.37 6.27 46.06
CA ARG A 351 10.90 7.64 45.86
C ARG A 351 11.82 8.42 44.95
N ILE A 352 11.25 9.43 44.27
CA ILE A 352 11.98 10.30 43.37
C ILE A 352 12.18 11.62 44.09
N GLU A 353 13.43 12.04 44.24
CA GLU A 353 13.72 13.31 44.89
C GLU A 353 14.90 14.01 44.23
N ASN A 354 14.71 15.24 43.78
CA ASN A 354 15.80 16.05 43.25
C ASN A 354 16.63 15.32 42.21
N GLY A 355 15.96 14.71 41.25
CA GLY A 355 16.62 14.08 40.13
C GLY A 355 17.27 12.74 40.47
N GLU A 356 16.84 12.13 41.57
CA GLU A 356 17.37 10.84 41.98
C GLU A 356 16.27 9.90 42.43
N ILE A 357 16.42 8.62 42.13
CA ILE A 357 15.54 7.63 42.69
C ILE A 357 16.19 7.05 43.94
N HIS A 358 15.42 7.02 45.03
CA HIS A 358 15.89 6.44 46.27
C HIS A 358 15.43 4.99 46.37
N VAL A 359 16.40 4.09 46.33
CA VAL A 359 16.15 2.65 46.40
C VAL A 359 16.08 2.21 47.86
N PRO A 360 14.99 1.53 48.24
CA PRO A 360 14.78 1.08 49.61
C PRO A 360 15.80 -0.01 50.01
N ALA A 361 16.16 -0.09 51.28
CA ALA A 361 17.07 -1.15 51.75
C ALA A 361 16.34 -2.45 52.11
N THR A 362 15.09 -2.57 51.70
CA THR A 362 14.31 -3.76 51.96
C THR A 362 14.79 -4.93 51.10
N PRO A 363 14.42 -6.16 51.48
CA PRO A 363 15.04 -7.33 50.86
C PRO A 363 14.64 -7.53 49.40
N GLY A 364 15.51 -8.22 48.66
CA GLY A 364 15.28 -8.44 47.25
C GLY A 364 15.27 -7.13 46.49
N PHE A 365 14.33 -6.99 45.56
CA PHE A 365 14.23 -5.76 44.81
C PHE A 365 13.31 -4.73 45.50
N GLY A 366 12.84 -5.04 46.71
CA GLY A 366 12.06 -4.08 47.49
C GLY A 366 10.69 -3.75 46.92
N ILE A 367 10.24 -4.57 45.99
CA ILE A 367 8.90 -4.46 45.43
C ILE A 367 8.00 -5.47 46.14
N VAL A 368 6.87 -5.00 46.66
CA VAL A 368 5.95 -5.86 47.38
C VAL A 368 4.78 -6.21 46.46
N PHE A 369 4.76 -7.45 45.97
CA PHE A 369 3.67 -7.88 45.09
C PHE A 369 2.47 -8.35 45.89
N ASP A 370 1.30 -8.18 45.28
CA ASP A 370 0.04 -8.61 45.87
C ASP A 370 -0.15 -10.11 45.65
N ASP A 371 0.25 -10.88 46.65
CA ASP A 371 0.22 -12.35 46.54
C ASP A 371 -1.12 -12.87 45.97
N GLU A 372 -2.23 -12.46 46.59
CA GLU A 372 -3.56 -12.91 46.15
C GLU A 372 -3.88 -12.56 44.70
N LEU A 373 -3.62 -11.31 44.34
CA LEU A 373 -3.95 -10.88 43.00
C LEU A 373 -3.14 -11.68 42.00
N VAL A 374 -1.86 -11.87 42.29
CA VAL A 374 -1.00 -12.59 41.36
C VAL A 374 -1.45 -14.05 41.25
N THR A 375 -1.74 -14.69 42.39
CA THR A 375 -2.36 -16.01 42.37
C THR A 375 -3.63 -16.05 41.52
N TYR A 376 -4.51 -15.06 41.73
CA TYR A 376 -5.69 -14.95 40.90
C TYR A 376 -5.31 -14.87 39.42
N LEU A 377 -4.36 -14.01 39.09
CA LEU A 377 -3.99 -13.83 37.68
C LEU A 377 -3.26 -15.06 37.12
N ILE A 378 -2.48 -15.74 37.96
CA ILE A 378 -1.83 -17.00 37.57
C ILE A 378 -2.87 -18.03 37.12
N ASN A 379 -3.91 -18.22 37.95
CA ASN A 379 -4.94 -19.22 37.66
C ASN A 379 -5.76 -18.86 36.43
N ARG A 380 -6.13 -17.58 36.33
CA ARG A 380 -7.05 -17.12 35.32
C ARG A 380 -6.44 -17.09 33.92
N SER A 381 -5.22 -16.57 33.80
CA SER A 381 -4.62 -16.32 32.49
C SER A 381 -3.16 -16.77 32.39
N GLY A 382 -2.57 -17.15 33.52
CA GLY A 382 -1.18 -17.53 33.56
C GLY A 382 -0.99 -19.03 33.65
N TRP A 383 0.13 -19.47 34.21
CA TRP A 383 0.38 -20.90 34.38
C TRP A 383 1.24 -21.19 35.57
N SER A 384 1.23 -22.46 35.97
CA SER A 384 1.96 -22.96 37.12
C SER A 384 2.65 -24.29 36.78
N GLU A 385 3.85 -24.48 37.30
CA GLU A 385 4.55 -25.76 37.21
C GLU A 385 5.15 -26.04 38.57
N GLY A 386 5.01 -27.29 39.02
CA GLY A 386 5.53 -27.68 40.33
C GLY A 386 4.49 -27.62 41.44
N HIS A 387 4.96 -27.75 42.69
CA HIS A 387 4.10 -27.65 43.88
C HIS A 387 4.94 -27.70 45.15
N ILE B 8 33.03 -37.79 -6.81
CA ILE B 8 34.11 -37.49 -5.88
C ILE B 8 34.48 -38.74 -5.07
N GLN B 9 35.69 -39.24 -5.29
CA GLN B 9 36.18 -40.42 -4.58
C GLN B 9 36.57 -40.08 -3.15
N SER B 10 36.47 -41.06 -2.25
CA SER B 10 36.96 -40.90 -0.88
C SER B 10 38.47 -40.81 -0.95
N ASP B 11 39.01 -41.11 -2.13
CA ASP B 11 40.43 -41.03 -2.39
C ASP B 11 40.89 -39.57 -2.46
N TRP B 12 40.01 -38.70 -2.94
CA TRP B 12 40.36 -37.28 -3.14
C TRP B 12 40.44 -36.50 -1.83
N LYS B 13 41.57 -35.84 -1.61
CA LYS B 13 41.84 -35.17 -0.33
C LYS B 13 42.56 -33.83 -0.52
N VAL B 14 42.42 -32.96 0.46
CA VAL B 14 43.12 -31.67 0.46
C VAL B 14 44.61 -31.88 0.64
N GLU B 15 45.36 -31.66 -0.44
CA GLU B 15 46.79 -31.89 -0.43
C GLU B 15 47.59 -30.62 -0.10
N LYS B 16 47.18 -29.50 -0.70
CA LYS B 16 47.85 -28.22 -0.45
C LYS B 16 46.86 -27.06 -0.50
N ILE B 17 47.18 -26.01 0.25
CA ILE B 17 46.42 -24.77 0.23
C ILE B 17 47.43 -23.63 0.21
N GLU B 18 47.34 -22.78 -0.82
CA GLU B 18 48.22 -21.62 -0.96
C GLU B 18 47.39 -20.36 -1.05
N PHE B 19 47.98 -19.24 -0.63
CA PHE B 19 47.27 -17.98 -0.50
C PHE B 19 48.14 -16.86 -1.04
N ALA B 20 47.53 -15.99 -1.86
CA ALA B 20 48.21 -14.83 -2.39
C ALA B 20 47.23 -13.67 -2.50
N LYS B 21 47.73 -12.45 -2.35
CA LYS B 21 46.92 -11.28 -2.59
C LYS B 21 47.26 -10.70 -3.96
N LEU B 22 46.28 -10.66 -4.85
CA LEU B 22 46.47 -10.11 -6.19
C LEU B 22 46.07 -8.65 -6.24
N THR B 23 46.74 -7.88 -7.08
CA THR B 23 46.47 -6.45 -7.13
C THR B 23 46.19 -5.95 -8.54
N GLY B 24 45.41 -4.87 -8.62
CA GLY B 24 45.07 -4.23 -9.88
C GLY B 24 44.53 -2.82 -9.67
N GLU B 25 43.74 -2.35 -10.63
CA GLU B 25 43.08 -1.05 -10.54
C GLU B 25 41.72 -1.14 -11.21
N ARG B 26 40.77 -0.31 -10.76
CA ARG B 26 39.55 -0.14 -11.54
C ARG B 26 39.78 0.93 -12.62
N ALA B 27 39.00 0.87 -13.69
CA ALA B 27 39.24 1.74 -14.84
C ALA B 27 39.18 3.24 -14.52
N ARG B 28 38.33 3.62 -13.57
CA ARG B 28 38.25 5.01 -13.15
C ARG B 28 38.17 5.08 -11.63
N SER B 29 38.94 6.00 -11.04
CA SER B 29 38.94 6.19 -9.61
C SER B 29 37.53 6.52 -9.09
N ALA B 30 37.15 5.88 -8.00
CA ALA B 30 35.84 6.07 -7.38
C ALA B 30 35.89 7.09 -6.22
N GLY B 31 35.02 8.09 -6.27
CA GLY B 31 34.99 9.09 -5.22
C GLY B 31 34.29 8.64 -3.94
N ALA B 32 33.80 9.60 -3.18
CA ALA B 32 33.10 9.31 -1.92
C ALA B 32 31.71 8.71 -2.19
N ASN B 33 31.09 8.21 -1.13
CA ASN B 33 29.68 7.87 -1.17
C ASN B 33 28.95 8.57 -0.02
N GLY B 34 27.68 8.25 0.18
CA GLY B 34 26.91 8.92 1.21
C GLY B 34 27.56 8.97 2.58
N ARG B 35 28.24 7.88 2.97
CA ARG B 35 28.71 7.76 4.34
C ARG B 35 30.23 7.88 4.53
N ILE B 36 31.01 7.58 3.49
CA ILE B 36 32.48 7.62 3.60
C ILE B 36 33.21 8.29 2.44
N GLY B 37 34.53 8.40 2.56
CA GLY B 37 35.32 9.17 1.62
C GLY B 37 35.67 8.44 0.34
N VAL B 38 36.62 9.02 -0.40
CA VAL B 38 37.08 8.48 -1.68
C VAL B 38 37.45 7.00 -1.56
N HIS B 39 36.96 6.20 -2.49
CA HIS B 39 37.23 4.76 -2.52
C HIS B 39 38.48 4.43 -3.31
N GLY B 40 38.82 5.30 -4.26
CA GLY B 40 40.08 5.18 -4.97
C GLY B 40 40.04 4.34 -6.25
N LYS B 41 41.24 4.05 -6.75
CA LYS B 41 41.44 3.32 -8.00
C LYS B 41 42.05 1.93 -7.73
N SER B 42 42.83 1.84 -6.67
CA SER B 42 43.56 0.61 -6.38
C SER B 42 42.61 -0.52 -5.94
N CYS B 43 42.82 -1.72 -6.47
CA CYS B 43 41.97 -2.87 -6.14
C CYS B 43 42.82 -4.08 -5.82
N THR B 44 42.34 -4.93 -4.91
CA THR B 44 43.02 -6.19 -4.61
C THR B 44 42.02 -7.33 -4.46
N VAL B 45 42.49 -8.56 -4.69
CA VAL B 45 41.67 -9.74 -4.47
C VAL B 45 42.46 -10.80 -3.72
N ASP B 46 41.93 -11.26 -2.59
CA ASP B 46 42.55 -12.39 -1.90
C ASP B 46 42.15 -13.68 -2.58
N ILE B 47 43.13 -14.52 -2.88
CA ILE B 47 42.87 -15.78 -3.56
C ILE B 47 43.53 -16.98 -2.88
N ALA B 48 42.84 -18.10 -2.94
CA ALA B 48 43.43 -19.38 -2.53
C ALA B 48 43.54 -20.30 -3.73
N ARG B 49 44.65 -21.03 -3.80
CA ARG B 49 44.82 -22.12 -4.74
C ARG B 49 44.84 -23.41 -3.93
N ILE B 50 43.87 -24.28 -4.21
CA ILE B 50 43.77 -25.53 -3.49
C ILE B 50 44.18 -26.67 -4.41
N THR B 51 44.94 -27.61 -3.88
CA THR B 51 45.34 -28.74 -4.68
C THR B 51 44.70 -30.01 -4.16
N ILE B 52 43.88 -30.62 -5.01
CA ILE B 52 43.21 -31.87 -4.66
C ILE B 52 43.42 -32.87 -5.78
N ASP B 53 43.90 -34.06 -5.43
CA ASP B 53 44.19 -35.12 -6.40
C ASP B 53 45.07 -34.60 -7.54
N GLY B 54 46.15 -33.93 -7.18
CA GLY B 54 47.13 -33.47 -8.14
C GLY B 54 46.65 -32.45 -9.13
N GLN B 55 45.49 -31.85 -8.86
CA GLN B 55 44.95 -30.80 -9.73
C GLN B 55 44.50 -29.60 -8.91
N THR B 56 44.61 -28.40 -9.50
CA THR B 56 44.36 -27.17 -8.76
C THR B 56 43.03 -26.50 -9.08
N GLY B 57 42.52 -25.77 -8.09
CA GLY B 57 41.35 -24.93 -8.24
C GLY B 57 41.66 -23.54 -7.69
N TYR B 58 41.07 -22.51 -8.29
CA TYR B 58 41.34 -21.12 -7.91
C TYR B 58 40.07 -20.40 -7.45
N GLY B 59 40.21 -19.48 -6.50
CA GLY B 59 39.05 -18.68 -6.09
C GLY B 59 39.26 -17.70 -4.94
N SER B 60 38.32 -16.78 -4.79
CA SER B 60 38.30 -15.91 -3.62
C SER B 60 38.46 -16.73 -2.34
N SER B 61 39.21 -16.19 -1.39
CA SER B 61 39.34 -16.77 -0.06
C SER B 61 39.51 -15.66 0.98
N ILE B 62 38.68 -15.70 2.01
CA ILE B 62 38.77 -14.78 3.14
C ILE B 62 38.66 -15.52 4.47
N HIS B 63 39.12 -14.88 5.54
CA HIS B 63 39.09 -15.49 6.87
C HIS B 63 39.86 -16.79 6.91
N MET B 64 40.99 -16.85 6.22
CA MET B 64 41.81 -18.05 6.28
C MET B 64 43.22 -17.70 6.70
N THR B 65 43.67 -18.33 7.79
CA THR B 65 45.05 -18.18 8.25
C THR B 65 45.88 -19.41 7.89
N PRO B 66 47.21 -19.27 7.89
CA PRO B 66 48.06 -20.44 7.69
C PRO B 66 47.63 -21.54 8.66
N GLU B 67 47.50 -21.19 9.94
CA GLU B 67 47.16 -22.16 10.99
C GLU B 67 45.81 -22.85 10.79
N TRP B 68 44.89 -22.17 10.08
CA TRP B 68 43.59 -22.74 9.78
C TRP B 68 43.68 -23.77 8.66
N ALA B 69 44.42 -23.45 7.62
CA ALA B 69 44.58 -24.36 6.49
C ALA B 69 45.42 -25.54 6.93
N GLU B 70 46.29 -25.29 7.90
CA GLU B 70 47.16 -26.32 8.45
C GLU B 70 46.31 -27.51 8.90
N ASP B 71 45.24 -27.22 9.62
CA ASP B 71 44.36 -28.27 10.18
C ASP B 71 43.51 -28.97 9.13
N VAL B 72 43.40 -28.38 7.94
CA VAL B 72 42.52 -28.90 6.90
C VAL B 72 43.24 -29.82 5.92
N ILE B 73 44.56 -29.69 5.83
CA ILE B 73 45.34 -30.56 4.96
C ILE B 73 45.14 -32.02 5.38
N GLY B 74 44.88 -32.88 4.39
CA GLY B 74 44.68 -34.30 4.67
C GLY B 74 43.22 -34.72 4.65
N ARG B 75 42.32 -33.82 5.06
CA ARG B 75 40.90 -34.13 5.02
C ARG B 75 40.45 -34.48 3.62
N ARG B 76 39.39 -35.30 3.53
CA ARG B 76 38.81 -35.72 2.26
C ARG B 76 37.85 -34.66 1.73
N LEU B 77 37.79 -34.51 0.41
CA LEU B 77 36.85 -33.56 -0.21
C LEU B 77 35.41 -33.85 0.23
N LEU B 78 35.03 -35.13 0.19
CA LEU B 78 33.68 -35.54 0.57
C LEU B 78 33.29 -35.04 1.95
N ASP B 79 34.25 -34.96 2.85
CA ASP B 79 34.00 -34.56 4.23
C ASP B 79 33.70 -33.06 4.36
N LEU B 80 33.92 -32.32 3.28
CA LEU B 80 33.66 -30.89 3.28
C LEU B 80 32.23 -30.60 2.87
N PHE B 81 31.50 -31.65 2.51
CA PHE B 81 30.13 -31.48 2.04
C PHE B 81 29.11 -32.03 3.01
N ASP B 82 27.87 -31.63 2.79
CA ASP B 82 26.77 -32.02 3.67
C ASP B 82 26.32 -33.43 3.39
N ASP B 83 25.50 -33.96 4.30
CA ASP B 83 24.76 -35.17 4.06
C ASP B 83 23.59 -34.75 3.19
N ARG B 84 23.70 -33.53 2.65
CA ARG B 84 22.68 -32.94 1.79
C ARG B 84 23.33 -32.39 0.52
N GLY B 85 24.64 -32.23 0.54
CA GLY B 85 25.37 -31.79 -0.64
C GLY B 85 25.77 -30.33 -0.62
N ARG B 86 25.82 -29.73 0.56
CA ARG B 86 26.22 -28.33 0.69
C ARG B 86 27.54 -28.19 1.45
N LEU B 87 28.52 -27.52 0.85
CA LEU B 87 29.78 -27.26 1.53
C LEU B 87 29.50 -26.68 2.92
N ARG B 88 30.03 -27.34 3.95
CA ARG B 88 29.73 -26.99 5.34
C ARG B 88 30.16 -25.58 5.73
N GLU B 89 29.29 -24.91 6.48
CA GLU B 89 29.54 -23.54 6.90
C GLU B 89 30.99 -23.28 7.28
N ALA B 90 31.64 -24.27 7.89
CA ALA B 90 33.01 -24.11 8.37
C ALA B 90 34.06 -23.85 7.26
N TYR B 91 33.72 -24.20 6.02
CA TYR B 91 34.68 -24.11 4.93
C TYR B 91 34.36 -23.06 3.87
N ARG B 92 33.15 -22.51 3.91
CA ARG B 92 32.64 -21.66 2.83
C ARG B 92 33.48 -20.43 2.51
N LEU B 93 33.66 -19.55 3.49
CA LEU B 93 34.36 -18.29 3.26
C LEU B 93 35.83 -18.51 2.86
N GLN B 94 36.40 -19.61 3.34
CA GLN B 94 37.83 -19.88 3.08
C GLN B 94 38.06 -20.59 1.75
N LEU B 95 37.15 -21.49 1.38
CA LEU B 95 37.45 -22.45 0.33
C LEU B 95 36.34 -22.71 -0.69
N GLU B 96 35.14 -22.17 -0.50
CA GLU B 96 34.05 -22.49 -1.42
C GLU B 96 34.37 -22.15 -2.87
N TYR B 97 35.07 -21.05 -3.11
CA TYR B 97 35.42 -20.71 -4.48
C TYR B 97 36.57 -21.56 -5.04
N PRO B 98 37.67 -21.72 -4.28
CA PRO B 98 38.69 -22.64 -4.80
C PRO B 98 38.15 -24.04 -5.02
N VAL B 99 37.20 -24.47 -4.18
CA VAL B 99 36.67 -25.82 -4.27
C VAL B 99 35.71 -26.00 -5.45
N LEU B 100 34.79 -25.06 -5.62
CA LEU B 100 33.87 -25.11 -6.75
C LEU B 100 34.59 -24.97 -8.09
N ASP B 101 35.65 -24.17 -8.12
CA ASP B 101 36.46 -24.05 -9.33
C ASP B 101 37.17 -25.37 -9.61
N TRP B 102 37.63 -26.03 -8.56
CA TRP B 102 38.29 -27.33 -8.73
C TRP B 102 37.32 -28.35 -9.33
N LEU B 103 36.15 -28.49 -8.72
CA LEU B 103 35.10 -29.39 -9.24
C LEU B 103 34.80 -29.21 -10.73
N GLY B 104 34.69 -27.96 -11.18
CA GLY B 104 34.37 -27.67 -12.57
C GLY B 104 35.52 -27.92 -13.53
N GLN B 105 36.75 -27.80 -13.05
CA GLN B 105 37.91 -28.11 -13.87
C GLN B 105 37.95 -29.63 -14.05
N ARG B 106 37.92 -30.34 -12.94
CA ARG B 106 37.95 -31.81 -12.92
C ARG B 106 36.80 -32.44 -13.70
N GLN B 107 35.67 -31.74 -13.78
CA GLN B 107 34.49 -32.27 -14.48
C GLN B 107 34.24 -31.63 -15.84
N GLY B 108 35.13 -30.73 -16.26
CA GLY B 108 34.96 -30.03 -17.51
C GLY B 108 33.71 -29.17 -17.60
N LYS B 109 33.15 -28.79 -16.45
CA LYS B 109 31.91 -28.01 -16.43
C LYS B 109 32.13 -26.61 -15.86
N PRO B 110 31.41 -25.62 -16.41
CA PRO B 110 31.33 -24.35 -15.72
C PRO B 110 30.53 -24.54 -14.44
N VAL B 111 30.78 -23.71 -13.44
CA VAL B 111 30.09 -23.86 -12.16
C VAL B 111 28.59 -23.62 -12.31
N TYR B 112 28.19 -22.72 -13.20
CA TYR B 112 26.75 -22.48 -13.39
C TYR B 112 26.02 -23.75 -13.77
N ASP B 113 26.72 -24.67 -14.42
CA ASP B 113 26.17 -25.99 -14.71
C ASP B 113 26.03 -26.83 -13.44
N LEU B 114 27.13 -27.00 -12.73
CA LEU B 114 27.14 -27.80 -11.51
C LEU B 114 26.03 -27.43 -10.54
N VAL B 115 25.56 -26.19 -10.62
CA VAL B 115 24.60 -25.69 -9.63
C VAL B 115 23.19 -25.50 -10.17
N SER B 116 23.05 -25.35 -11.49
CA SER B 116 21.76 -25.07 -12.10
C SER B 116 20.74 -26.20 -11.97
N SER B 125 23.69 -20.98 -23.49
CA SER B 125 24.68 -19.97 -23.12
C SER B 125 24.16 -19.05 -22.02
N LEU B 126 25.04 -18.71 -21.07
CA LEU B 126 24.63 -17.88 -19.93
C LEU B 126 24.87 -16.40 -20.16
N VAL B 127 23.78 -15.64 -20.22
CA VAL B 127 23.84 -14.20 -20.38
C VAL B 127 23.03 -13.57 -19.25
N VAL B 128 23.64 -12.61 -18.55
CA VAL B 128 23.08 -12.10 -17.31
C VAL B 128 23.06 -10.58 -17.30
N PRO B 129 21.94 -9.99 -16.87
CA PRO B 129 21.86 -8.54 -16.78
C PRO B 129 22.89 -7.99 -15.79
N CYS B 130 23.46 -6.84 -16.11
CA CYS B 130 24.44 -6.22 -15.24
C CYS B 130 24.24 -4.70 -15.24
N TYR B 131 24.64 -4.05 -14.16
CA TYR B 131 24.59 -2.59 -14.09
C TYR B 131 25.94 -2.00 -13.73
N ASP B 132 26.19 -0.81 -14.25
CA ASP B 132 27.42 -0.07 -13.97
C ASP B 132 27.28 0.60 -12.61
N THR B 133 28.05 0.12 -11.64
CA THR B 133 27.93 0.59 -10.25
C THR B 133 28.93 1.70 -9.90
N SER B 134 29.65 2.21 -10.89
CA SER B 134 30.81 3.06 -10.64
C SER B 134 30.51 4.56 -10.46
N LEU B 135 29.25 4.95 -10.41
CA LEU B 135 28.91 6.39 -10.42
C LEU B 135 28.86 7.04 -9.04
N TYR B 136 30.04 7.36 -8.51
CA TYR B 136 30.19 7.82 -7.13
C TYR B 136 30.09 9.34 -7.05
N PHE B 137 30.35 9.90 -5.89
CA PHE B 137 30.35 11.35 -5.71
C PHE B 137 31.60 11.90 -6.37
N ASP B 138 31.63 11.90 -7.69
CA ASP B 138 32.83 12.29 -8.41
C ASP B 138 32.83 13.79 -8.72
N ASP B 139 31.76 14.45 -8.29
CA ASP B 139 31.50 15.86 -8.58
C ASP B 139 31.73 16.79 -7.40
N LEU B 140 32.33 16.30 -6.31
CA LEU B 140 32.35 17.10 -5.07
C LEU B 140 33.30 18.29 -5.10
N HIS B 141 34.12 18.39 -6.13
CA HIS B 141 35.03 19.51 -6.28
C HIS B 141 34.37 20.65 -7.05
N LEU B 142 33.21 20.38 -7.66
CA LEU B 142 32.52 21.34 -8.53
C LEU B 142 31.37 22.08 -7.83
N ALA B 143 31.40 23.41 -7.87
CA ALA B 143 30.36 24.20 -7.24
C ALA B 143 29.16 24.36 -8.19
N ASP B 144 29.45 24.33 -9.48
CA ASP B 144 28.46 24.54 -10.54
C ASP B 144 27.68 23.26 -10.79
N GLU B 145 26.38 23.27 -10.47
CA GLU B 145 25.52 22.08 -10.59
C GLU B 145 25.46 21.56 -12.01
N ARG B 146 25.56 22.45 -12.98
CA ARG B 146 25.57 22.04 -14.38
C ARG B 146 26.82 21.23 -14.70
N ALA B 147 27.99 21.78 -14.36
CA ALA B 147 29.24 21.07 -14.59
C ALA B 147 29.23 19.69 -13.90
N ALA B 148 28.58 19.61 -12.74
CA ALA B 148 28.52 18.36 -12.00
C ALA B 148 27.74 17.36 -12.81
N VAL B 149 26.66 17.82 -13.44
CA VAL B 149 25.85 16.92 -14.24
C VAL B 149 26.63 16.44 -15.47
N ALA B 150 27.38 17.35 -16.10
CA ALA B 150 28.14 17.01 -17.29
C ALA B 150 29.27 16.03 -16.97
N LEU B 151 29.89 16.22 -15.82
CA LEU B 151 30.90 15.29 -15.34
C LEU B 151 30.32 13.89 -15.14
N MET B 152 29.21 13.81 -14.42
CA MET B 152 28.62 12.51 -14.09
C MET B 152 27.98 11.85 -15.31
N GLN B 153 27.46 12.66 -16.23
CA GLN B 153 26.94 12.13 -17.49
C GLN B 153 28.06 11.47 -18.30
N GLU B 154 29.21 12.13 -18.35
CA GLU B 154 30.33 11.65 -19.12
C GLU B 154 30.92 10.38 -18.51
N GLU B 155 30.70 10.20 -17.21
CA GLU B 155 31.13 8.97 -16.55
C GLU B 155 30.21 7.83 -16.95
N ALA B 156 28.90 8.09 -16.98
CA ALA B 156 27.94 7.08 -17.41
C ALA B 156 28.28 6.66 -18.84
N MET B 157 28.58 7.64 -19.68
CA MET B 157 28.96 7.41 -21.07
C MET B 157 30.11 6.44 -21.22
N GLN B 158 31.16 6.65 -20.43
CA GLN B 158 32.29 5.73 -20.45
C GLN B 158 31.75 4.31 -20.28
N GLY B 159 30.80 4.15 -19.38
CA GLY B 159 30.22 2.85 -19.10
C GLY B 159 29.34 2.36 -20.23
N TYR B 160 28.60 3.28 -20.83
CA TYR B 160 27.74 2.97 -21.96
C TYR B 160 28.60 2.43 -23.11
N ALA B 161 29.69 3.12 -23.40
CA ALA B 161 30.58 2.74 -24.49
C ALA B 161 31.18 1.34 -24.30
N LYS B 162 31.29 0.91 -23.06
CA LYS B 162 31.80 -0.43 -22.77
C LYS B 162 30.68 -1.46 -22.71
N GLY B 163 29.46 -1.01 -23.02
CA GLY B 163 28.34 -1.94 -23.12
C GLY B 163 27.38 -1.93 -21.95
N GLN B 164 27.54 -0.98 -21.03
CA GLN B 164 26.61 -0.87 -19.91
C GLN B 164 25.36 -0.12 -20.37
N ARG B 165 24.20 -0.55 -19.88
CA ARG B 165 22.92 0.07 -20.24
C ARG B 165 22.14 0.46 -19.00
N HIS B 166 22.53 -0.09 -17.86
CA HIS B 166 21.85 0.18 -16.61
C HIS B 166 22.85 0.72 -15.59
N PHE B 167 22.45 1.72 -14.83
CA PHE B 167 23.39 2.45 -13.97
C PHE B 167 22.88 2.60 -12.54
N LYS B 168 23.76 2.36 -11.57
CA LYS B 168 23.45 2.72 -10.20
C LYS B 168 24.22 3.98 -9.80
N ILE B 169 23.48 4.96 -9.32
CA ILE B 169 24.03 6.26 -8.99
C ILE B 169 24.08 6.43 -7.49
N LYS B 170 25.23 6.82 -6.96
CA LYS B 170 25.32 7.13 -5.54
C LYS B 170 24.65 8.46 -5.25
N VAL B 171 23.79 8.47 -4.23
CA VAL B 171 23.18 9.70 -3.75
C VAL B 171 23.39 9.81 -2.23
N GLY B 172 22.91 10.89 -1.63
CA GLY B 172 23.16 11.14 -0.23
C GLY B 172 24.24 12.17 0.01
N ARG B 173 24.52 13.00 -0.99
CA ARG B 173 25.55 14.04 -0.85
C ARG B 173 25.34 14.91 0.38
N GLY B 174 24.08 15.20 0.69
CA GLY B 174 23.74 16.07 1.80
C GLY B 174 23.84 15.45 3.19
N GLY B 175 23.95 14.13 3.25
CA GLY B 175 24.08 13.45 4.52
C GLY B 175 25.35 13.78 5.28
N ARG B 176 26.48 13.88 4.58
CA ARG B 176 27.75 14.11 5.25
C ARG B 176 28.66 15.08 4.50
N HIS B 177 28.74 14.92 3.18
CA HIS B 177 29.83 15.54 2.43
C HIS B 177 29.50 16.93 1.90
N MET B 178 28.22 17.25 1.81
CA MET B 178 27.74 18.56 1.36
C MET B 178 26.67 19.03 2.33
N PRO B 179 26.38 20.33 2.32
CA PRO B 179 25.21 20.83 3.04
C PRO B 179 23.94 20.05 2.68
N LEU B 180 23.07 19.87 3.67
CA LEU B 180 21.96 18.93 3.54
C LEU B 180 21.08 19.21 2.33
N TRP B 181 20.60 20.43 2.21
CA TRP B 181 19.62 20.69 1.16
C TRP B 181 20.30 20.88 -0.19
N GLU B 182 21.42 21.60 -0.21
CA GLU B 182 22.21 21.73 -1.44
C GLU B 182 22.65 20.35 -1.99
N GLY B 183 23.06 19.45 -1.11
CA GLY B 183 23.47 18.12 -1.51
C GLY B 183 22.33 17.34 -2.16
N THR B 184 21.15 17.49 -1.60
CA THR B 184 19.99 16.74 -2.05
C THR B 184 19.51 17.26 -3.41
N LYS B 185 19.56 18.57 -3.59
CA LYS B 185 19.30 19.17 -4.90
C LYS B 185 20.29 18.64 -5.94
N ARG B 186 21.56 18.55 -5.54
CA ARG B 186 22.63 18.02 -6.39
C ARG B 186 22.34 16.55 -6.71
N ASP B 187 22.03 15.74 -5.70
CA ASP B 187 21.59 14.36 -5.96
C ASP B 187 20.56 14.34 -7.09
N ILE B 188 19.46 15.05 -6.88
CA ILE B 188 18.34 15.01 -7.81
C ILE B 188 18.79 15.38 -9.22
N ALA B 189 19.62 16.41 -9.33
CA ALA B 189 20.14 16.87 -10.62
C ALA B 189 21.02 15.82 -11.30
N ILE B 190 21.82 15.12 -10.51
CA ILE B 190 22.69 14.08 -11.05
C ILE B 190 21.87 12.91 -11.59
N VAL B 191 20.82 12.51 -10.88
CA VAL B 191 20.04 11.36 -11.31
C VAL B 191 19.30 11.61 -12.62
N ARG B 192 18.65 12.78 -12.73
CA ARG B 192 17.97 13.15 -13.96
C ARG B 192 18.94 13.20 -15.12
N GLY B 193 20.06 13.87 -14.89
CA GLY B 193 21.07 14.06 -15.91
C GLY B 193 21.66 12.76 -16.41
N ILE B 194 21.61 11.73 -15.58
CA ILE B 194 22.13 10.42 -15.97
C ILE B 194 21.02 9.63 -16.64
N SER B 195 19.78 9.92 -16.26
CA SER B 195 18.62 9.27 -16.87
C SER B 195 18.54 9.58 -18.37
N GLU B 196 18.98 10.77 -18.76
CA GLU B 196 18.93 11.19 -20.16
C GLU B 196 20.08 10.60 -20.98
N VAL B 197 21.12 10.13 -20.30
CA VAL B 197 22.21 9.44 -20.98
C VAL B 197 21.82 7.98 -21.17
N ALA B 198 21.13 7.43 -20.19
CA ALA B 198 20.77 6.03 -20.20
C ALA B 198 19.67 5.72 -21.21
N GLY B 199 18.82 6.70 -21.50
CA GLY B 199 17.66 6.48 -22.35
C GLY B 199 16.53 5.74 -21.64
N PRO B 200 15.32 5.81 -22.19
CA PRO B 200 14.11 5.22 -21.57
C PRO B 200 14.24 3.74 -21.27
N ALA B 201 15.14 3.04 -21.97
CA ALA B 201 15.31 1.60 -21.78
C ALA B 201 16.32 1.29 -20.68
N GLY B 202 17.20 2.24 -20.37
CA GLY B 202 18.18 2.06 -19.32
C GLY B 202 17.57 2.10 -17.93
N LYS B 203 17.81 1.04 -17.15
CA LYS B 203 17.37 0.99 -15.75
C LYS B 203 18.29 1.82 -14.83
N ILE B 204 17.65 2.60 -13.97
CA ILE B 204 18.37 3.53 -13.11
C ILE B 204 18.14 3.21 -11.64
N MET B 205 19.20 2.81 -10.95
CA MET B 205 19.12 2.60 -9.52
C MET B 205 19.83 3.72 -8.77
N ILE B 206 19.39 3.97 -7.54
CA ILE B 206 20.03 4.95 -6.68
C ILE B 206 20.31 4.32 -5.33
N ASP B 207 21.45 4.70 -4.75
CA ASP B 207 21.94 4.12 -3.50
C ASP B 207 22.40 5.27 -2.59
N ALA B 208 21.74 5.43 -1.45
CA ALA B 208 22.02 6.53 -0.53
C ALA B 208 23.07 6.19 0.51
N ASN B 209 23.44 4.91 0.58
CA ASN B 209 24.30 4.43 1.65
C ASN B 209 23.84 4.96 3.00
N ASN B 210 22.53 4.85 3.21
CA ASN B 210 21.86 5.21 4.47
C ASN B 210 21.88 6.70 4.83
N ALA B 211 22.30 7.55 3.90
CA ALA B 211 22.44 8.97 4.22
C ALA B 211 21.11 9.75 4.33
N TYR B 212 19.96 9.12 4.04
CA TYR B 212 18.68 9.84 4.10
C TYR B 212 17.91 9.47 5.37
N ASN B 213 16.76 10.12 5.55
CA ASN B 213 15.71 9.62 6.44
C ASN B 213 14.45 9.49 5.60
N LEU B 214 13.35 9.05 6.22
CA LEU B 214 12.13 8.80 5.45
C LEU B 214 11.62 10.00 4.63
N ASN B 215 11.53 11.16 5.25
CA ASN B 215 11.00 12.33 4.54
C ASN B 215 11.94 12.90 3.48
N LEU B 216 13.24 12.81 3.73
CA LEU B 216 14.22 13.23 2.73
C LEU B 216 14.10 12.29 1.54
N THR B 217 13.96 10.99 1.81
CA THR B 217 13.71 10.00 0.76
C THR B 217 12.48 10.37 -0.09
N LYS B 218 11.36 10.59 0.58
CA LYS B 218 10.12 10.93 -0.09
C LYS B 218 10.26 12.17 -0.99
N GLU B 219 11.02 13.15 -0.52
CA GLU B 219 11.23 14.38 -1.26
C GLU B 219 12.01 14.10 -2.52
N VAL B 220 13.02 13.24 -2.41
CA VAL B 220 13.86 12.89 -3.54
C VAL B 220 13.08 12.08 -4.57
N LEU B 221 12.35 11.08 -4.09
CA LEU B 221 11.54 10.23 -4.95
C LEU B 221 10.48 11.03 -5.70
N ALA B 222 9.88 12.00 -5.01
CA ALA B 222 8.88 12.85 -5.62
C ALA B 222 9.50 13.74 -6.70
N ALA B 223 10.72 14.21 -6.46
CA ALA B 223 11.40 15.05 -7.43
C ALA B 223 11.81 14.26 -8.66
N LEU B 224 11.81 12.94 -8.55
CA LEU B 224 12.25 12.09 -9.65
C LEU B 224 11.12 11.24 -10.23
N SER B 225 9.89 11.76 -10.16
CA SER B 225 8.73 11.08 -10.72
C SER B 225 8.91 10.77 -12.20
N ASP B 226 9.54 11.70 -12.92
CA ASP B 226 9.82 11.54 -14.34
C ASP B 226 10.72 10.34 -14.61
N VAL B 227 11.86 10.33 -13.93
CA VAL B 227 12.91 9.34 -14.18
C VAL B 227 12.41 7.91 -14.02
N ASN B 228 13.05 7.01 -14.76
CA ASN B 228 12.75 5.57 -14.69
C ASN B 228 13.52 4.91 -13.55
N LEU B 229 13.05 5.14 -12.32
CA LEU B 229 13.71 4.63 -11.11
C LEU B 229 13.42 3.17 -10.90
N TYR B 230 14.44 2.33 -11.06
CA TYR B 230 14.25 0.89 -10.94
C TYR B 230 14.23 0.43 -9.47
N TRP B 231 15.22 0.83 -8.67
CA TRP B 231 15.13 0.57 -7.23
C TRP B 231 15.82 1.62 -6.36
N LEU B 232 15.46 1.60 -5.08
CA LEU B 232 16.04 2.49 -4.10
C LEU B 232 16.79 1.66 -3.08
N GLU B 233 18.10 1.88 -3.01
CA GLU B 233 18.97 1.04 -2.22
C GLU B 233 19.42 1.79 -0.97
N GLU B 234 19.20 1.19 0.19
CA GLU B 234 19.64 1.76 1.46
C GLU B 234 19.37 3.26 1.62
N ALA B 235 18.10 3.64 1.56
CA ALA B 235 17.75 5.03 1.79
C ALA B 235 18.19 5.40 3.20
N PHE B 236 18.02 4.46 4.12
CA PHE B 236 18.32 4.64 5.53
C PHE B 236 18.44 3.24 6.09
N HIS B 237 18.98 3.09 7.30
CA HIS B 237 19.14 1.73 7.81
C HIS B 237 17.79 1.04 7.84
N GLU B 238 17.74 -0.21 7.38
CA GLU B 238 16.48 -0.92 7.25
C GLU B 238 15.65 -0.88 8.53
N ASP B 239 14.37 -0.56 8.37
CA ASP B 239 13.45 -0.40 9.48
C ASP B 239 12.07 -0.77 8.93
N GLU B 240 11.43 -1.76 9.53
CA GLU B 240 10.19 -2.27 8.98
C GLU B 240 9.12 -1.21 8.95
N ALA B 241 9.01 -0.44 10.03
CA ALA B 241 7.97 0.57 10.13
C ALA B 241 8.18 1.61 9.05
N LEU B 242 9.42 2.01 8.84
CA LEU B 242 9.73 3.04 7.86
C LEU B 242 9.51 2.53 6.44
N TYR B 243 9.93 1.31 6.16
CA TYR B 243 9.74 0.74 4.83
C TYR B 243 8.26 0.42 4.54
N GLU B 244 7.51 0.01 5.56
CA GLU B 244 6.07 -0.18 5.37
C GLU B 244 5.40 1.13 4.90
N ASP B 245 5.70 2.20 5.63
CA ASP B 245 5.21 3.53 5.29
C ASP B 245 5.65 3.89 3.88
N LEU B 246 6.94 3.73 3.58
CA LEU B 246 7.45 4.10 2.26
C LEU B 246 6.79 3.31 1.11
N LYS B 247 6.58 2.02 1.31
CA LYS B 247 5.94 1.18 0.29
C LYS B 247 4.51 1.64 0.02
N GLU B 248 3.81 1.98 1.09
CA GLU B 248 2.44 2.45 0.99
C GLU B 248 2.39 3.78 0.23
N TRP B 249 3.34 4.66 0.53
CA TRP B 249 3.41 5.99 -0.05
C TRP B 249 3.69 5.93 -1.54
N LEU B 250 4.58 5.01 -1.93
CA LEU B 250 4.90 4.78 -3.33
C LEU B 250 3.68 4.25 -4.11
N GLY B 251 2.95 3.33 -3.50
CA GLY B 251 1.80 2.74 -4.15
C GLY B 251 0.73 3.78 -4.40
N GLN B 252 0.41 4.54 -3.36
CA GLN B 252 -0.62 5.56 -3.46
C GLN B 252 -0.33 6.54 -4.60
N ARG B 253 0.96 6.79 -4.85
CA ARG B 253 1.37 7.70 -5.92
C ARG B 253 1.49 6.97 -7.26
N GLY B 254 1.31 5.67 -7.25
CA GLY B 254 1.51 4.88 -8.45
C GLY B 254 2.95 4.89 -8.92
N GLN B 255 3.87 5.10 -7.98
CA GLN B 255 5.29 5.14 -8.31
C GLN B 255 5.94 3.79 -8.06
N ASN B 256 6.29 3.11 -9.15
CA ASN B 256 6.89 1.78 -9.04
C ASN B 256 8.40 1.89 -8.89
N VAL B 257 8.84 1.77 -7.65
CA VAL B 257 10.26 1.75 -7.34
C VAL B 257 10.50 0.63 -6.34
N LEU B 258 11.40 -0.27 -6.68
CA LEU B 258 11.70 -1.40 -5.80
C LEU B 258 12.52 -0.93 -4.60
N ILE B 259 12.30 -1.56 -3.45
CA ILE B 259 13.12 -1.29 -2.26
C ILE B 259 14.24 -2.31 -2.13
N ALA B 260 15.49 -1.84 -2.20
CA ALA B 260 16.65 -2.74 -2.13
C ALA B 260 17.49 -2.51 -0.87
N ASP B 261 17.83 -3.62 -0.18
CA ASP B 261 18.64 -3.54 1.03
C ASP B 261 19.40 -4.85 1.29
N GLY B 262 20.31 -4.83 2.27
CA GLY B 262 20.91 -6.05 2.77
C GLY B 262 22.42 -6.16 2.97
N GLU B 263 23.20 -5.26 2.37
CA GLU B 263 24.66 -5.33 2.51
C GLU B 263 25.11 -4.94 3.92
N GLY B 264 26.39 -5.11 4.21
CA GLY B 264 26.93 -4.72 5.49
C GLY B 264 26.34 -5.46 6.69
N LEU B 265 26.38 -4.82 7.85
CA LEU B 265 25.80 -5.39 9.06
C LEU B 265 24.29 -5.20 9.02
N ALA B 266 23.61 -6.06 8.28
CA ALA B 266 22.16 -5.96 8.05
C ALA B 266 21.34 -6.34 9.27
N SER B 267 20.13 -5.83 9.36
CA SER B 267 19.22 -6.23 10.44
C SER B 267 19.00 -7.74 10.43
N PRO B 268 19.05 -8.39 11.60
CA PRO B 268 18.85 -9.84 11.71
C PRO B 268 17.46 -10.26 11.22
N HIS B 269 16.56 -9.31 11.09
CA HIS B 269 15.20 -9.61 10.71
C HIS B 269 14.89 -9.12 9.30
N LEU B 270 15.92 -8.71 8.55
CA LEU B 270 15.67 -8.15 7.23
C LEU B 270 14.81 -9.05 6.35
N ILE B 271 15.11 -10.35 6.31
CA ILE B 271 14.39 -11.25 5.41
C ILE B 271 12.91 -11.39 5.78
N GLU B 272 12.63 -11.53 7.08
CA GLU B 272 11.26 -11.55 7.58
C GLU B 272 10.47 -10.33 7.10
N TRP B 273 11.07 -9.16 7.31
CA TRP B 273 10.46 -7.91 6.86
C TRP B 273 10.14 -7.99 5.37
N ALA B 274 11.07 -8.56 4.59
CA ALA B 274 10.89 -8.70 3.15
C ALA B 274 9.72 -9.64 2.83
N THR B 275 9.62 -10.73 3.58
CA THR B 275 8.55 -11.70 3.38
C THR B 275 7.19 -11.06 3.65
N ARG B 276 7.20 -9.95 4.39
CA ARG B 276 5.96 -9.24 4.68
C ARG B 276 5.78 -8.04 3.75
N GLY B 277 6.58 -7.99 2.68
CA GLY B 277 6.39 -7.01 1.63
C GLY B 277 7.08 -5.66 1.82
N ARG B 278 7.90 -5.53 2.86
CA ARG B 278 8.58 -4.26 3.13
C ARG B 278 9.84 -4.04 2.29
N VAL B 279 10.54 -5.13 1.95
CA VAL B 279 11.70 -5.05 1.07
C VAL B 279 11.58 -6.03 -0.08
N ASP B 280 11.98 -5.60 -1.26
CA ASP B 280 11.79 -6.37 -2.48
C ASP B 280 13.07 -7.05 -2.95
N VAL B 281 14.20 -6.35 -2.78
CA VAL B 281 15.49 -6.83 -3.27
C VAL B 281 16.47 -7.02 -2.12
N LEU B 282 17.00 -8.24 -1.99
CA LEU B 282 17.97 -8.56 -0.94
C LEU B 282 19.38 -8.55 -1.52
N GLN B 283 20.32 -7.98 -0.77
CA GLN B 283 21.63 -7.69 -1.34
C GLN B 283 22.84 -8.10 -0.48
N TYR B 284 22.72 -9.21 0.23
CA TYR B 284 23.84 -9.79 0.94
C TYR B 284 25.03 -9.94 -0.02
N ASP B 285 26.23 -9.69 0.48
CA ASP B 285 27.45 -9.68 -0.34
C ASP B 285 27.79 -11.08 -0.86
N ILE B 286 28.38 -11.10 -2.06
CA ILE B 286 28.65 -12.31 -2.83
C ILE B 286 29.82 -13.11 -2.29
N ILE B 287 30.65 -12.48 -1.45
CA ILE B 287 31.83 -13.11 -0.86
C ILE B 287 31.50 -13.48 0.60
N TRP B 288 30.83 -12.57 1.29
CA TRP B 288 30.35 -12.81 2.65
C TRP B 288 28.93 -12.28 2.74
N PRO B 289 27.95 -13.18 2.96
CA PRO B 289 28.07 -14.59 3.32
C PRO B 289 28.49 -15.54 2.19
N GLY B 290 28.42 -15.13 0.93
CA GLY B 290 29.01 -15.92 -0.14
C GLY B 290 28.12 -16.83 -0.97
N PHE B 291 28.77 -17.61 -1.82
CA PHE B 291 28.13 -18.38 -2.89
C PHE B 291 27.23 -19.52 -2.42
N THR B 292 27.75 -20.36 -1.52
CA THR B 292 26.95 -21.47 -0.99
C THR B 292 25.73 -20.92 -0.26
N HIS B 293 25.96 -19.92 0.58
CA HIS B 293 24.88 -19.25 1.31
C HIS B 293 23.82 -18.72 0.34
N TRP B 294 24.29 -18.09 -0.73
CA TRP B 294 23.39 -17.43 -1.67
C TRP B 294 22.51 -18.41 -2.44
N MET B 295 23.04 -19.60 -2.74
CA MET B 295 22.22 -20.62 -3.40
C MET B 295 21.08 -21.05 -2.50
N GLU B 296 21.37 -21.33 -1.24
CA GLU B 296 20.35 -21.65 -0.25
C GLU B 296 19.38 -20.48 -0.05
N LEU B 297 19.91 -19.26 -0.05
CA LEU B 297 19.08 -18.08 0.16
C LEU B 297 18.18 -17.84 -1.06
N GLY B 298 18.78 -17.92 -2.24
CA GLY B 298 18.06 -17.66 -3.49
C GLY B 298 16.84 -18.56 -3.64
N GLU B 299 16.92 -19.75 -3.07
CA GLU B 299 15.80 -20.68 -3.09
C GLU B 299 14.65 -20.19 -2.22
N LYS B 300 14.98 -19.75 -1.01
CA LYS B 300 13.99 -19.25 -0.06
C LYS B 300 13.30 -18.00 -0.58
N LEU B 301 14.10 -17.10 -1.16
CA LEU B 301 13.60 -15.85 -1.74
C LEU B 301 12.77 -16.10 -3.00
N ASP B 302 13.18 -17.07 -3.80
CA ASP B 302 12.40 -17.46 -4.97
C ASP B 302 11.01 -17.94 -4.53
N ALA B 303 10.98 -18.84 -3.55
CA ALA B 303 9.72 -19.33 -3.02
C ALA B 303 8.76 -18.19 -2.61
N HIS B 304 9.32 -17.09 -2.11
CA HIS B 304 8.50 -15.97 -1.65
C HIS B 304 8.26 -14.92 -2.72
N GLY B 305 8.78 -15.17 -3.91
CA GLY B 305 8.68 -14.21 -5.00
C GLY B 305 9.60 -13.03 -4.83
N LEU B 306 10.48 -13.09 -3.84
CA LEU B 306 11.44 -12.00 -3.61
C LEU B 306 12.61 -12.06 -4.58
N ARG B 307 13.30 -10.95 -4.72
CA ARG B 307 14.34 -10.81 -5.74
C ARG B 307 15.75 -10.82 -5.13
N SER B 308 16.69 -11.36 -5.89
CA SER B 308 18.06 -11.52 -5.43
C SER B 308 19.00 -10.62 -6.22
N ALA B 309 19.79 -9.82 -5.52
CA ALA B 309 20.79 -8.97 -6.15
C ALA B 309 22.02 -8.85 -5.24
N PRO B 310 22.92 -9.84 -5.30
CA PRO B 310 24.05 -9.86 -4.37
C PRO B 310 24.93 -8.62 -4.51
N HIS B 311 25.28 -8.05 -3.38
CA HIS B 311 26.23 -6.93 -3.37
C HIS B 311 27.61 -7.41 -3.82
N CYS B 312 28.25 -6.60 -4.64
CA CYS B 312 29.66 -6.82 -4.98
C CYS B 312 30.33 -5.48 -5.21
N TYR B 313 31.22 -5.13 -4.29
CA TYR B 313 32.08 -3.97 -4.50
C TYR B 313 33.34 -4.14 -3.66
N GLY B 314 34.49 -3.87 -4.27
CA GLY B 314 35.77 -3.95 -3.58
C GLY B 314 36.45 -5.30 -3.76
N ASN B 315 35.77 -6.17 -4.49
CA ASN B 315 36.29 -7.48 -4.81
C ASN B 315 35.92 -7.89 -6.24
N ALA B 316 36.84 -7.71 -7.16
CA ALA B 316 36.58 -7.97 -8.57
C ALA B 316 36.10 -9.39 -8.84
N TYR B 317 36.64 -10.35 -8.09
CA TYR B 317 36.28 -11.76 -8.28
C TYR B 317 34.78 -12.03 -8.09
N GLY B 318 34.15 -11.29 -7.19
CA GLY B 318 32.73 -11.48 -6.90
C GLY B 318 31.85 -11.22 -8.10
N ILE B 319 32.35 -10.41 -9.03
CA ILE B 319 31.58 -10.05 -10.22
C ILE B 319 31.23 -11.32 -11.01
N TYR B 320 32.25 -12.14 -11.23
CA TYR B 320 32.12 -13.35 -12.04
C TYR B 320 31.42 -14.47 -11.26
N ALA B 321 31.62 -14.51 -9.96
CA ALA B 321 30.86 -15.41 -9.10
C ALA B 321 29.36 -15.13 -9.22
N SER B 322 28.97 -13.86 -9.13
CA SER B 322 27.55 -13.48 -9.22
C SER B 322 26.92 -14.02 -10.49
N GLY B 323 27.62 -13.84 -11.62
CA GLY B 323 27.16 -14.32 -12.91
C GLY B 323 26.75 -15.78 -12.89
N HIS B 324 27.67 -16.65 -12.47
CA HIS B 324 27.39 -18.07 -12.37
C HIS B 324 26.22 -18.33 -11.43
N LEU B 325 26.19 -17.60 -10.33
CA LEU B 325 25.14 -17.73 -9.32
C LEU B 325 23.75 -17.64 -9.93
N SER B 326 23.57 -16.76 -10.93
CA SER B 326 22.25 -16.47 -11.46
C SER B 326 21.51 -17.73 -11.95
N ALA B 327 22.27 -18.70 -12.47
CA ALA B 327 21.69 -19.92 -13.01
C ALA B 327 20.96 -20.73 -11.94
N ALA B 328 21.31 -20.51 -10.68
CA ALA B 328 20.66 -21.22 -9.57
C ALA B 328 19.59 -20.38 -8.89
N VAL B 329 19.33 -19.18 -9.42
CA VAL B 329 18.37 -18.27 -8.82
C VAL B 329 17.40 -17.71 -9.86
N ARG B 330 16.14 -18.11 -9.74
CA ARG B 330 15.11 -17.66 -10.66
C ARG B 330 15.02 -16.14 -10.64
N ASN B 331 14.78 -15.60 -9.45
CA ASN B 331 14.59 -14.16 -9.29
C ASN B 331 15.89 -13.39 -9.14
N PHE B 332 16.84 -13.65 -10.03
CA PHE B 332 18.13 -12.98 -9.99
C PHE B 332 18.07 -11.68 -10.80
N GLU B 333 18.38 -10.57 -10.14
CA GLU B 333 18.24 -9.24 -10.74
C GLU B 333 19.40 -8.85 -11.63
N PHE B 334 20.58 -8.66 -11.04
CA PHE B 334 21.70 -8.06 -11.76
C PHE B 334 23.05 -8.53 -11.23
N VAL B 335 24.04 -8.54 -12.10
CA VAL B 335 25.42 -8.60 -11.64
C VAL B 335 25.90 -7.16 -11.43
N GLU B 336 26.36 -6.85 -10.22
CA GLU B 336 26.87 -5.52 -9.93
C GLU B 336 28.29 -5.36 -10.47
N TYR B 337 28.44 -4.53 -11.49
CA TYR B 337 29.67 -4.48 -12.24
C TYR B 337 30.55 -3.24 -12.00
N ASP B 338 31.84 -3.49 -11.82
CA ASP B 338 32.88 -2.49 -11.69
C ASP B 338 34.00 -2.96 -12.62
N ASP B 339 34.48 -2.09 -13.51
CA ASP B 339 35.51 -2.48 -14.49
C ASP B 339 36.92 -2.49 -13.87
N ILE B 340 37.43 -3.70 -13.62
CA ILE B 340 38.68 -3.87 -12.89
C ILE B 340 39.65 -4.82 -13.59
N THR B 341 40.92 -4.43 -13.67
CA THR B 341 41.96 -5.30 -14.20
C THR B 341 42.84 -5.79 -13.07
N ILE B 342 42.75 -7.07 -12.76
CA ILE B 342 43.61 -7.68 -11.75
C ILE B 342 44.75 -8.46 -12.42
N GLU B 343 45.99 -8.10 -12.09
CA GLU B 343 47.16 -8.77 -12.66
C GLU B 343 47.11 -10.26 -12.33
N GLY B 344 47.34 -11.08 -13.34
CA GLY B 344 47.33 -12.53 -13.14
C GLY B 344 45.95 -13.16 -13.12
N MET B 345 44.91 -12.34 -13.31
CA MET B 345 43.54 -12.87 -13.35
C MET B 345 42.84 -12.56 -14.67
N ASP B 346 42.92 -13.51 -15.60
CA ASP B 346 42.36 -13.31 -16.95
C ASP B 346 40.85 -13.55 -16.99
N VAL B 347 40.09 -12.48 -17.20
CA VAL B 347 38.63 -12.58 -17.21
C VAL B 347 38.07 -12.30 -18.61
N SER B 348 38.93 -12.43 -19.61
CA SER B 348 38.57 -12.14 -21.01
C SER B 348 37.49 -13.08 -21.56
N GLY B 349 37.28 -14.20 -20.88
CA GLY B 349 36.24 -15.13 -21.27
C GLY B 349 34.90 -14.43 -21.16
N TYR B 350 34.83 -13.43 -20.28
CA TYR B 350 33.62 -12.64 -20.08
C TYR B 350 33.57 -11.44 -20.98
N ARG B 351 32.37 -11.08 -21.41
CA ARG B 351 32.21 -9.83 -22.14
C ARG B 351 30.92 -9.11 -21.78
N ILE B 352 30.99 -7.79 -21.71
CA ILE B 352 29.80 -6.97 -21.51
C ILE B 352 29.22 -6.58 -22.86
N GLU B 353 27.93 -6.85 -23.07
CA GLU B 353 27.24 -6.43 -24.29
C GLU B 353 25.78 -6.04 -24.02
N ASN B 354 25.40 -4.85 -24.50
CA ASN B 354 24.07 -4.28 -24.30
C ASN B 354 23.43 -4.61 -22.94
N GLY B 355 24.03 -4.07 -21.87
CA GLY B 355 23.47 -4.24 -20.54
C GLY B 355 23.50 -5.65 -20.00
N GLU B 356 24.31 -6.50 -20.60
CA GLU B 356 24.44 -7.90 -20.16
C GLU B 356 25.88 -8.37 -20.15
N ILE B 357 26.21 -9.19 -19.16
CA ILE B 357 27.51 -9.85 -19.14
C ILE B 357 27.33 -11.30 -19.61
N HIS B 358 28.13 -11.70 -20.59
CA HIS B 358 28.11 -13.07 -21.07
C HIS B 358 29.11 -13.94 -20.31
N VAL B 359 28.60 -14.96 -19.65
CA VAL B 359 29.43 -15.90 -18.88
C VAL B 359 29.99 -17.01 -19.76
N PRO B 360 31.32 -17.08 -19.88
CA PRO B 360 31.92 -18.11 -20.74
C PRO B 360 31.56 -19.50 -20.24
N ALA B 361 31.44 -20.44 -21.16
CA ALA B 361 31.00 -21.80 -20.84
C ALA B 361 32.16 -22.72 -20.53
N THR B 362 33.23 -22.18 -19.97
CA THR B 362 34.45 -22.94 -19.69
C THR B 362 34.47 -23.50 -18.26
N PRO B 363 35.33 -24.49 -17.98
CA PRO B 363 35.40 -25.18 -16.68
C PRO B 363 35.58 -24.25 -15.48
N GLY B 364 34.97 -24.61 -14.35
CA GLY B 364 35.10 -23.82 -13.14
C GLY B 364 34.36 -22.50 -13.25
N PHE B 365 35.04 -21.41 -12.90
CA PHE B 365 34.46 -20.08 -12.98
C PHE B 365 34.94 -19.32 -14.22
N GLY B 366 35.62 -20.04 -15.11
CA GLY B 366 36.01 -19.48 -16.40
C GLY B 366 37.04 -18.39 -16.32
N ILE B 367 37.76 -18.34 -15.21
CA ILE B 367 38.85 -17.39 -15.06
C ILE B 367 40.19 -18.13 -15.14
N VAL B 368 41.09 -17.63 -15.96
CA VAL B 368 42.39 -18.25 -16.15
C VAL B 368 43.47 -17.49 -15.41
N PHE B 369 43.91 -18.03 -14.27
CA PHE B 369 44.97 -17.39 -13.49
C PHE B 369 46.35 -17.72 -14.03
N ASP B 370 47.23 -16.72 -14.02
CA ASP B 370 48.64 -16.92 -14.32
C ASP B 370 49.35 -17.73 -13.22
N ASP B 371 49.38 -19.05 -13.40
CA ASP B 371 49.93 -19.95 -12.40
C ASP B 371 51.29 -19.52 -11.86
N GLU B 372 52.16 -19.09 -12.76
CA GLU B 372 53.52 -18.71 -12.39
C GLU B 372 53.60 -17.42 -11.58
N LEU B 373 52.87 -16.40 -12.02
CA LEU B 373 52.80 -15.15 -11.25
C LEU B 373 52.23 -15.45 -9.86
N VAL B 374 51.20 -16.28 -9.81
CA VAL B 374 50.55 -16.60 -8.55
C VAL B 374 51.51 -17.31 -7.59
N THR B 375 52.33 -18.21 -8.13
CA THR B 375 53.33 -18.88 -7.31
C THR B 375 54.29 -17.85 -6.72
N TYR B 376 54.70 -16.91 -7.55
CA TYR B 376 55.58 -15.84 -7.11
C TYR B 376 54.97 -15.05 -5.95
N LEU B 377 53.72 -14.62 -6.12
CA LEU B 377 53.04 -13.81 -5.11
C LEU B 377 52.79 -14.62 -3.83
N ILE B 378 52.55 -15.91 -3.98
CA ILE B 378 52.45 -16.79 -2.81
C ILE B 378 53.75 -16.76 -2.03
N ASN B 379 54.85 -17.02 -2.73
CA ASN B 379 56.16 -17.01 -2.09
C ASN B 379 56.50 -15.66 -1.49
N ARG B 380 56.19 -14.60 -2.22
CA ARG B 380 56.66 -13.27 -1.86
C ARG B 380 55.88 -12.61 -0.73
N SER B 381 54.56 -12.79 -0.74
CA SER B 381 53.68 -12.01 0.14
C SER B 381 52.51 -12.85 0.65
N GLY B 382 52.53 -14.14 0.36
CA GLY B 382 51.45 -15.03 0.78
C GLY B 382 51.99 -16.17 1.61
N TRP B 383 51.36 -17.33 1.50
CA TRP B 383 51.84 -18.47 2.27
C TRP B 383 51.33 -19.79 1.71
N SER B 384 51.92 -20.87 2.20
CA SER B 384 51.58 -22.21 1.70
C SER B 384 51.50 -23.23 2.84
N GLU B 385 50.54 -24.14 2.73
CA GLU B 385 50.39 -25.22 3.68
C GLU B 385 50.05 -26.49 2.90
N GLY B 386 50.72 -27.59 3.24
CA GLY B 386 50.55 -28.84 2.53
C GLY B 386 51.84 -29.65 2.47
N LEU C 3 -10.14 3.14 17.14
CA LEU C 3 -10.76 2.53 18.32
C LEU C 3 -9.72 1.88 19.25
N ASN C 4 -9.84 2.15 20.54
CA ASN C 4 -8.88 1.62 21.52
C ASN C 4 -9.34 0.30 22.15
N ILE C 5 -8.60 -0.77 21.86
CA ILE C 5 -9.00 -2.09 22.31
C ILE C 5 -8.22 -2.58 23.54
N THR C 6 -7.30 -1.76 24.05
CA THR C 6 -6.45 -2.17 25.17
C THR C 6 -7.26 -2.49 26.42
N GLY C 7 -8.52 -2.08 26.44
CA GLY C 7 -9.37 -2.29 27.61
C GLY C 7 -10.37 -3.41 27.43
N ILE C 8 -10.27 -4.11 26.30
CA ILE C 8 -11.17 -5.20 25.98
C ILE C 8 -10.60 -6.55 26.42
N GLN C 9 -11.20 -7.14 27.45
CA GLN C 9 -10.78 -8.42 27.98
C GLN C 9 -11.01 -9.52 26.95
N SER C 10 -10.08 -10.47 26.85
CA SER C 10 -10.26 -11.62 25.96
C SER C 10 -11.36 -12.52 26.51
N ASP C 11 -11.76 -12.23 27.73
CA ASP C 11 -12.85 -12.93 28.40
C ASP C 11 -14.21 -12.60 27.76
N TRP C 12 -14.26 -11.47 27.05
CA TRP C 12 -15.52 -10.97 26.51
C TRP C 12 -15.92 -11.62 25.18
N LYS C 13 -17.08 -12.28 25.20
CA LYS C 13 -17.53 -13.02 24.03
C LYS C 13 -18.96 -12.65 23.63
N VAL C 14 -19.28 -12.91 22.36
CA VAL C 14 -20.63 -12.71 21.85
C VAL C 14 -21.53 -13.81 22.37
N GLU C 15 -22.38 -13.49 23.32
CA GLU C 15 -23.27 -14.46 23.95
C GLU C 15 -24.60 -14.63 23.19
N LYS C 16 -25.11 -13.54 22.62
CA LYS C 16 -26.40 -13.59 21.93
C LYS C 16 -26.54 -12.52 20.85
N ILE C 17 -27.19 -12.89 19.73
CA ILE C 17 -27.60 -11.95 18.70
C ILE C 17 -29.11 -12.06 18.45
N GLU C 18 -29.82 -10.95 18.61
CA GLU C 18 -31.26 -10.90 18.37
C GLU C 18 -31.57 -9.85 17.33
N PHE C 19 -32.61 -10.09 16.55
CA PHE C 19 -32.90 -9.27 15.39
C PHE C 19 -34.39 -8.95 15.32
N ALA C 20 -34.68 -7.71 14.94
CA ALA C 20 -36.06 -7.25 14.84
C ALA C 20 -36.18 -6.09 13.86
N LYS C 21 -37.34 -5.96 13.25
CA LYS C 21 -37.63 -4.82 12.42
C LYS C 21 -38.44 -3.84 13.25
N LEU C 22 -38.04 -2.58 13.22
CA LEU C 22 -38.80 -1.51 13.88
C LEU C 22 -39.49 -0.66 12.83
N THR C 23 -40.66 -0.14 13.18
CA THR C 23 -41.46 0.61 12.21
C THR C 23 -41.90 1.96 12.78
N GLY C 24 -42.13 2.89 11.88
CA GLY C 24 -42.64 4.20 12.27
C GLY C 24 -43.01 4.98 11.03
N GLU C 25 -42.90 6.30 11.12
CA GLU C 25 -43.36 7.20 10.07
C GLU C 25 -42.54 8.49 10.03
N ARG C 26 -42.32 9.01 8.84
CA ARG C 26 -41.80 10.37 8.73
C ARG C 26 -42.90 11.39 8.96
N ALA C 27 -42.50 12.58 9.44
CA ALA C 27 -43.42 13.67 9.72
C ALA C 27 -44.38 14.00 8.58
N ARG C 28 -43.86 14.01 7.35
CA ARG C 28 -44.67 14.35 6.18
C ARG C 28 -44.34 13.36 5.06
N SER C 29 -45.36 12.89 4.35
CA SER C 29 -45.15 11.95 3.24
C SER C 29 -44.26 12.51 2.11
N ALA C 30 -43.31 11.70 1.67
CA ALA C 30 -42.38 12.14 0.64
C ALA C 30 -42.88 11.73 -0.74
N GLY C 31 -42.88 12.70 -1.65
CA GLY C 31 -43.30 12.49 -3.02
C GLY C 31 -42.27 11.90 -3.95
N ALA C 32 -42.33 12.26 -5.22
CA ALA C 32 -41.44 11.66 -6.20
C ALA C 32 -40.08 12.34 -6.21
N ASN C 33 -39.12 11.72 -6.90
CA ASN C 33 -37.86 12.38 -7.14
C ASN C 33 -37.59 12.31 -8.62
N GLY C 34 -36.45 12.82 -9.06
CA GLY C 34 -36.15 12.88 -10.48
C GLY C 34 -36.36 11.59 -11.25
N ARG C 35 -36.09 10.44 -10.63
CA ARG C 35 -36.05 9.17 -11.35
C ARG C 35 -37.16 8.18 -11.01
N ILE C 36 -37.71 8.26 -9.81
CA ILE C 36 -38.76 7.30 -9.40
C ILE C 36 -39.94 8.00 -8.72
N GLY C 37 -40.96 7.24 -8.35
CA GLY C 37 -42.20 7.79 -7.82
C GLY C 37 -42.23 8.08 -6.33
N VAL C 38 -43.44 8.25 -5.81
CA VAL C 38 -43.68 8.54 -4.40
C VAL C 38 -42.88 7.65 -3.45
N HIS C 39 -42.25 8.26 -2.45
CA HIS C 39 -41.43 7.52 -1.50
C HIS C 39 -42.24 7.13 -0.26
N GLY C 40 -43.22 7.97 0.06
CA GLY C 40 -44.22 7.61 1.05
C GLY C 40 -43.99 8.16 2.45
N LYS C 41 -44.76 7.61 3.40
CA LYS C 41 -44.67 8.03 4.80
C LYS C 41 -44.04 6.92 5.67
N SER C 42 -44.26 5.67 5.31
CA SER C 42 -43.84 4.54 6.12
C SER C 42 -42.32 4.38 6.17
N CYS C 43 -41.78 4.12 7.36
CA CYS C 43 -40.34 3.92 7.52
C CYS C 43 -40.04 2.70 8.39
N THR C 44 -38.96 2.00 8.09
CA THR C 44 -38.54 0.91 8.96
C THR C 44 -37.03 0.95 9.19
N VAL C 45 -36.61 0.30 10.28
CA VAL C 45 -35.19 0.16 10.60
C VAL C 45 -34.94 -1.26 11.15
N ASP C 46 -34.11 -2.03 10.45
CA ASP C 46 -33.68 -3.34 10.93
C ASP C 46 -32.63 -3.15 12.03
N ILE C 47 -32.86 -3.81 13.16
CA ILE C 47 -32.04 -3.64 14.35
C ILE C 47 -31.57 -4.95 14.97
N ALA C 48 -30.29 -5.01 15.32
CA ALA C 48 -29.77 -6.14 16.06
C ALA C 48 -29.47 -5.72 17.49
N ARG C 49 -29.82 -6.58 18.44
CA ARG C 49 -29.46 -6.38 19.83
C ARG C 49 -28.43 -7.44 20.22
N ILE C 50 -27.22 -7.02 20.55
CA ILE C 50 -26.16 -7.98 20.83
C ILE C 50 -25.90 -8.03 22.33
N THR C 51 -25.53 -9.21 22.82
CA THR C 51 -25.16 -9.37 24.22
C THR C 51 -23.71 -9.84 24.28
N ILE C 52 -22.90 -9.10 25.03
CA ILE C 52 -21.51 -9.45 25.24
C ILE C 52 -21.23 -9.23 26.71
N ASP C 53 -20.61 -10.22 27.34
CA ASP C 53 -20.33 -10.14 28.77
C ASP C 53 -21.57 -9.67 29.54
N GLY C 54 -22.72 -10.24 29.22
CA GLY C 54 -23.95 -9.94 29.94
C GLY C 54 -24.50 -8.52 29.81
N GLN C 55 -23.98 -7.73 28.87
CA GLN C 55 -24.51 -6.39 28.63
C GLN C 55 -25.00 -6.27 27.18
N THR C 56 -26.05 -5.47 26.97
CA THR C 56 -26.58 -5.32 25.61
C THR C 56 -26.08 -4.06 24.90
N GLY C 57 -26.00 -4.14 23.57
CA GLY C 57 -25.79 -2.99 22.71
C GLY C 57 -26.79 -3.06 21.57
N TYR C 58 -27.33 -1.90 21.17
CA TYR C 58 -28.29 -1.84 20.06
C TYR C 58 -27.66 -1.17 18.83
N GLY C 59 -28.12 -1.57 17.64
CA GLY C 59 -27.73 -0.86 16.43
C GLY C 59 -28.38 -1.37 15.17
N SER C 60 -28.30 -0.56 14.12
CA SER C 60 -28.67 -0.95 12.76
C SER C 60 -27.96 -2.23 12.35
N SER C 61 -28.69 -3.12 11.67
CA SER C 61 -28.11 -4.36 11.18
C SER C 61 -28.68 -4.75 9.82
N ILE C 62 -27.82 -5.02 8.84
CA ILE C 62 -28.27 -5.47 7.53
C ILE C 62 -27.40 -6.60 6.97
N HIS C 63 -27.93 -7.31 5.97
CA HIS C 63 -27.31 -8.54 5.47
C HIS C 63 -26.97 -9.51 6.59
N MET C 64 -27.89 -9.72 7.53
CA MET C 64 -27.68 -10.74 8.55
C MET C 64 -28.83 -11.75 8.59
N THR C 65 -28.47 -13.04 8.52
CA THR C 65 -29.46 -14.12 8.68
C THR C 65 -29.29 -14.79 10.03
N PRO C 66 -30.33 -15.51 10.47
CA PRO C 66 -30.21 -16.24 11.72
C PRO C 66 -28.99 -17.16 11.67
N GLU C 67 -28.81 -17.81 10.52
CA GLU C 67 -27.66 -18.67 10.27
C GLU C 67 -26.36 -17.91 10.51
N TRP C 68 -26.16 -16.86 9.73
CA TRP C 68 -24.99 -15.99 9.87
C TRP C 68 -24.69 -15.76 11.34
N ALA C 69 -25.71 -15.34 12.07
CA ALA C 69 -25.58 -15.01 13.49
C ALA C 69 -25.08 -16.20 14.31
N GLU C 70 -25.62 -17.39 14.00
CA GLU C 70 -25.19 -18.62 14.65
C GLU C 70 -23.67 -18.72 14.74
N ASP C 71 -23.02 -18.59 13.59
CA ASP C 71 -21.58 -18.84 13.49
C ASP C 71 -20.73 -17.80 14.21
N VAL C 72 -21.37 -16.76 14.72
CA VAL C 72 -20.68 -15.67 15.38
C VAL C 72 -20.73 -15.84 16.90
N ILE C 73 -21.75 -16.52 17.39
CA ILE C 73 -21.88 -16.75 18.83
C ILE C 73 -20.62 -17.44 19.38
N GLY C 74 -20.23 -17.06 20.60
CA GLY C 74 -19.10 -17.68 21.25
C GLY C 74 -17.79 -16.99 20.98
N ARG C 75 -17.72 -16.24 19.88
CA ARG C 75 -16.49 -15.55 19.52
C ARG C 75 -16.15 -14.41 20.47
N ARG C 76 -14.85 -14.17 20.66
CA ARG C 76 -14.38 -13.08 21.49
C ARG C 76 -14.56 -11.74 20.78
N LEU C 77 -15.02 -10.73 21.52
CA LEU C 77 -15.16 -9.40 20.96
C LEU C 77 -13.84 -9.02 20.31
N LEU C 78 -12.76 -9.13 21.10
CA LEU C 78 -11.43 -8.78 20.67
C LEU C 78 -11.12 -9.34 19.27
N ASP C 79 -11.72 -10.48 18.95
CA ASP C 79 -11.43 -11.17 17.69
C ASP C 79 -12.08 -10.55 16.45
N LEU C 80 -13.17 -9.82 16.64
CA LEU C 80 -13.88 -9.20 15.51
C LEU C 80 -13.11 -8.00 15.01
N PHE C 81 -12.45 -7.30 15.93
CA PHE C 81 -11.64 -6.14 15.59
C PHE C 81 -10.34 -6.58 14.95
N ASP C 82 -9.73 -5.69 14.17
CA ASP C 82 -8.47 -6.00 13.53
C ASP C 82 -7.27 -5.51 14.32
N ASP C 83 -6.10 -6.00 13.95
CA ASP C 83 -4.85 -5.64 14.60
C ASP C 83 -4.56 -4.15 14.44
N ARG C 84 -5.64 -3.37 14.28
CA ARG C 84 -5.54 -1.95 14.03
C ARG C 84 -6.68 -1.19 14.72
N GLY C 85 -7.57 -1.94 15.37
CA GLY C 85 -8.68 -1.34 16.10
C GLY C 85 -9.92 -1.12 15.27
N ARG C 86 -9.92 -1.63 14.03
CA ARG C 86 -11.07 -1.52 13.13
C ARG C 86 -11.83 -2.84 13.02
N LEU C 87 -13.13 -2.82 13.32
CA LEU C 87 -13.95 -4.03 13.19
C LEU C 87 -13.69 -4.67 11.83
N ARG C 88 -13.52 -5.98 11.80
CA ARG C 88 -13.17 -6.64 10.54
C ARG C 88 -14.33 -6.55 9.56
N GLU C 89 -14.02 -6.58 8.27
CA GLU C 89 -15.05 -6.29 7.27
C GLU C 89 -16.22 -7.26 7.36
N ALA C 90 -15.93 -8.52 7.63
CA ALA C 90 -16.95 -9.56 7.66
C ALA C 90 -18.11 -9.24 8.60
N TYR C 91 -17.88 -8.40 9.60
CA TYR C 91 -18.91 -8.12 10.59
C TYR C 91 -19.50 -6.70 10.52
N ARG C 92 -19.04 -5.90 9.56
CA ARG C 92 -19.36 -4.47 9.55
C ARG C 92 -20.86 -4.22 9.36
N LEU C 93 -21.38 -4.64 8.21
CA LEU C 93 -22.78 -4.38 7.90
C LEU C 93 -23.72 -5.01 8.95
N GLN C 94 -23.34 -6.17 9.46
CA GLN C 94 -24.20 -6.89 10.38
C GLN C 94 -24.10 -6.37 11.81
N LEU C 95 -22.89 -6.06 12.28
CA LEU C 95 -22.74 -5.81 13.71
C LEU C 95 -21.96 -4.57 14.13
N GLU C 96 -21.46 -3.78 13.18
CA GLU C 96 -20.69 -2.60 13.57
C GLU C 96 -21.47 -1.68 14.52
N TYR C 97 -22.76 -1.45 14.25
CA TYR C 97 -23.52 -0.53 15.11
C TYR C 97 -23.86 -1.08 16.50
N PRO C 98 -24.34 -2.33 16.57
CA PRO C 98 -24.55 -2.87 17.92
C PRO C 98 -23.24 -2.92 18.73
N VAL C 99 -22.14 -3.29 18.08
CA VAL C 99 -20.86 -3.41 18.78
C VAL C 99 -20.37 -2.08 19.32
N LEU C 100 -20.35 -1.07 18.46
CA LEU C 100 -19.93 0.26 18.91
C LEU C 100 -20.81 0.76 20.07
N ASP C 101 -22.12 0.62 19.92
CA ASP C 101 -23.02 0.96 21.01
C ASP C 101 -22.65 0.20 22.29
N TRP C 102 -22.32 -1.09 22.15
CA TRP C 102 -21.96 -1.90 23.31
C TRP C 102 -20.71 -1.36 24.01
N LEU C 103 -19.65 -1.13 23.23
CA LEU C 103 -18.43 -0.52 23.75
C LEU C 103 -18.75 0.78 24.50
N GLY C 104 -19.60 1.61 23.90
CA GLY C 104 -19.96 2.87 24.51
C GLY C 104 -20.63 2.68 25.84
N GLN C 105 -21.59 1.76 25.90
CA GLN C 105 -22.26 1.43 27.16
C GLN C 105 -21.25 0.92 28.18
N ARG C 106 -20.38 0.01 27.75
CA ARG C 106 -19.42 -0.59 28.66
C ARG C 106 -18.41 0.43 29.19
N GLN C 107 -17.88 1.27 28.31
CA GLN C 107 -16.87 2.26 28.68
C GLN C 107 -17.48 3.54 29.21
N GLY C 108 -18.81 3.62 29.17
CA GLY C 108 -19.51 4.83 29.58
C GLY C 108 -19.15 6.05 28.74
N LYS C 109 -18.80 5.82 27.47
CA LYS C 109 -18.49 6.92 26.56
C LYS C 109 -19.53 6.97 25.45
N PRO C 110 -19.71 8.15 24.83
CA PRO C 110 -20.42 8.15 23.56
C PRO C 110 -19.49 7.63 22.47
N VAL C 111 -20.02 7.06 21.40
CA VAL C 111 -19.16 6.52 20.34
C VAL C 111 -18.23 7.59 19.73
N TYR C 112 -18.71 8.82 19.57
CA TYR C 112 -17.87 9.84 18.95
C TYR C 112 -16.59 10.05 19.77
N ASP C 113 -16.73 9.95 21.09
CA ASP C 113 -15.56 10.00 21.98
C ASP C 113 -14.61 8.83 21.70
N LEU C 114 -15.16 7.64 21.48
CA LEU C 114 -14.38 6.45 21.18
C LEU C 114 -13.54 6.57 19.91
N VAL C 115 -14.09 7.26 18.90
CA VAL C 115 -13.48 7.30 17.57
C VAL C 115 -12.95 8.67 17.13
N SER C 116 -13.06 9.68 18.00
CA SER C 116 -12.70 11.05 17.62
C SER C 116 -11.27 11.22 17.13
N SER C 125 -18.21 18.96 23.51
CA SER C 125 -19.62 18.84 23.19
C SER C 125 -19.84 18.88 21.68
N LEU C 126 -20.56 17.88 21.17
CA LEU C 126 -20.61 17.62 19.74
C LEU C 126 -21.83 18.25 19.03
N VAL C 127 -21.54 19.24 18.19
CA VAL C 127 -22.58 19.93 17.42
C VAL C 127 -22.28 19.82 15.93
N VAL C 128 -23.23 19.29 15.17
CA VAL C 128 -23.01 18.97 13.76
C VAL C 128 -24.01 19.68 12.86
N PRO C 129 -23.53 20.30 11.76
CA PRO C 129 -24.45 20.90 10.79
C PRO C 129 -25.35 19.85 10.14
N CYS C 130 -26.65 20.15 10.05
CA CYS C 130 -27.60 19.28 9.38
C CYS C 130 -28.39 20.05 8.29
N TYR C 131 -29.04 19.32 7.40
CA TYR C 131 -29.96 19.92 6.44
C TYR C 131 -31.23 19.10 6.32
N ASP C 132 -32.32 19.80 6.04
CA ASP C 132 -33.62 19.19 5.82
C ASP C 132 -33.67 18.57 4.41
N THR C 133 -33.75 17.25 4.35
CA THR C 133 -33.66 16.54 3.07
C THR C 133 -35.04 16.19 2.51
N SER C 134 -36.08 16.65 3.18
CA SER C 134 -37.45 16.16 2.94
C SER C 134 -38.24 16.84 1.81
N LEU C 135 -37.62 17.77 1.08
CA LEU C 135 -38.31 18.54 0.05
C LEU C 135 -38.42 17.82 -1.32
N TYR C 136 -39.25 16.79 -1.37
CA TYR C 136 -39.46 16.02 -2.58
C TYR C 136 -40.40 16.68 -3.57
N PHE C 137 -40.68 16.03 -4.69
CA PHE C 137 -41.60 16.54 -5.69
C PHE C 137 -43.01 16.47 -5.16
N ASP C 138 -43.35 17.27 -4.16
CA ASP C 138 -44.67 17.16 -3.56
C ASP C 138 -45.72 18.03 -4.26
N ASP C 139 -45.37 18.54 -5.43
CA ASP C 139 -46.19 19.54 -6.12
C ASP C 139 -46.78 19.07 -7.46
N LEU C 140 -46.57 17.80 -7.81
CA LEU C 140 -46.96 17.29 -9.13
C LEU C 140 -48.47 17.26 -9.40
N HIS C 141 -49.27 17.37 -8.35
CA HIS C 141 -50.73 17.48 -8.51
C HIS C 141 -51.16 18.90 -8.89
N LEU C 142 -50.23 19.84 -8.83
CA LEU C 142 -50.56 21.25 -9.05
C LEU C 142 -50.16 21.77 -10.43
N ALA C 143 -51.12 22.37 -11.13
CA ALA C 143 -50.88 22.91 -12.46
C ALA C 143 -50.23 24.30 -12.37
N ASP C 144 -50.57 25.02 -11.30
CA ASP C 144 -50.21 26.43 -11.16
C ASP C 144 -48.84 26.58 -10.47
N GLU C 145 -47.84 27.03 -11.24
CA GLU C 145 -46.49 27.22 -10.71
C GLU C 145 -46.44 27.95 -9.37
N ARG C 146 -47.25 28.96 -9.21
CA ARG C 146 -47.19 29.77 -7.99
C ARG C 146 -47.76 28.99 -6.82
N ALA C 147 -48.73 28.14 -7.10
CA ALA C 147 -49.30 27.26 -6.08
C ALA C 147 -48.25 26.25 -5.65
N ALA C 148 -47.47 25.76 -6.62
CA ALA C 148 -46.43 24.77 -6.37
C ALA C 148 -45.38 25.35 -5.45
N VAL C 149 -44.90 26.55 -5.79
CA VAL C 149 -43.93 27.26 -4.96
C VAL C 149 -44.50 27.46 -3.54
N ALA C 150 -45.71 27.99 -3.44
CA ALA C 150 -46.37 28.15 -2.14
C ALA C 150 -46.36 26.87 -1.29
N LEU C 151 -46.77 25.75 -1.89
CA LEU C 151 -46.80 24.48 -1.17
C LEU C 151 -45.41 24.08 -0.69
N MET C 152 -44.43 24.14 -1.58
CA MET C 152 -43.06 23.77 -1.23
C MET C 152 -42.44 24.73 -0.23
N GLN C 153 -42.79 26.02 -0.31
CA GLN C 153 -42.33 26.97 0.69
C GLN C 153 -42.86 26.60 2.06
N GLU C 154 -44.14 26.23 2.14
CA GLU C 154 -44.72 25.90 3.42
C GLU C 154 -44.09 24.63 3.98
N GLU C 155 -43.69 23.72 3.09
CA GLU C 155 -42.98 22.50 3.53
C GLU C 155 -41.64 22.88 4.13
N ALA C 156 -40.89 23.75 3.45
CA ALA C 156 -39.65 24.28 4.01
C ALA C 156 -39.90 24.91 5.38
N MET C 157 -40.95 25.71 5.50
CA MET C 157 -41.25 26.34 6.78
C MET C 157 -41.50 25.32 7.90
N GLN C 158 -42.10 24.19 7.56
CA GLN C 158 -42.34 23.16 8.56
C GLN C 158 -41.04 22.76 9.23
N GLY C 159 -40.00 22.60 8.42
CA GLY C 159 -38.68 22.22 8.91
C GLY C 159 -37.99 23.41 9.56
N TYR C 160 -38.21 24.60 9.02
CA TYR C 160 -37.64 25.79 9.62
C TYR C 160 -38.11 25.94 11.06
N ALA C 161 -39.39 25.71 11.30
CA ALA C 161 -39.94 25.77 12.67
C ALA C 161 -39.36 24.69 13.60
N LYS C 162 -38.81 23.63 13.03
CA LYS C 162 -38.21 22.55 13.83
C LYS C 162 -36.71 22.73 14.00
N GLY C 163 -36.19 23.87 13.53
CA GLY C 163 -34.81 24.21 13.75
C GLY C 163 -33.92 24.05 12.54
N GLN C 164 -34.50 23.66 11.42
CA GLN C 164 -33.73 23.52 10.19
C GLN C 164 -33.46 24.88 9.55
N ARG C 165 -32.28 25.02 8.94
CA ARG C 165 -31.87 26.29 8.35
C ARG C 165 -31.30 26.05 6.96
N HIS C 166 -31.03 24.79 6.67
CA HIS C 166 -30.45 24.42 5.38
C HIS C 166 -31.34 23.35 4.77
N PHE C 167 -31.48 23.38 3.44
CA PHE C 167 -32.48 22.59 2.76
C PHE C 167 -31.93 21.99 1.47
N LYS C 168 -32.17 20.69 1.27
CA LYS C 168 -31.87 20.08 -0.02
C LYS C 168 -33.17 19.82 -0.77
N ILE C 169 -33.23 20.34 -1.99
CA ILE C 169 -34.44 20.36 -2.79
C ILE C 169 -34.32 19.42 -3.97
N LYS C 170 -35.19 18.42 -4.06
CA LYS C 170 -35.17 17.57 -5.24
C LYS C 170 -35.52 18.40 -6.49
N VAL C 171 -34.71 18.23 -7.54
CA VAL C 171 -35.01 18.85 -8.83
C VAL C 171 -34.98 17.76 -9.89
N GLY C 172 -35.19 18.14 -11.14
CA GLY C 172 -35.23 17.18 -12.24
C GLY C 172 -36.66 16.76 -12.58
N ARG C 173 -37.62 17.63 -12.29
CA ARG C 173 -39.02 17.34 -12.59
C ARG C 173 -39.21 16.92 -14.04
N GLY C 174 -38.49 17.57 -14.95
CA GLY C 174 -38.67 17.34 -16.37
C GLY C 174 -37.99 16.10 -16.94
N GLY C 175 -37.21 15.41 -16.13
CA GLY C 175 -36.54 14.21 -16.62
C GLY C 175 -37.52 13.08 -16.92
N ARG C 176 -38.48 12.88 -16.01
CA ARG C 176 -39.46 11.80 -16.17
C ARG C 176 -40.91 12.19 -15.87
N HIS C 177 -41.14 13.02 -14.85
CA HIS C 177 -42.49 13.14 -14.29
C HIS C 177 -43.32 14.26 -14.90
N MET C 178 -42.66 15.24 -15.50
CA MET C 178 -43.28 16.38 -16.18
C MET C 178 -42.59 16.63 -17.50
N PRO C 179 -43.25 17.35 -18.41
CA PRO C 179 -42.61 17.78 -19.66
C PRO C 179 -41.26 18.43 -19.34
N LEU C 180 -40.26 18.19 -20.17
CA LEU C 180 -38.89 18.61 -19.85
C LEU C 180 -38.81 20.12 -19.60
N TRP C 181 -39.27 20.90 -20.57
CA TRP C 181 -39.16 22.35 -20.48
C TRP C 181 -39.85 22.90 -19.23
N GLU C 182 -41.13 22.57 -19.09
N GLU C 182 -41.13 22.58 -19.07
CA GLU C 182 -41.95 23.03 -17.97
CA GLU C 182 -41.90 23.09 -17.94
C GLU C 182 -41.44 22.56 -16.61
C GLU C 182 -41.44 22.56 -16.58
N GLY C 183 -41.04 21.30 -16.54
CA GLY C 183 -40.50 20.72 -15.32
C GLY C 183 -39.28 21.50 -14.84
N THR C 184 -38.43 21.88 -15.79
CA THR C 184 -37.22 22.61 -15.46
C THR C 184 -37.53 24.02 -14.95
N LYS C 185 -38.50 24.68 -15.59
CA LYS C 185 -38.91 26.00 -15.13
C LYS C 185 -39.41 25.90 -13.70
N ARG C 186 -40.20 24.87 -13.45
CA ARG C 186 -40.76 24.61 -12.13
C ARG C 186 -39.67 24.33 -11.09
N ASP C 187 -38.68 23.50 -11.45
CA ASP C 187 -37.53 23.26 -10.57
C ASP C 187 -36.99 24.58 -10.08
N ILE C 188 -36.71 25.48 -11.02
CA ILE C 188 -36.11 26.78 -10.73
C ILE C 188 -37.01 27.63 -9.84
N ALA C 189 -38.26 27.80 -10.26
CA ALA C 189 -39.22 28.53 -9.46
C ALA C 189 -39.28 28.01 -8.04
N ILE C 190 -39.26 26.68 -7.90
CA ILE C 190 -39.28 26.07 -6.57
C ILE C 190 -38.04 26.41 -5.74
N VAL C 191 -36.87 26.37 -6.36
CA VAL C 191 -35.64 26.62 -5.61
C VAL C 191 -35.54 28.08 -5.18
N ARG C 192 -35.97 29.00 -6.03
CA ARG C 192 -36.09 30.42 -5.64
C ARG C 192 -37.02 30.60 -4.46
N GLY C 193 -38.21 30.03 -4.56
CA GLY C 193 -39.18 30.12 -3.49
C GLY C 193 -38.61 29.74 -2.15
N ILE C 194 -38.01 28.56 -2.08
CA ILE C 194 -37.48 28.08 -0.81
C ILE C 194 -36.30 28.95 -0.37
N SER C 195 -35.51 29.41 -1.33
CA SER C 195 -34.44 30.37 -1.07
C SER C 195 -34.97 31.59 -0.30
N GLU C 196 -36.17 32.05 -0.67
CA GLU C 196 -36.80 33.19 0.00
C GLU C 196 -37.17 32.86 1.44
N VAL C 197 -37.66 31.64 1.64
CA VAL C 197 -38.09 31.19 2.96
C VAL C 197 -36.93 31.00 3.94
N ALA C 198 -35.80 30.50 3.43
CA ALA C 198 -34.68 30.13 4.30
C ALA C 198 -33.92 31.35 4.79
N GLY C 199 -34.00 32.45 4.05
CA GLY C 199 -33.25 33.64 4.42
C GLY C 199 -31.88 33.59 3.81
N PRO C 200 -31.15 34.71 3.92
CA PRO C 200 -29.86 34.88 3.25
C PRO C 200 -28.80 33.88 3.75
N ALA C 201 -28.86 33.51 5.01
CA ALA C 201 -27.81 32.67 5.60
C ALA C 201 -28.06 31.17 5.43
N GLY C 202 -29.18 30.82 4.78
CA GLY C 202 -29.55 29.41 4.63
C GLY C 202 -28.91 28.77 3.42
N LYS C 203 -28.25 27.64 3.63
CA LYS C 203 -27.57 26.95 2.53
C LYS C 203 -28.61 26.11 1.79
N ILE C 204 -28.58 26.16 0.47
CA ILE C 204 -29.56 25.45 -0.36
C ILE C 204 -28.83 24.47 -1.27
N MET C 205 -29.19 23.20 -1.16
CA MET C 205 -28.59 22.18 -2.02
C MET C 205 -29.62 21.66 -3.00
N ILE C 206 -29.20 21.31 -4.20
CA ILE C 206 -30.16 20.77 -5.16
C ILE C 206 -29.70 19.41 -5.64
N ASP C 207 -30.67 18.52 -5.86
CA ASP C 207 -30.38 17.12 -6.16
C ASP C 207 -31.30 16.65 -7.28
N ALA C 208 -30.73 16.41 -8.45
CA ALA C 208 -31.48 16.08 -9.64
C ALA C 208 -31.69 14.57 -9.80
N ASN C 209 -31.12 13.78 -8.90
CA ASN C 209 -31.17 12.33 -9.03
C ASN C 209 -30.93 11.91 -10.47
N ASN C 210 -29.85 12.46 -11.04
CA ASN C 210 -29.38 12.09 -12.37
C ASN C 210 -30.28 12.51 -13.54
N ALA C 211 -31.27 13.35 -13.25
CA ALA C 211 -32.30 13.71 -14.24
C ALA C 211 -31.94 14.79 -15.26
N TYR C 212 -30.80 15.45 -15.07
CA TYR C 212 -30.32 16.47 -16.00
C TYR C 212 -29.31 15.90 -16.99
N ASN C 213 -28.95 16.71 -17.98
CA ASN C 213 -27.69 16.52 -18.70
C ASN C 213 -26.84 17.79 -18.49
N LEU C 214 -25.67 17.89 -19.12
CA LEU C 214 -24.77 19.01 -18.84
C LEU C 214 -25.42 20.39 -19.09
N ASN C 215 -25.96 20.59 -20.29
CA ASN C 215 -26.61 21.86 -20.65
C ASN C 215 -27.85 22.23 -19.85
N LEU C 216 -28.66 21.25 -19.47
CA LEU C 216 -29.79 21.52 -18.58
C LEU C 216 -29.26 21.97 -17.24
N THR C 217 -28.20 21.32 -16.76
CA THR C 217 -27.61 21.73 -15.49
C THR C 217 -27.10 23.18 -15.56
N LYS C 218 -26.42 23.50 -16.66
CA LYS C 218 -25.88 24.84 -16.82
C LYS C 218 -27.00 25.88 -16.87
N GLU C 219 -28.12 25.52 -17.52
CA GLU C 219 -29.28 26.41 -17.60
C GLU C 219 -29.83 26.69 -16.20
N VAL C 220 -29.98 25.63 -15.40
CA VAL C 220 -30.53 25.77 -14.05
C VAL C 220 -29.59 26.57 -13.11
N LEU C 221 -28.30 26.27 -13.19
CA LEU C 221 -27.31 26.95 -12.37
C LEU C 221 -27.29 28.43 -12.69
N ALA C 222 -27.37 28.75 -13.97
CA ALA C 222 -27.34 30.14 -14.38
C ALA C 222 -28.56 30.86 -13.80
N ALA C 223 -29.71 30.19 -13.84
CA ALA C 223 -30.95 30.82 -13.37
C ALA C 223 -30.99 31.03 -11.86
N LEU C 224 -30.08 30.37 -11.14
CA LEU C 224 -30.08 30.45 -9.68
C LEU C 224 -28.82 31.12 -9.16
N SER C 225 -28.18 31.91 -10.02
CA SER C 225 -26.90 32.55 -9.70
C SER C 225 -26.93 33.37 -8.42
N ASP C 226 -28.08 33.96 -8.11
CA ASP C 226 -28.22 34.80 -6.94
C ASP C 226 -28.70 34.02 -5.71
N VAL C 227 -29.00 32.74 -5.89
CA VAL C 227 -29.39 31.88 -4.77
C VAL C 227 -28.15 31.34 -4.07
N ASN C 228 -28.21 31.18 -2.75
CA ASN C 228 -27.09 30.65 -1.99
C ASN C 228 -26.98 29.14 -2.17
N LEU C 229 -26.69 28.71 -3.39
CA LEU C 229 -26.52 27.31 -3.73
C LEU C 229 -25.20 26.77 -3.17
N TYR C 230 -25.31 25.78 -2.28
CA TYR C 230 -24.15 25.23 -1.62
C TYR C 230 -23.54 24.06 -2.42
N TRP C 231 -24.38 23.10 -2.81
CA TRP C 231 -23.90 22.05 -3.70
C TRP C 231 -24.92 21.55 -4.70
N LEU C 232 -24.42 21.04 -5.81
CA LEU C 232 -25.23 20.40 -6.82
C LEU C 232 -24.98 18.91 -6.73
N GLU C 233 -26.03 18.15 -6.49
CA GLU C 233 -25.90 16.71 -6.22
C GLU C 233 -26.51 15.84 -7.33
N GLU C 234 -25.71 14.92 -7.87
CA GLU C 234 -26.14 14.01 -8.93
C GLU C 234 -26.95 14.69 -10.05
N ALA C 235 -26.35 15.73 -10.64
CA ALA C 235 -26.89 16.39 -11.81
C ALA C 235 -27.18 15.38 -12.91
N PHE C 236 -26.19 14.52 -13.15
CA PHE C 236 -26.30 13.42 -14.10
C PHE C 236 -25.30 12.39 -13.60
N HIS C 237 -25.34 11.17 -14.11
CA HIS C 237 -24.44 10.13 -13.56
C HIS C 237 -22.98 10.57 -13.69
N GLU C 238 -22.21 10.42 -12.62
CA GLU C 238 -20.84 10.96 -12.60
C GLU C 238 -20.09 10.63 -13.88
N ASP C 239 -19.46 11.65 -14.45
CA ASP C 239 -18.67 11.52 -15.65
C ASP C 239 -17.52 12.50 -15.57
N GLU C 240 -16.29 12.01 -15.59
CA GLU C 240 -15.14 12.89 -15.35
C GLU C 240 -15.05 14.04 -16.34
N ALA C 241 -15.29 13.77 -17.62
CA ALA C 241 -15.22 14.83 -18.62
C ALA C 241 -16.29 15.92 -18.43
N LEU C 242 -17.52 15.50 -18.14
CA LEU C 242 -18.64 16.42 -17.97
C LEU C 242 -18.44 17.28 -16.73
N TYR C 243 -17.97 16.66 -15.65
CA TYR C 243 -17.70 17.36 -14.42
C TYR C 243 -16.48 18.30 -14.54
N GLU C 244 -15.49 17.91 -15.35
CA GLU C 244 -14.36 18.81 -15.63
C GLU C 244 -14.88 20.05 -16.37
N ASP C 245 -15.72 19.83 -17.37
CA ASP C 245 -16.36 20.93 -18.09
C ASP C 245 -17.20 21.81 -17.15
N LEU C 246 -18.05 21.19 -16.34
CA LEU C 246 -18.88 21.92 -15.40
C LEU C 246 -18.06 22.76 -14.43
N LYS C 247 -16.99 22.18 -13.88
CA LYS C 247 -16.19 22.88 -12.87
C LYS C 247 -15.53 24.13 -13.45
N GLU C 248 -15.03 24.02 -14.67
CA GLU C 248 -14.42 25.17 -15.33
C GLU C 248 -15.46 26.24 -15.63
N TRP C 249 -16.65 25.80 -16.01
CA TRP C 249 -17.75 26.70 -16.36
C TRP C 249 -18.19 27.52 -15.14
N LEU C 250 -18.38 26.84 -14.01
CA LEU C 250 -18.70 27.52 -12.76
C LEU C 250 -17.58 28.49 -12.41
N GLY C 251 -16.34 28.08 -12.68
CA GLY C 251 -15.18 28.91 -12.43
C GLY C 251 -15.21 30.26 -13.13
N GLN C 252 -15.40 30.24 -14.44
CA GLN C 252 -15.42 31.48 -15.22
C GLN C 252 -16.51 32.43 -14.71
N ARG C 253 -17.63 31.85 -14.28
CA ARG C 253 -18.77 32.61 -13.81
C ARG C 253 -18.57 33.12 -12.40
N GLY C 254 -17.50 32.67 -11.76
CA GLY C 254 -17.29 33.01 -10.36
C GLY C 254 -18.42 32.46 -9.49
N GLN C 255 -19.06 31.40 -9.97
CA GLN C 255 -20.19 30.82 -9.27
C GLN C 255 -19.71 29.64 -8.42
N ASN C 256 -19.84 29.77 -7.10
CA ASN C 256 -19.29 28.77 -6.19
C ASN C 256 -20.33 27.79 -5.67
N VAL C 257 -20.43 26.66 -6.36
CA VAL C 257 -21.32 25.58 -5.94
C VAL C 257 -20.48 24.31 -5.97
N LEU C 258 -20.49 23.55 -4.88
CA LEU C 258 -19.74 22.30 -4.84
C LEU C 258 -20.42 21.23 -5.68
N ILE C 259 -19.65 20.27 -6.15
CA ILE C 259 -20.21 19.12 -6.86
C ILE C 259 -20.26 17.96 -5.88
N ALA C 260 -21.44 17.38 -5.70
CA ALA C 260 -21.61 16.26 -4.79
C ALA C 260 -22.08 15.02 -5.53
N ASP C 261 -21.61 13.85 -5.11
CA ASP C 261 -22.00 12.63 -5.78
C ASP C 261 -21.51 11.43 -4.98
N GLY C 262 -21.97 10.23 -5.33
CA GLY C 262 -21.44 9.03 -4.73
C GLY C 262 -22.44 8.00 -4.27
N GLU C 263 -23.70 8.39 -4.08
CA GLU C 263 -24.68 7.43 -3.58
C GLU C 263 -24.98 6.35 -4.63
N GLY C 264 -25.60 5.25 -4.17
CA GLY C 264 -26.02 4.18 -5.06
C GLY C 264 -24.91 3.43 -5.76
N LEU C 265 -25.17 3.05 -7.00
CA LEU C 265 -24.20 2.33 -7.82
C LEU C 265 -23.20 3.33 -8.41
N ALA C 266 -22.24 3.75 -7.60
CA ALA C 266 -21.32 4.82 -8.00
C ALA C 266 -20.26 4.33 -8.97
N SER C 267 -19.65 5.26 -9.70
CA SER C 267 -18.53 4.91 -10.55
C SER C 267 -17.38 4.42 -9.67
N PRO C 268 -16.72 3.32 -10.08
CA PRO C 268 -15.55 2.79 -9.39
C PRO C 268 -14.39 3.78 -9.36
N HIS C 269 -14.42 4.76 -10.26
CA HIS C 269 -13.33 5.73 -10.36
C HIS C 269 -13.67 7.06 -9.70
N LEU C 270 -14.83 7.13 -9.07
CA LEU C 270 -15.33 8.40 -8.53
C LEU C 270 -14.35 9.12 -7.60
N ILE C 271 -13.65 8.37 -6.75
CA ILE C 271 -12.72 8.99 -5.81
C ILE C 271 -11.52 9.58 -6.53
N GLU C 272 -11.06 8.90 -7.58
N GLU C 272 -11.03 8.89 -7.56
CA GLU C 272 -9.96 9.35 -8.41
CA GLU C 272 -9.94 9.40 -8.37
C GLU C 272 -10.31 10.62 -9.17
C GLU C 272 -10.39 10.72 -8.98
N TRP C 273 -11.58 10.72 -9.56
CA TRP C 273 -12.10 11.91 -10.19
C TRP C 273 -12.11 13.05 -9.17
N ALA C 274 -12.51 12.74 -7.95
CA ALA C 274 -12.50 13.72 -6.88
C ALA C 274 -11.09 14.26 -6.63
N THR C 275 -10.11 13.37 -6.53
CA THR C 275 -8.73 13.79 -6.30
C THR C 275 -8.20 14.73 -7.40
N ARG C 276 -8.74 14.60 -8.61
CA ARG C 276 -8.36 15.48 -9.70
C ARG C 276 -9.25 16.73 -9.76
N GLY C 277 -10.09 16.89 -8.74
CA GLY C 277 -10.87 18.11 -8.56
C GLY C 277 -12.11 18.26 -9.44
N ARG C 278 -12.74 17.14 -9.81
CA ARG C 278 -13.97 17.20 -10.60
C ARG C 278 -15.19 17.04 -9.70
N VAL C 279 -15.00 16.46 -8.52
CA VAL C 279 -16.05 16.25 -7.53
C VAL C 279 -15.55 16.66 -6.13
N ASP C 280 -16.34 17.42 -5.38
CA ASP C 280 -15.89 17.95 -4.10
C ASP C 280 -16.43 17.19 -2.90
N VAL C 281 -17.58 16.57 -3.07
CA VAL C 281 -18.31 16.00 -1.94
C VAL C 281 -18.69 14.56 -2.26
N LEU C 282 -18.23 13.62 -1.44
CA LEU C 282 -18.49 12.20 -1.64
C LEU C 282 -19.61 11.74 -0.73
N GLN C 283 -20.53 10.95 -1.27
CA GLN C 283 -21.82 10.72 -0.59
C GLN C 283 -22.21 9.25 -0.37
N TYR C 284 -21.21 8.35 -0.31
CA TYR C 284 -21.46 6.96 0.03
C TYR C 284 -22.38 6.87 1.24
N ASP C 285 -23.27 5.88 1.22
CA ASP C 285 -24.29 5.69 2.26
C ASP C 285 -23.71 5.34 3.63
N ILE C 286 -24.42 5.76 4.68
CA ILE C 286 -23.95 5.66 6.06
C ILE C 286 -24.12 4.23 6.60
N ILE C 287 -24.97 3.45 5.94
CA ILE C 287 -25.26 2.07 6.34
C ILE C 287 -24.45 1.10 5.50
N TRP C 288 -24.46 1.34 4.19
CA TRP C 288 -23.68 0.54 3.26
C TRP C 288 -22.95 1.49 2.33
N PRO C 289 -21.60 1.56 2.41
CA PRO C 289 -20.63 0.69 3.08
C PRO C 289 -20.57 0.78 4.60
N GLY C 290 -21.16 1.79 5.21
CA GLY C 290 -21.28 1.83 6.66
C GLY C 290 -20.25 2.65 7.41
N PHE C 291 -20.36 2.60 8.74
CA PHE C 291 -19.60 3.42 9.67
C PHE C 291 -18.10 3.16 9.62
N THR C 292 -17.69 1.92 9.88
CA THR C 292 -16.27 1.59 9.88
C THR C 292 -15.64 1.96 8.57
N HIS C 293 -16.31 1.61 7.48
CA HIS C 293 -15.80 1.92 6.16
C HIS C 293 -15.60 3.43 6.01
N TRP C 294 -16.55 4.20 6.55
CA TRP C 294 -16.52 5.66 6.42
C TRP C 294 -15.40 6.29 7.22
N MET C 295 -15.05 5.71 8.35
CA MET C 295 -13.91 6.21 9.11
C MET C 295 -12.64 6.05 8.29
N GLU C 296 -12.47 4.89 7.67
CA GLU C 296 -11.30 4.65 6.82
C GLU C 296 -11.32 5.57 5.62
N LEU C 297 -12.49 5.71 4.99
CA LEU C 297 -12.63 6.57 3.81
C LEU C 297 -12.44 8.06 4.11
N GLY C 298 -12.97 8.54 5.22
CA GLY C 298 -12.85 9.94 5.59
C GLY C 298 -11.39 10.33 5.75
N GLU C 299 -10.64 9.47 6.43
CA GLU C 299 -9.21 9.66 6.62
C GLU C 299 -8.53 9.95 5.28
N LYS C 300 -8.88 9.16 4.27
CA LYS C 300 -8.35 9.35 2.92
C LYS C 300 -8.76 10.69 2.39
N LEU C 301 -10.06 10.98 2.48
CA LEU C 301 -10.60 12.18 1.86
C LEU C 301 -10.03 13.45 2.51
N ASP C 302 -9.93 13.43 3.84
CA ASP C 302 -9.34 14.56 4.59
C ASP C 302 -7.96 14.89 4.04
N ALA C 303 -7.13 13.86 3.91
CA ALA C 303 -5.75 14.01 3.42
C ALA C 303 -5.71 14.62 2.03
N HIS C 304 -6.82 14.48 1.30
CA HIS C 304 -6.92 15.04 -0.05
C HIS C 304 -7.67 16.37 -0.03
N GLY C 305 -8.05 16.82 1.17
CA GLY C 305 -8.83 18.03 1.32
C GLY C 305 -10.17 17.89 0.63
N LEU C 306 -10.73 16.68 0.66
CA LEU C 306 -12.06 16.41 0.14
C LEU C 306 -13.07 16.37 1.27
N ARG C 307 -14.34 16.43 0.92
CA ARG C 307 -15.40 16.59 1.90
C ARG C 307 -16.28 15.34 1.99
N SER C 308 -16.79 15.08 3.19
CA SER C 308 -17.55 13.85 3.43
C SER C 308 -18.97 14.17 3.84
N ALA C 309 -19.93 13.69 3.06
CA ALA C 309 -21.34 13.90 3.33
C ALA C 309 -22.09 12.60 3.10
N PRO C 310 -22.13 11.73 4.15
CA PRO C 310 -22.72 10.40 4.06
C PRO C 310 -24.20 10.49 3.69
N HIS C 311 -24.58 9.77 2.64
CA HIS C 311 -25.95 9.72 2.22
C HIS C 311 -26.74 8.97 3.28
N CYS C 312 -27.90 9.50 3.61
CA CYS C 312 -28.80 8.82 4.54
C CYS C 312 -30.22 9.10 4.14
N TYR C 313 -30.89 8.09 3.63
CA TYR C 313 -32.33 8.19 3.39
C TYR C 313 -32.88 6.79 3.26
N GLY C 314 -33.99 6.56 3.96
CA GLY C 314 -34.60 5.25 4.00
C GLY C 314 -34.33 4.55 5.31
N ASN C 315 -33.52 5.17 6.15
CA ASN C 315 -33.10 4.57 7.43
C ASN C 315 -32.88 5.61 8.53
N ALA C 316 -33.84 5.75 9.44
CA ALA C 316 -33.73 6.79 10.46
C ALA C 316 -32.47 6.65 11.32
N TYR C 317 -32.09 5.41 11.60
CA TYR C 317 -30.89 5.18 12.43
C TYR C 317 -29.63 5.86 11.91
N GLY C 318 -29.46 5.85 10.59
CA GLY C 318 -28.25 6.37 9.96
C GLY C 318 -28.01 7.85 10.21
N ILE C 319 -29.07 8.56 10.58
CA ILE C 319 -28.96 9.98 10.86
C ILE C 319 -28.10 10.18 12.08
N TYR C 320 -28.36 9.41 13.12
CA TYR C 320 -27.65 9.59 14.38
C TYR C 320 -26.25 9.04 14.29
N ALA C 321 -26.09 7.94 13.56
CA ALA C 321 -24.77 7.40 13.27
C ALA C 321 -23.95 8.48 12.58
N SER C 322 -24.57 9.19 11.64
CA SER C 322 -23.92 10.30 10.94
C SER C 322 -23.33 11.33 11.90
N GLY C 323 -24.12 11.77 12.87
CA GLY C 323 -23.65 12.75 13.83
C GLY C 323 -22.36 12.34 14.51
N HIS C 324 -22.30 11.09 14.94
CA HIS C 324 -21.15 10.57 15.66
C HIS C 324 -19.94 10.47 14.73
N LEU C 325 -20.19 10.03 13.51
CA LEU C 325 -19.13 9.90 12.52
C LEU C 325 -18.34 11.20 12.32
N SER C 326 -19.02 12.33 12.47
CA SER C 326 -18.38 13.61 12.18
C SER C 326 -17.18 13.85 13.10
N ALA C 327 -17.20 13.23 14.27
CA ALA C 327 -16.10 13.38 15.23
C ALA C 327 -14.81 12.75 14.70
N ALA C 328 -14.94 11.82 13.78
CA ALA C 328 -13.78 11.09 13.26
C ALA C 328 -13.33 11.59 11.90
N VAL C 329 -14.14 12.45 11.29
CA VAL C 329 -13.81 12.93 9.95
C VAL C 329 -13.74 14.46 9.96
N ARG C 330 -12.58 15.00 9.62
CA ARG C 330 -12.37 16.44 9.72
C ARG C 330 -13.30 17.22 8.80
N ASN C 331 -13.27 16.90 7.51
CA ASN C 331 -14.04 17.63 6.52
C ASN C 331 -15.46 17.10 6.34
N PHE C 332 -16.10 16.77 7.45
CA PHE C 332 -17.48 16.27 7.45
C PHE C 332 -18.41 17.43 7.16
N GLU C 333 -19.34 17.24 6.23
CA GLU C 333 -20.23 18.31 5.78
C GLU C 333 -21.51 18.45 6.61
N PHE C 334 -22.45 17.53 6.39
CA PHE C 334 -23.76 17.64 7.04
C PHE C 334 -24.30 16.29 7.45
N VAL C 335 -25.10 16.28 8.51
CA VAL C 335 -26.02 15.19 8.79
C VAL C 335 -27.28 15.38 7.92
N GLU C 336 -27.56 14.41 7.05
CA GLU C 336 -28.75 14.45 6.21
C GLU C 336 -29.99 14.11 7.04
N TYR C 337 -30.85 15.11 7.26
CA TYR C 337 -31.90 14.94 8.26
C TYR C 337 -33.27 14.74 7.64
N ASP C 338 -33.92 13.67 8.08
CA ASP C 338 -35.31 13.38 7.72
C ASP C 338 -36.04 13.14 9.03
N ASP C 339 -37.07 13.92 9.30
CA ASP C 339 -37.79 13.85 10.57
C ASP C 339 -38.64 12.58 10.65
N ILE C 340 -38.22 11.64 11.50
CA ILE C 340 -38.85 10.31 11.57
C ILE C 340 -39.07 9.84 13.01
N THR C 341 -40.25 9.28 13.26
CA THR C 341 -40.57 8.71 14.55
C THR C 341 -40.64 7.18 14.43
N ILE C 342 -39.68 6.50 15.05
CA ILE C 342 -39.63 5.05 15.04
C ILE C 342 -40.06 4.51 16.40
N GLU C 343 -41.06 3.63 16.40
CA GLU C 343 -41.57 3.04 17.63
C GLU C 343 -40.45 2.40 18.43
N GLY C 344 -40.41 2.69 19.72
CA GLY C 344 -39.43 2.08 20.61
C GLY C 344 -37.98 2.51 20.40
N MET C 345 -37.77 3.53 19.57
CA MET C 345 -36.43 4.10 19.36
C MET C 345 -36.42 5.55 19.81
N ASP C 346 -36.00 5.79 21.06
CA ASP C 346 -36.08 7.12 21.64
C ASP C 346 -34.85 7.94 21.29
N VAL C 347 -35.05 8.95 20.46
CA VAL C 347 -33.93 9.78 20.00
C VAL C 347 -33.94 11.16 20.62
N SER C 348 -34.75 11.34 21.66
CA SER C 348 -35.01 12.67 22.22
C SER C 348 -33.74 13.33 22.78
N GLY C 349 -32.70 12.52 22.97
CA GLY C 349 -31.41 13.03 23.43
C GLY C 349 -30.76 13.96 22.44
N TYR C 350 -31.11 13.81 21.17
CA TYR C 350 -30.65 14.71 20.12
C TYR C 350 -31.63 15.87 19.99
N ARG C 351 -31.11 17.03 19.58
CA ARG C 351 -32.01 18.14 19.30
C ARG C 351 -31.51 18.94 18.11
N ILE C 352 -32.45 19.45 17.33
CA ILE C 352 -32.14 20.28 16.19
C ILE C 352 -32.31 21.72 16.63
N GLU C 353 -31.35 22.55 16.27
CA GLU C 353 -31.43 23.98 16.54
C GLU C 353 -30.49 24.72 15.61
N ASN C 354 -31.02 25.75 14.96
CA ASN C 354 -30.24 26.61 14.08
C ASN C 354 -29.42 25.89 13.03
N GLY C 355 -29.99 24.89 12.37
CA GLY C 355 -29.28 24.20 11.32
C GLY C 355 -28.16 23.30 11.83
N GLU C 356 -28.28 22.84 13.07
CA GLU C 356 -27.30 21.95 13.68
C GLU C 356 -27.99 20.88 14.52
N ILE C 357 -27.45 19.68 14.49
CA ILE C 357 -27.94 18.66 15.40
C ILE C 357 -26.95 18.51 16.56
N HIS C 358 -27.48 18.57 17.78
CA HIS C 358 -26.66 18.41 18.97
C HIS C 358 -26.64 16.96 19.41
N VAL C 359 -25.49 16.32 19.24
CA VAL C 359 -25.32 14.93 19.62
C VAL C 359 -25.11 14.83 21.13
N PRO C 360 -25.97 14.07 21.82
CA PRO C 360 -25.86 13.96 23.28
C PRO C 360 -24.58 13.23 23.66
N ALA C 361 -24.07 13.51 24.86
CA ALA C 361 -22.82 12.90 25.29
C ALA C 361 -23.09 11.69 26.18
N THR C 362 -24.22 11.03 25.94
CA THR C 362 -24.56 9.81 26.65
C THR C 362 -23.90 8.59 26.01
N PRO C 363 -23.80 7.48 26.77
CA PRO C 363 -23.06 6.29 26.34
C PRO C 363 -23.60 5.68 25.07
N GLY C 364 -22.69 5.18 24.24
CA GLY C 364 -23.06 4.56 22.98
C GLY C 364 -23.43 5.61 21.93
N PHE C 365 -24.50 5.34 21.19
CA PHE C 365 -24.95 6.28 20.18
C PHE C 365 -26.01 7.20 20.75
N GLY C 366 -26.18 7.14 22.06
CA GLY C 366 -27.12 8.01 22.77
C GLY C 366 -28.59 7.78 22.43
N ILE C 367 -28.88 6.72 21.69
CA ILE C 367 -30.27 6.36 21.38
C ILE C 367 -30.77 5.36 22.39
N VAL C 368 -31.94 5.59 22.95
CA VAL C 368 -32.46 4.75 24.02
C VAL C 368 -33.64 3.89 23.56
N PHE C 369 -33.36 2.62 23.29
CA PHE C 369 -34.38 1.69 22.80
C PHE C 369 -35.28 1.12 23.89
N ASP C 370 -36.52 0.82 23.52
CA ASP C 370 -37.46 0.26 24.47
C ASP C 370 -37.14 -1.22 24.62
N ASP C 371 -36.40 -1.56 25.67
CA ASP C 371 -35.98 -2.93 25.90
C ASP C 371 -37.19 -3.85 25.85
N GLU C 372 -38.25 -3.45 26.56
CA GLU C 372 -39.43 -4.29 26.71
C GLU C 372 -40.19 -4.45 25.39
N LEU C 373 -40.08 -3.45 24.51
CA LEU C 373 -40.80 -3.49 23.23
C LEU C 373 -40.02 -4.20 22.14
N VAL C 374 -38.70 -4.06 22.14
CA VAL C 374 -37.89 -4.71 21.12
C VAL C 374 -37.93 -6.23 21.37
N THR C 375 -38.00 -6.60 22.63
CA THR C 375 -38.10 -8.02 22.99
C THR C 375 -39.37 -8.59 22.37
N TYR C 376 -40.49 -7.90 22.58
CA TYR C 376 -41.76 -8.33 22.01
C TYR C 376 -41.68 -8.51 20.50
N LEU C 377 -41.00 -7.57 19.82
CA LEU C 377 -40.87 -7.62 18.37
C LEU C 377 -39.94 -8.73 17.88
N ILE C 378 -38.89 -8.99 18.65
CA ILE C 378 -38.00 -10.11 18.35
C ILE C 378 -38.81 -11.40 18.32
N ASN C 379 -39.45 -11.72 19.44
CA ASN C 379 -40.30 -12.91 19.55
C ASN C 379 -41.32 -13.02 18.43
N ARG C 380 -42.03 -11.93 18.21
CA ARG C 380 -43.16 -11.91 17.30
C ARG C 380 -42.79 -12.05 15.82
N SER C 381 -41.80 -11.28 15.37
CA SER C 381 -41.51 -11.21 13.93
C SER C 381 -40.03 -11.33 13.58
N GLY C 382 -39.18 -11.51 14.58
CA GLY C 382 -37.75 -11.54 14.35
C GLY C 382 -37.12 -12.90 14.59
N TRP C 383 -36.03 -12.91 15.34
CA TRP C 383 -35.33 -14.12 15.71
C TRP C 383 -34.19 -13.86 16.68
N SER C 384 -33.71 -14.94 17.28
CA SER C 384 -32.62 -14.86 18.25
C SER C 384 -31.74 -16.09 18.11
N GLU C 385 -30.44 -15.88 18.30
CA GLU C 385 -29.47 -16.97 18.29
C GLU C 385 -28.56 -16.75 19.48
N GLY C 386 -28.28 -17.82 20.23
CA GLY C 386 -27.46 -17.71 21.40
C GLY C 386 -28.12 -18.29 22.65
N LEU D 3 -13.16 -24.01 -27.07
CA LEU D 3 -11.84 -24.39 -27.55
C LEU D 3 -11.54 -25.86 -27.30
N ASN D 4 -11.07 -26.54 -28.33
CA ASN D 4 -10.55 -27.90 -28.18
C ASN D 4 -9.04 -27.83 -27.98
N ILE D 5 -8.60 -28.07 -26.74
CA ILE D 5 -7.19 -27.95 -26.41
C ILE D 5 -6.51 -29.32 -26.30
N THR D 6 -7.15 -30.34 -26.85
CA THR D 6 -6.69 -31.72 -26.67
C THR D 6 -5.54 -32.10 -27.60
N GLY D 7 -5.24 -31.24 -28.56
CA GLY D 7 -4.15 -31.48 -29.50
C GLY D 7 -2.92 -30.67 -29.14
N ILE D 8 -3.01 -29.96 -28.03
CA ILE D 8 -1.90 -29.18 -27.51
C ILE D 8 -0.94 -30.08 -26.74
N GLN D 9 0.23 -30.35 -27.32
CA GLN D 9 1.27 -31.15 -26.65
C GLN D 9 1.82 -30.41 -25.44
N SER D 10 2.07 -31.13 -24.36
CA SER D 10 2.45 -30.51 -23.10
C SER D 10 3.89 -30.04 -23.13
N ASP D 11 4.60 -30.38 -24.21
CA ASP D 11 5.95 -29.90 -24.43
C ASP D 11 5.95 -28.44 -24.93
N TRP D 12 4.86 -28.03 -25.55
CA TRP D 12 4.75 -26.70 -26.14
C TRP D 12 4.78 -25.61 -25.08
N LYS D 13 5.78 -24.74 -25.15
CA LYS D 13 5.96 -23.75 -24.11
C LYS D 13 6.11 -22.34 -24.70
N VAL D 14 5.83 -21.34 -23.88
CA VAL D 14 5.98 -19.94 -24.28
C VAL D 14 7.47 -19.62 -24.31
N GLU D 15 7.98 -19.26 -25.47
CA GLU D 15 9.43 -19.07 -25.63
C GLU D 15 9.81 -17.60 -25.73
N LYS D 16 8.91 -16.78 -26.25
CA LYS D 16 9.22 -15.37 -26.42
C LYS D 16 7.90 -14.61 -26.47
N ILE D 17 7.89 -13.44 -25.84
CA ILE D 17 6.80 -12.47 -25.97
C ILE D 17 7.39 -11.11 -26.38
N GLU D 18 6.90 -10.57 -27.48
CA GLU D 18 7.33 -9.25 -27.96
C GLU D 18 6.12 -8.33 -28.06
N PHE D 19 6.36 -7.04 -27.89
CA PHE D 19 5.28 -6.06 -27.80
C PHE D 19 5.61 -4.83 -28.62
N ALA D 20 4.65 -4.34 -29.40
CA ALA D 20 4.85 -3.05 -30.07
C ALA D 20 3.54 -2.31 -30.23
N LYS D 21 3.63 -1.02 -30.50
CA LYS D 21 2.45 -0.21 -30.84
C LYS D 21 2.44 0.05 -32.34
N LEU D 22 1.36 -0.36 -33.02
CA LEU D 22 1.18 -0.09 -34.44
C LEU D 22 0.34 1.16 -34.61
N THR D 23 0.61 1.95 -35.64
CA THR D 23 -0.14 3.18 -35.87
C THR D 23 -0.77 3.21 -37.24
N GLY D 24 -1.86 3.95 -37.38
CA GLY D 24 -2.46 4.13 -38.68
C GLY D 24 -3.47 5.26 -38.69
N GLU D 25 -4.43 5.18 -39.61
CA GLU D 25 -5.46 6.21 -39.73
C GLU D 25 -6.82 5.66 -40.13
N ARG D 26 -7.89 6.31 -39.64
CA ARG D 26 -9.22 6.05 -40.19
C ARG D 26 -9.47 6.92 -41.44
N ALA D 27 -10.32 6.43 -42.34
CA ALA D 27 -10.46 7.05 -43.66
C ALA D 27 -10.98 8.49 -43.59
N ARG D 28 -11.79 8.78 -42.58
CA ARG D 28 -12.34 10.11 -42.38
C ARG D 28 -12.24 10.46 -40.90
N SER D 29 -11.79 11.67 -40.61
CA SER D 29 -11.69 12.13 -39.23
C SER D 29 -13.04 12.09 -38.52
N ALA D 30 -13.02 11.70 -37.25
CA ALA D 30 -14.22 11.61 -36.43
C ALA D 30 -14.31 12.76 -35.42
N GLY D 31 -15.44 13.47 -35.45
CA GLY D 31 -15.65 14.59 -34.56
C GLY D 31 -16.08 14.21 -33.16
N ALA D 32 -16.81 15.13 -32.52
CA ALA D 32 -17.26 14.95 -31.15
C ALA D 32 -18.41 13.95 -31.05
N ASN D 33 -18.70 13.52 -29.83
CA ASN D 33 -19.94 12.81 -29.54
C ASN D 33 -20.65 13.54 -28.43
N GLY D 34 -21.74 12.96 -27.94
CA GLY D 34 -22.55 13.65 -26.97
C GLY D 34 -21.79 14.11 -25.76
N ARG D 35 -20.69 13.44 -25.42
CA ARG D 35 -20.04 13.69 -24.15
C ARG D 35 -18.63 14.31 -24.26
N ILE D 36 -17.88 13.95 -25.29
CA ILE D 36 -16.54 14.52 -25.44
C ILE D 36 -16.30 15.05 -26.83
N GLY D 37 -15.09 15.60 -27.03
CA GLY D 37 -14.77 16.30 -28.25
C GLY D 37 -14.28 15.42 -29.39
N VAL D 38 -13.71 16.08 -30.39
CA VAL D 38 -13.20 15.44 -31.61
C VAL D 38 -12.34 14.20 -31.30
N HIS D 39 -12.65 13.09 -31.97
CA HIS D 39 -11.89 11.85 -31.78
C HIS D 39 -10.69 11.79 -32.73
N GLY D 40 -10.81 12.42 -33.90
CA GLY D 40 -9.71 12.55 -34.82
C GLY D 40 -9.59 11.46 -35.86
N LYS D 41 -8.37 11.28 -36.36
CA LYS D 41 -8.14 10.48 -37.54
C LYS D 41 -7.05 9.45 -37.22
N SER D 42 -6.23 9.79 -36.23
CA SER D 42 -5.11 8.91 -35.84
C SER D 42 -5.59 7.72 -35.03
N CYS D 43 -5.06 6.54 -35.38
CA CYS D 43 -5.44 5.30 -34.70
C CYS D 43 -4.18 4.52 -34.29
N THR D 44 -4.26 3.76 -33.22
CA THR D 44 -3.14 2.89 -32.83
C THR D 44 -3.66 1.55 -32.35
N VAL D 45 -2.79 0.54 -32.37
CA VAL D 45 -3.17 -0.80 -31.94
C VAL D 45 -1.94 -1.42 -31.28
N ASP D 46 -2.04 -1.71 -29.98
CA ASP D 46 -0.97 -2.37 -29.22
C ASP D 46 -1.03 -3.85 -29.51
N ILE D 47 0.11 -4.41 -29.93
CA ILE D 47 0.15 -5.79 -30.39
C ILE D 47 1.22 -6.61 -29.68
N ALA D 48 0.92 -7.87 -29.40
CA ALA D 48 1.95 -8.79 -28.91
C ALA D 48 2.21 -9.84 -29.95
N ARG D 49 3.48 -10.23 -30.08
CA ARG D 49 3.86 -11.35 -30.91
C ARG D 49 4.37 -12.43 -29.94
N ILE D 50 3.71 -13.58 -29.92
CA ILE D 50 4.10 -14.68 -29.03
C ILE D 50 4.73 -15.82 -29.82
N THR D 51 5.82 -16.38 -29.29
CA THR D 51 6.45 -17.54 -29.93
C THR D 51 6.31 -18.74 -29.02
N ILE D 52 5.77 -19.80 -29.59
CA ILE D 52 5.56 -21.08 -28.90
C ILE D 52 5.96 -22.17 -29.88
N ASP D 53 6.82 -23.08 -29.43
CA ASP D 53 7.25 -24.20 -30.25
C ASP D 53 7.75 -23.73 -31.62
N GLY D 54 8.52 -22.66 -31.62
CA GLY D 54 9.12 -22.14 -32.84
C GLY D 54 8.19 -21.50 -33.86
N GLN D 55 6.94 -21.28 -33.47
CA GLN D 55 5.96 -20.61 -34.35
C GLN D 55 5.42 -19.33 -33.70
N THR D 56 5.10 -18.31 -34.50
CA THR D 56 4.60 -17.04 -33.96
C THR D 56 3.08 -16.91 -34.07
N GLY D 57 2.49 -16.21 -33.10
CA GLY D 57 1.11 -15.77 -33.21
C GLY D 57 1.05 -14.29 -32.88
N TYR D 58 0.10 -13.57 -33.50
CA TYR D 58 0.00 -12.14 -33.32
C TYR D 58 -1.38 -11.76 -32.77
N GLY D 59 -1.46 -10.73 -31.94
CA GLY D 59 -2.75 -10.15 -31.64
C GLY D 59 -2.73 -8.97 -30.67
N SER D 60 -3.90 -8.36 -30.50
CA SER D 60 -4.08 -7.30 -29.51
C SER D 60 -3.53 -7.72 -28.16
N SER D 61 -2.96 -6.77 -27.44
CA SER D 61 -2.50 -7.05 -26.09
C SER D 61 -2.59 -5.78 -25.29
N ILE D 62 -3.23 -5.86 -24.13
CA ILE D 62 -3.26 -4.74 -23.20
C ILE D 62 -2.91 -5.18 -21.80
N HIS D 63 -2.53 -4.20 -20.97
CA HIS D 63 -2.22 -4.45 -19.57
C HIS D 63 -1.05 -5.42 -19.39
N MET D 64 -0.14 -5.46 -20.36
CA MET D 64 1.05 -6.31 -20.24
C MET D 64 2.35 -5.51 -20.11
N THR D 65 3.17 -5.85 -19.13
CA THR D 65 4.49 -5.23 -18.97
C THR D 65 5.60 -6.26 -19.23
N PRO D 66 6.84 -5.79 -19.41
CA PRO D 66 7.96 -6.75 -19.54
C PRO D 66 8.05 -7.67 -18.34
N GLU D 67 7.84 -7.12 -17.15
CA GLU D 67 7.86 -7.88 -15.93
C GLU D 67 6.84 -9.02 -16.00
N TRP D 68 5.60 -8.65 -16.31
CA TRP D 68 4.54 -9.63 -16.48
C TRP D 68 4.95 -10.73 -17.44
N ALA D 69 5.37 -10.36 -18.64
CA ALA D 69 5.70 -11.34 -19.67
C ALA D 69 6.82 -12.26 -19.19
N GLU D 70 7.81 -11.66 -18.54
CA GLU D 70 8.99 -12.38 -18.08
C GLU D 70 8.56 -13.61 -17.27
N ASP D 71 7.55 -13.40 -16.43
CA ASP D 71 6.96 -14.45 -15.60
C ASP D 71 6.23 -15.56 -16.37
N VAL D 72 5.90 -15.30 -17.63
CA VAL D 72 5.17 -16.26 -18.43
C VAL D 72 6.11 -17.09 -19.29
N ILE D 73 7.28 -16.54 -19.58
CA ILE D 73 8.25 -17.29 -20.37
C ILE D 73 8.54 -18.63 -19.69
N GLY D 74 8.48 -19.69 -20.48
CA GLY D 74 8.80 -21.02 -20.00
C GLY D 74 7.60 -21.83 -19.58
N ARG D 75 6.44 -21.18 -19.45
CA ARG D 75 5.22 -21.91 -19.09
C ARG D 75 4.73 -22.79 -20.24
N ARG D 76 4.05 -23.88 -19.91
CA ARG D 76 3.46 -24.74 -20.93
C ARG D 76 2.18 -24.08 -21.46
N LEU D 77 1.95 -24.20 -22.76
CA LEU D 77 0.75 -23.60 -23.35
C LEU D 77 -0.47 -24.20 -22.66
N LEU D 78 -0.44 -25.52 -22.52
CA LEU D 78 -1.54 -26.24 -21.90
C LEU D 78 -1.95 -25.60 -20.59
N ASP D 79 -0.98 -25.14 -19.82
CA ASP D 79 -1.24 -24.63 -18.48
C ASP D 79 -1.89 -23.24 -18.46
N LEU D 80 -1.99 -22.59 -19.60
CA LEU D 80 -2.66 -21.30 -19.66
C LEU D 80 -4.18 -21.46 -19.67
N PHE D 81 -4.65 -22.69 -19.92
CA PHE D 81 -6.10 -22.95 -19.95
C PHE D 81 -6.56 -23.68 -18.70
N ASP D 82 -7.81 -23.46 -18.30
CA ASP D 82 -8.39 -24.18 -17.17
C ASP D 82 -9.04 -25.49 -17.63
N ASP D 83 -9.57 -26.24 -16.68
CA ASP D 83 -10.11 -27.58 -16.94
C ASP D 83 -11.18 -27.63 -18.02
N ARG D 84 -11.73 -26.47 -18.37
CA ARG D 84 -12.84 -26.40 -19.30
C ARG D 84 -12.38 -25.90 -20.67
N GLY D 85 -11.07 -25.80 -20.83
CA GLY D 85 -10.49 -25.38 -22.08
C GLY D 85 -10.63 -23.88 -22.32
N ARG D 86 -10.89 -23.13 -21.25
CA ARG D 86 -11.02 -21.68 -21.34
C ARG D 86 -9.72 -21.02 -20.90
N LEU D 87 -9.26 -20.03 -21.65
CA LEU D 87 -8.06 -19.32 -21.25
C LEU D 87 -8.25 -18.75 -19.86
N ARG D 88 -7.27 -18.98 -19.00
CA ARG D 88 -7.31 -18.50 -17.63
C ARG D 88 -7.37 -16.99 -17.58
N GLU D 89 -8.13 -16.48 -16.61
CA GLU D 89 -8.42 -15.07 -16.47
C GLU D 89 -7.16 -14.21 -16.52
N ALA D 90 -6.15 -14.59 -15.74
CA ALA D 90 -4.92 -13.81 -15.63
C ALA D 90 -4.24 -13.56 -16.96
N TYR D 91 -4.50 -14.38 -17.96
CA TYR D 91 -3.78 -14.27 -19.24
C TYR D 91 -4.58 -13.64 -20.39
N ARG D 92 -5.86 -13.39 -20.14
CA ARG D 92 -6.79 -12.97 -21.21
C ARG D 92 -6.42 -11.65 -21.90
N LEU D 93 -6.35 -10.58 -21.12
CA LEU D 93 -6.14 -9.25 -21.71
C LEU D 93 -4.78 -9.15 -22.37
N GLN D 94 -3.79 -9.81 -21.78
CA GLN D 94 -2.43 -9.73 -22.28
C GLN D 94 -2.20 -10.63 -23.48
N LEU D 95 -2.77 -11.83 -23.47
CA LEU D 95 -2.33 -12.84 -24.43
C LEU D 95 -3.37 -13.65 -25.19
N GLU D 96 -4.66 -13.46 -24.89
CA GLU D 96 -5.66 -14.28 -25.54
C GLU D 96 -5.60 -14.18 -27.05
N TYR D 97 -5.39 -12.98 -27.56
CA TYR D 97 -5.43 -12.82 -29.00
C TYR D 97 -4.20 -13.43 -29.68
N PRO D 98 -3.01 -13.13 -29.15
CA PRO D 98 -1.82 -13.80 -29.70
C PRO D 98 -1.94 -15.33 -29.57
N VAL D 99 -2.48 -15.79 -28.45
CA VAL D 99 -2.58 -17.23 -28.24
C VAL D 99 -3.55 -17.90 -29.23
N LEU D 100 -4.71 -17.31 -29.41
CA LEU D 100 -5.70 -17.86 -30.33
C LEU D 100 -5.20 -17.85 -31.76
N ASP D 101 -4.54 -16.76 -32.17
CA ASP D 101 -3.94 -16.69 -33.49
C ASP D 101 -2.90 -17.81 -33.63
N TRP D 102 -2.08 -17.97 -32.61
CA TRP D 102 -1.05 -19.02 -32.66
C TRP D 102 -1.71 -20.38 -32.89
N LEU D 103 -2.75 -20.67 -32.11
CA LEU D 103 -3.41 -21.97 -32.21
C LEU D 103 -3.95 -22.14 -33.62
N GLY D 104 -4.47 -21.05 -34.19
CA GLY D 104 -4.96 -21.09 -35.55
C GLY D 104 -3.83 -21.36 -36.52
N GLN D 105 -2.70 -20.71 -36.32
CA GLN D 105 -1.56 -20.87 -37.20
C GLN D 105 -1.07 -22.32 -37.15
N ARG D 106 -0.94 -22.86 -35.95
CA ARG D 106 -0.48 -24.23 -35.74
C ARG D 106 -1.43 -25.29 -36.34
N GLN D 107 -2.74 -25.17 -36.12
CA GLN D 107 -3.68 -26.16 -36.66
C GLN D 107 -4.14 -25.88 -38.09
N GLY D 108 -3.74 -24.75 -38.67
CA GLY D 108 -4.18 -24.41 -40.01
C GLY D 108 -5.69 -24.16 -40.09
N LYS D 109 -6.24 -23.49 -39.08
CA LYS D 109 -7.66 -23.17 -39.06
C LYS D 109 -7.90 -21.72 -38.63
N PRO D 110 -9.00 -21.12 -39.10
CA PRO D 110 -9.39 -19.79 -38.63
C PRO D 110 -9.94 -19.91 -37.23
N VAL D 111 -9.79 -18.87 -36.41
CA VAL D 111 -10.23 -18.91 -35.03
C VAL D 111 -11.72 -19.23 -34.90
N TYR D 112 -12.54 -18.76 -35.83
CA TYR D 112 -13.97 -19.00 -35.72
C TYR D 112 -14.26 -20.52 -35.73
N ASP D 113 -13.44 -21.29 -36.42
CA ASP D 113 -13.61 -22.74 -36.44
C ASP D 113 -13.16 -23.35 -35.11
N LEU D 114 -12.13 -22.75 -34.52
CA LEU D 114 -11.64 -23.18 -33.22
C LEU D 114 -12.64 -22.97 -32.11
N VAL D 115 -13.48 -21.95 -32.22
CA VAL D 115 -14.36 -21.60 -31.10
C VAL D 115 -15.85 -21.82 -31.35
N SER D 116 -16.24 -22.16 -32.56
CA SER D 116 -17.67 -22.23 -32.87
C SER D 116 -18.39 -23.29 -32.05
N GLY D 117 -17.63 -24.30 -31.63
CA GLY D 117 -18.24 -25.41 -30.91
C GLY D 117 -19.13 -26.18 -31.86
N ALA D 118 -18.95 -25.92 -33.15
CA ALA D 118 -19.76 -26.56 -34.19
C ALA D 118 -19.59 -28.07 -34.21
N HIS D 119 -20.67 -28.80 -34.50
CA HIS D 119 -20.55 -30.24 -34.70
C HIS D 119 -20.65 -30.59 -36.19
N LEU D 120 -21.38 -29.77 -36.93
CA LEU D 120 -21.58 -30.01 -38.36
C LEU D 120 -20.32 -29.72 -39.16
N GLU D 121 -20.26 -30.28 -40.37
CA GLU D 121 -19.09 -30.13 -41.21
C GLU D 121 -18.89 -28.67 -41.63
N THR D 122 -17.64 -28.20 -41.57
CA THR D 122 -17.31 -26.83 -41.95
C THR D 122 -17.04 -26.72 -43.44
N GLY D 123 -16.84 -25.49 -43.91
CA GLY D 123 -16.56 -25.24 -45.30
C GLY D 123 -17.18 -23.93 -45.78
N ALA D 124 -18.43 -23.70 -45.39
CA ALA D 124 -19.14 -22.48 -45.75
C ALA D 124 -18.40 -21.25 -45.23
N SER D 125 -18.52 -20.15 -45.95
CA SER D 125 -17.82 -18.92 -45.57
C SER D 125 -18.51 -18.23 -44.40
N LEU D 126 -17.72 -17.58 -43.57
CA LEU D 126 -18.29 -16.81 -42.47
C LEU D 126 -18.58 -15.41 -42.96
N VAL D 127 -19.86 -15.05 -42.98
CA VAL D 127 -20.28 -13.72 -43.39
C VAL D 127 -21.09 -13.11 -42.24
N VAL D 128 -20.66 -11.95 -41.75
CA VAL D 128 -21.27 -11.41 -40.53
C VAL D 128 -21.83 -10.01 -40.80
N PRO D 129 -23.07 -9.74 -40.35
CA PRO D 129 -23.60 -8.37 -40.49
C PRO D 129 -22.69 -7.34 -39.83
N CYS D 130 -22.55 -6.17 -40.45
CA CYS D 130 -21.75 -5.11 -39.87
C CYS D 130 -22.48 -3.79 -40.05
N TYR D 131 -22.05 -2.77 -39.30
CA TYR D 131 -22.62 -1.44 -39.46
C TYR D 131 -21.55 -0.35 -39.40
N ASP D 132 -21.85 0.77 -40.05
CA ASP D 132 -20.93 1.90 -40.12
C ASP D 132 -21.08 2.72 -38.85
N THR D 133 -20.02 2.77 -38.04
CA THR D 133 -20.10 3.44 -36.75
C THR D 133 -19.51 4.85 -36.82
N SER D 134 -19.16 5.32 -38.02
CA SER D 134 -18.34 6.54 -38.12
C SER D 134 -19.08 7.87 -38.21
N LEU D 135 -20.39 7.87 -37.98
CA LEU D 135 -21.14 9.11 -38.19
C LEU D 135 -21.17 9.94 -36.91
N TYR D 136 -20.08 10.67 -36.65
CA TYR D 136 -19.96 11.45 -35.43
C TYR D 136 -20.58 12.85 -35.66
N PHE D 137 -20.32 13.80 -34.75
CA PHE D 137 -20.90 15.15 -34.91
C PHE D 137 -20.05 15.94 -35.89
N ASP D 138 -20.05 15.53 -37.16
CA ASP D 138 -19.10 16.09 -38.10
C ASP D 138 -19.64 17.41 -38.68
N ASP D 139 -20.72 17.89 -38.05
CA ASP D 139 -21.52 19.00 -38.57
C ASP D 139 -21.52 20.23 -37.66
N LEU D 140 -20.79 20.17 -36.56
CA LEU D 140 -20.89 21.25 -35.56
C LEU D 140 -20.40 22.60 -36.02
N HIS D 141 -19.62 22.63 -37.11
CA HIS D 141 -19.08 23.90 -37.64
C HIS D 141 -20.07 24.58 -38.56
N LEU D 142 -21.13 23.88 -38.91
CA LEU D 142 -22.18 24.43 -39.77
C LEU D 142 -23.38 24.92 -38.96
N ALA D 143 -23.75 26.20 -39.15
CA ALA D 143 -24.89 26.74 -38.41
C ALA D 143 -26.22 26.28 -39.00
N ASP D 144 -26.24 26.04 -40.31
CA ASP D 144 -27.49 25.77 -41.03
C ASP D 144 -27.89 24.30 -41.02
N GLU D 145 -29.06 24.00 -40.46
CA GLU D 145 -29.47 22.63 -40.23
C GLU D 145 -29.49 21.80 -41.51
N ARG D 146 -29.98 22.38 -42.61
CA ARG D 146 -30.03 21.66 -43.87
C ARG D 146 -28.62 21.34 -44.38
N ALA D 147 -27.68 22.26 -44.13
CA ALA D 147 -26.29 22.03 -44.52
C ALA D 147 -25.68 20.87 -43.72
N ALA D 148 -25.99 20.85 -42.42
CA ALA D 148 -25.58 19.75 -41.53
C ALA D 148 -26.13 18.40 -41.97
N VAL D 149 -27.38 18.38 -42.41
CA VAL D 149 -27.97 17.14 -42.87
C VAL D 149 -27.25 16.67 -44.13
N ALA D 150 -27.04 17.59 -45.06
CA ALA D 150 -26.37 17.29 -46.33
C ALA D 150 -24.99 16.68 -46.10
N LEU D 151 -24.24 17.29 -45.19
CA LEU D 151 -22.90 16.82 -44.86
C LEU D 151 -22.95 15.40 -44.33
N MET D 152 -23.83 15.16 -43.34
CA MET D 152 -23.93 13.83 -42.72
C MET D 152 -24.47 12.76 -43.68
N GLN D 153 -25.28 13.17 -44.65
CA GLN D 153 -25.75 12.26 -45.69
C GLN D 153 -24.60 11.85 -46.61
N GLU D 154 -23.77 12.84 -46.95
CA GLU D 154 -22.60 12.56 -47.78
C GLU D 154 -21.66 11.59 -47.07
N GLU D 155 -21.50 11.79 -45.77
CA GLU D 155 -20.66 10.89 -44.99
C GLU D 155 -21.23 9.47 -44.97
N ALA D 156 -22.54 9.36 -44.81
CA ALA D 156 -23.19 8.04 -44.83
C ALA D 156 -23.03 7.41 -46.21
N MET D 157 -23.11 8.23 -47.27
CA MET D 157 -22.94 7.70 -48.62
C MET D 157 -21.50 7.24 -48.93
N GLN D 158 -20.53 7.77 -48.20
CA GLN D 158 -19.14 7.33 -48.37
C GLN D 158 -19.03 5.88 -47.86
N GLY D 159 -19.74 5.60 -46.78
CA GLY D 159 -19.81 4.26 -46.24
C GLY D 159 -20.58 3.35 -47.17
N TYR D 160 -21.70 3.85 -47.70
CA TYR D 160 -22.53 3.03 -48.59
C TYR D 160 -21.72 2.60 -49.80
N ALA D 161 -20.88 3.48 -50.30
CA ALA D 161 -20.10 3.19 -51.50
C ALA D 161 -19.03 2.15 -51.19
N LYS D 162 -18.69 2.00 -49.91
CA LYS D 162 -17.69 1.01 -49.49
C LYS D 162 -18.35 -0.30 -49.04
N GLY D 163 -19.67 -0.36 -49.15
CA GLY D 163 -20.39 -1.59 -48.94
C GLY D 163 -21.25 -1.62 -47.70
N GLN D 164 -21.26 -0.52 -46.96
CA GLN D 164 -22.06 -0.46 -45.76
C GLN D 164 -23.54 -0.28 -46.11
N ARG D 165 -24.41 -0.82 -45.28
CA ARG D 165 -25.85 -0.72 -45.49
C ARG D 165 -26.57 -0.33 -44.22
N HIS D 166 -25.86 -0.40 -43.11
CA HIS D 166 -26.44 -0.12 -41.81
C HIS D 166 -25.57 0.90 -41.11
N PHE D 167 -26.20 1.82 -40.39
CA PHE D 167 -25.48 3.00 -39.92
C PHE D 167 -25.86 3.34 -38.49
N LYS D 168 -24.84 3.64 -37.68
CA LYS D 168 -25.06 4.15 -36.33
C LYS D 168 -24.72 5.63 -36.28
N ILE D 169 -25.70 6.42 -35.85
CA ILE D 169 -25.58 7.87 -35.87
C ILE D 169 -25.42 8.38 -34.46
N LYS D 170 -24.36 9.13 -34.22
CA LYS D 170 -24.20 9.77 -32.91
C LYS D 170 -25.23 10.86 -32.75
N VAL D 171 -25.94 10.84 -31.62
CA VAL D 171 -26.87 11.91 -31.28
C VAL D 171 -26.53 12.45 -29.91
N GLY D 172 -27.31 13.40 -29.43
CA GLY D 172 -27.00 14.07 -28.18
C GLY D 172 -26.28 15.40 -28.34
N ARG D 173 -26.38 15.99 -29.53
CA ARG D 173 -25.77 17.30 -29.78
C ARG D 173 -26.03 18.31 -28.65
N GLY D 174 -27.26 18.35 -28.16
CA GLY D 174 -27.63 19.33 -27.15
C GLY D 174 -27.24 19.06 -25.71
N GLY D 175 -26.60 17.92 -25.44
CA GLY D 175 -26.20 17.63 -24.08
C GLY D 175 -25.05 18.52 -23.62
N ARG D 176 -24.13 18.82 -24.54
CA ARG D 176 -22.95 19.59 -24.16
C ARG D 176 -22.51 20.60 -25.20
N HIS D 177 -22.45 20.15 -26.45
CA HIS D 177 -21.78 20.89 -27.50
C HIS D 177 -22.62 22.03 -28.11
N MET D 178 -23.87 21.72 -28.47
CA MET D 178 -24.84 22.73 -28.93
C MET D 178 -25.85 23.06 -27.84
N PRO D 179 -26.57 24.18 -27.99
CA PRO D 179 -27.69 24.46 -27.08
C PRO D 179 -28.69 23.32 -27.07
N LEU D 180 -29.30 23.07 -25.92
CA LEU D 180 -30.16 21.89 -25.71
C LEU D 180 -31.23 21.70 -26.77
N TRP D 181 -32.12 22.67 -26.88
CA TRP D 181 -33.24 22.54 -27.81
C TRP D 181 -32.81 22.46 -29.27
N GLU D 182 -31.89 23.32 -29.69
CA GLU D 182 -31.36 23.27 -31.06
C GLU D 182 -30.61 21.98 -31.40
N GLY D 183 -29.79 21.51 -30.46
CA GLY D 183 -29.04 20.30 -30.66
C GLY D 183 -29.94 19.12 -30.91
N THR D 184 -31.07 19.08 -30.20
CA THR D 184 -31.97 17.94 -30.30
C THR D 184 -32.70 17.97 -31.65
N LYS D 185 -33.13 19.16 -32.07
CA LYS D 185 -33.77 19.32 -33.38
C LYS D 185 -32.82 18.88 -34.48
N ARG D 186 -31.56 19.27 -34.33
CA ARG D 186 -30.50 18.90 -35.27
C ARG D 186 -30.33 17.37 -35.30
N ASP D 187 -30.22 16.74 -34.12
CA ASP D 187 -30.16 15.27 -34.01
C ASP D 187 -31.24 14.63 -34.91
N ILE D 188 -32.48 15.01 -34.66
CA ILE D 188 -33.62 14.44 -35.35
C ILE D 188 -33.51 14.61 -36.85
N ALA D 189 -33.21 15.84 -37.29
CA ALA D 189 -33.01 16.12 -38.69
C ALA D 189 -31.89 15.28 -39.29
N ILE D 190 -30.76 15.19 -38.59
CA ILE D 190 -29.66 14.34 -39.06
C ILE D 190 -30.15 12.89 -39.26
N VAL D 191 -30.88 12.36 -38.28
CA VAL D 191 -31.29 10.96 -38.36
C VAL D 191 -32.20 10.73 -39.56
N ARG D 192 -33.17 11.61 -39.76
CA ARG D 192 -34.07 11.49 -40.91
C ARG D 192 -33.28 11.49 -42.21
N GLY D 193 -32.39 12.47 -42.34
CA GLY D 193 -31.61 12.62 -43.56
C GLY D 193 -30.85 11.35 -43.92
N ILE D 194 -30.28 10.71 -42.92
CA ILE D 194 -29.47 9.52 -43.16
C ILE D 194 -30.35 8.33 -43.49
N SER D 195 -31.48 8.25 -42.78
CA SER D 195 -32.50 7.25 -43.07
C SER D 195 -32.92 7.31 -44.54
N GLU D 196 -33.10 8.53 -45.04
CA GLU D 196 -33.60 8.72 -46.40
C GLU D 196 -32.60 8.22 -47.42
N VAL D 197 -31.33 8.31 -47.08
CA VAL D 197 -30.25 7.82 -47.92
C VAL D 197 -29.97 6.32 -47.75
N ALA D 198 -30.14 5.80 -46.55
CA ALA D 198 -29.92 4.38 -46.27
C ALA D 198 -30.94 3.46 -46.97
N GLY D 199 -32.18 3.93 -47.12
CA GLY D 199 -33.22 3.12 -47.75
C GLY D 199 -33.93 2.24 -46.72
N PRO D 200 -35.02 1.58 -47.15
CA PRO D 200 -35.87 0.79 -46.22
C PRO D 200 -35.17 -0.46 -45.70
N ALA D 201 -34.23 -1.01 -46.47
CA ALA D 201 -33.49 -2.18 -46.02
C ALA D 201 -32.28 -1.80 -45.18
N GLY D 202 -32.16 -0.50 -44.88
CA GLY D 202 -31.04 -0.01 -44.10
C GLY D 202 -31.39 0.14 -42.64
N LYS D 203 -30.68 -0.59 -41.77
CA LYS D 203 -30.93 -0.47 -40.35
C LYS D 203 -30.21 0.75 -39.80
N ILE D 204 -30.92 1.49 -38.95
CA ILE D 204 -30.43 2.74 -38.39
C ILE D 204 -30.38 2.64 -36.88
N MET D 205 -29.19 2.85 -36.32
CA MET D 205 -29.04 2.92 -34.89
C MET D 205 -28.67 4.32 -34.46
N ILE D 206 -29.01 4.69 -33.23
CA ILE D 206 -28.59 6.00 -32.73
C ILE D 206 -27.98 5.84 -31.35
N ASP D 207 -26.99 6.67 -31.07
CA ASP D 207 -26.21 6.51 -29.86
C ASP D 207 -25.98 7.89 -29.26
N ALA D 208 -26.54 8.10 -28.06
CA ALA D 208 -26.55 9.41 -27.42
C ALA D 208 -25.39 9.60 -26.46
N ASN D 209 -24.62 8.54 -26.23
CA ASN D 209 -23.53 8.61 -25.28
C ASN D 209 -23.95 9.29 -24.00
N ASN D 210 -25.13 8.89 -23.53
CA ASN D 210 -25.65 9.28 -22.24
C ASN D 210 -26.08 10.74 -22.12
N ALA D 211 -26.16 11.43 -23.25
CA ALA D 211 -26.48 12.87 -23.25
C ALA D 211 -27.96 13.23 -23.05
N TYR D 212 -28.85 12.26 -23.10
CA TYR D 212 -30.28 12.56 -22.94
C TYR D 212 -30.73 12.30 -21.50
N ASN D 213 -31.97 12.66 -21.19
CA ASN D 213 -32.68 12.06 -20.07
C ASN D 213 -33.92 11.35 -20.62
N LEU D 214 -34.81 10.89 -19.75
CA LEU D 214 -35.89 10.02 -20.24
C LEU D 214 -36.84 10.77 -21.18
N ASN D 215 -37.24 11.98 -20.78
CA ASN D 215 -38.14 12.78 -21.63
C ASN D 215 -37.52 13.25 -22.93
N LEU D 216 -36.23 13.63 -22.92
CA LEU D 216 -35.59 14.00 -24.18
C LEU D 216 -35.62 12.79 -25.08
N THR D 217 -35.34 11.62 -24.50
CA THR D 217 -35.33 10.40 -25.26
C THR D 217 -36.69 10.13 -25.93
N LYS D 218 -37.74 10.17 -25.13
CA LYS D 218 -39.10 9.99 -25.63
C LYS D 218 -39.47 11.01 -26.71
N GLU D 219 -39.06 12.25 -26.50
CA GLU D 219 -39.34 13.30 -27.50
C GLU D 219 -38.65 12.97 -28.81
N VAL D 220 -37.39 12.52 -28.76
CA VAL D 220 -36.67 12.19 -29.98
C VAL D 220 -37.28 10.97 -30.66
N LEU D 221 -37.56 9.94 -29.88
CA LEU D 221 -38.10 8.71 -30.44
C LEU D 221 -39.43 8.95 -31.16
N ALA D 222 -40.28 9.79 -30.57
CA ALA D 222 -41.57 10.09 -31.18
C ALA D 222 -41.38 10.87 -32.47
N ALA D 223 -40.37 11.71 -32.50
CA ALA D 223 -40.07 12.48 -33.71
C ALA D 223 -39.60 11.58 -34.84
N LEU D 224 -39.05 10.41 -34.50
CA LEU D 224 -38.51 9.51 -35.52
C LEU D 224 -39.32 8.23 -35.70
N SER D 225 -40.61 8.32 -35.42
CA SER D 225 -41.51 7.16 -35.50
C SER D 225 -41.46 6.45 -36.85
N ASP D 226 -41.30 7.23 -37.91
CA ASP D 226 -41.33 6.70 -39.27
C ASP D 226 -39.95 6.33 -39.79
N VAL D 227 -38.96 6.37 -38.90
CA VAL D 227 -37.63 5.92 -39.28
C VAL D 227 -37.45 4.48 -38.83
N ASN D 228 -36.56 3.78 -39.53
CA ASN D 228 -36.24 2.38 -39.22
C ASN D 228 -35.24 2.26 -38.09
N LEU D 229 -35.62 2.76 -36.91
CA LEU D 229 -34.75 2.71 -35.75
C LEU D 229 -34.63 1.27 -35.24
N TYR D 230 -33.44 0.70 -35.41
CA TYR D 230 -33.18 -0.67 -35.00
C TYR D 230 -32.85 -0.75 -33.53
N TRP D 231 -31.97 0.14 -33.08
CA TRP D 231 -31.74 0.26 -31.65
C TRP D 231 -31.35 1.66 -31.17
N LEU D 232 -31.53 1.87 -29.88
CA LEU D 232 -31.16 3.12 -29.22
C LEU D 232 -30.13 2.79 -28.14
N GLU D 233 -28.96 3.39 -28.27
CA GLU D 233 -27.81 3.04 -27.46
C GLU D 233 -27.49 4.15 -26.48
N GLU D 234 -27.29 3.79 -25.22
CA GLU D 234 -26.88 4.74 -24.19
C GLU D 234 -27.65 6.08 -24.21
N ALA D 235 -28.97 6.02 -24.10
CA ALA D 235 -29.75 7.27 -24.13
C ALA D 235 -29.36 8.09 -22.91
N PHE D 236 -29.08 7.37 -21.82
CA PHE D 236 -28.69 7.96 -20.55
C PHE D 236 -28.08 6.80 -19.78
N HIS D 237 -27.33 7.08 -18.73
CA HIS D 237 -26.64 6.00 -18.00
C HIS D 237 -27.65 4.98 -17.52
N GLU D 238 -27.37 3.71 -17.79
CA GLU D 238 -28.32 2.64 -17.48
C GLU D 238 -28.96 2.78 -16.11
N ASP D 239 -30.28 2.60 -16.09
CA ASP D 239 -31.07 2.73 -14.89
C ASP D 239 -32.29 1.82 -15.07
N GLU D 240 -32.47 0.84 -14.19
CA GLU D 240 -33.54 -0.13 -14.41
C GLU D 240 -34.92 0.52 -14.44
N ALA D 241 -35.14 1.49 -13.57
CA ALA D 241 -36.46 2.13 -13.48
C ALA D 241 -36.80 2.95 -14.72
N LEU D 242 -35.83 3.71 -15.19
CA LEU D 242 -36.02 4.54 -16.38
C LEU D 242 -36.20 3.65 -17.61
N TYR D 243 -35.38 2.60 -17.72
CA TYR D 243 -35.50 1.69 -18.85
C TYR D 243 -36.81 0.89 -18.83
N GLU D 244 -37.28 0.50 -17.65
CA GLU D 244 -38.58 -0.15 -17.52
C GLU D 244 -39.66 0.78 -18.08
N ASP D 245 -39.60 2.04 -17.65
CA ASP D 245 -40.52 3.05 -18.15
C ASP D 245 -40.42 3.16 -19.68
N LEU D 246 -39.21 3.36 -20.21
CA LEU D 246 -39.05 3.51 -21.66
C LEU D 246 -39.61 2.31 -22.43
N LYS D 247 -39.40 1.12 -21.90
CA LYS D 247 -39.83 -0.08 -22.61
C LYS D 247 -41.35 -0.16 -22.66
N GLU D 248 -42.01 0.19 -21.57
CA GLU D 248 -43.46 0.19 -21.55
C GLU D 248 -44.00 1.25 -22.51
N TRP D 249 -43.42 2.43 -22.46
CA TRP D 249 -43.81 3.54 -23.33
C TRP D 249 -43.74 3.15 -24.81
N LEU D 250 -42.64 2.50 -25.21
CA LEU D 250 -42.48 2.04 -26.58
C LEU D 250 -43.50 0.96 -26.93
N GLY D 251 -43.77 0.09 -25.97
CA GLY D 251 -44.76 -0.96 -26.19
C GLY D 251 -46.11 -0.35 -26.52
N GLN D 252 -46.49 0.67 -25.75
CA GLN D 252 -47.79 1.32 -25.94
C GLN D 252 -47.91 1.90 -27.34
N ARG D 253 -46.77 2.36 -27.87
CA ARG D 253 -46.74 3.07 -29.15
C ARG D 253 -46.60 2.13 -30.34
N GLY D 254 -46.34 0.86 -30.05
CA GLY D 254 -46.04 -0.08 -31.12
C GLY D 254 -44.73 0.22 -31.81
N GLN D 255 -43.85 0.96 -31.13
CA GLN D 255 -42.55 1.32 -31.69
C GLN D 255 -41.50 0.27 -31.31
N ASN D 256 -40.95 -0.42 -32.30
CA ASN D 256 -40.02 -1.51 -32.04
C ASN D 256 -38.55 -1.08 -32.15
N VAL D 257 -38.01 -0.57 -31.06
CA VAL D 257 -36.61 -0.18 -31.03
C VAL D 257 -35.97 -0.91 -29.85
N LEU D 258 -34.93 -1.68 -30.12
CA LEU D 258 -34.21 -2.35 -29.06
C LEU D 258 -33.47 -1.32 -28.21
N ILE D 259 -33.26 -1.67 -26.94
CA ILE D 259 -32.44 -0.87 -26.04
C ILE D 259 -31.06 -1.52 -25.97
N ALA D 260 -30.02 -0.74 -26.27
CA ALA D 260 -28.65 -1.24 -26.26
C ALA D 260 -27.80 -0.51 -25.23
N ASP D 261 -26.99 -1.24 -24.47
CA ASP D 261 -26.16 -0.57 -23.48
C ASP D 261 -25.04 -1.50 -23.07
N GLY D 262 -24.07 -1.01 -22.32
CA GLY D 262 -23.04 -1.88 -21.78
C GLY D 262 -21.59 -1.47 -21.90
N GLU D 263 -21.29 -0.52 -22.76
CA GLU D 263 -19.89 -0.13 -22.91
C GLU D 263 -19.38 0.66 -21.70
N GLY D 264 -18.06 0.76 -21.58
CA GLY D 264 -17.46 1.56 -20.53
C GLY D 264 -17.69 1.06 -19.11
N LEU D 265 -17.83 2.01 -18.19
CA LEU D 265 -18.03 1.69 -16.79
C LEU D 265 -19.50 1.37 -16.57
N ALA D 266 -19.89 0.14 -16.90
CA ALA D 266 -21.29 -0.25 -16.86
C ALA D 266 -21.78 -0.53 -15.46
N SER D 267 -23.09 -0.42 -15.26
CA SER D 267 -23.67 -0.78 -13.98
C SER D 267 -23.38 -2.25 -13.69
N PRO D 268 -23.00 -2.54 -12.45
CA PRO D 268 -22.74 -3.93 -12.04
C PRO D 268 -23.97 -4.80 -12.26
N HIS D 269 -25.14 -4.17 -12.35
CA HIS D 269 -26.40 -4.89 -12.39
C HIS D 269 -27.05 -4.92 -13.76
N LEU D 270 -26.36 -4.40 -14.77
CA LEU D 270 -26.91 -4.31 -16.12
C LEU D 270 -27.44 -5.64 -16.64
N ILE D 271 -26.63 -6.69 -16.57
CA ILE D 271 -27.10 -7.97 -17.10
C ILE D 271 -28.37 -8.45 -16.41
N GLU D 272 -28.45 -8.25 -15.11
CA GLU D 272 -29.63 -8.60 -14.36
C GLU D 272 -30.83 -7.82 -14.88
N TRP D 273 -30.61 -6.54 -15.18
CA TRP D 273 -31.68 -5.71 -15.72
C TRP D 273 -32.15 -6.24 -17.07
N ALA D 274 -31.21 -6.62 -17.93
CA ALA D 274 -31.55 -7.18 -19.21
C ALA D 274 -32.38 -8.47 -19.08
N THR D 275 -32.05 -9.31 -18.09
CA THR D 275 -32.80 -10.57 -17.90
C THR D 275 -34.24 -10.34 -17.48
N ARG D 276 -34.51 -9.17 -16.90
CA ARG D 276 -35.87 -8.76 -16.56
C ARG D 276 -36.51 -7.93 -17.68
N GLY D 277 -35.82 -7.83 -18.80
CA GLY D 277 -36.41 -7.26 -20.00
C GLY D 277 -36.24 -5.76 -20.22
N ARG D 278 -35.42 -5.09 -19.42
CA ARG D 278 -35.24 -3.63 -19.55
C ARG D 278 -34.19 -3.24 -20.62
N VAL D 279 -33.27 -4.15 -20.92
CA VAL D 279 -32.23 -3.92 -21.93
C VAL D 279 -32.14 -5.13 -22.86
N ASP D 280 -31.93 -4.89 -24.14
CA ASP D 280 -32.02 -5.94 -25.15
C ASP D 280 -30.68 -6.36 -25.68
N VAL D 281 -29.81 -5.38 -25.86
CA VAL D 281 -28.51 -5.59 -26.50
C VAL D 281 -27.38 -5.21 -25.54
N LEU D 282 -26.45 -6.14 -25.30
CA LEU D 282 -25.33 -5.88 -24.40
C LEU D 282 -24.08 -5.56 -25.19
N GLN D 283 -23.31 -4.57 -24.72
CA GLN D 283 -22.27 -3.98 -25.55
C GLN D 283 -20.88 -3.86 -24.92
N TYR D 284 -20.57 -4.73 -23.95
CA TYR D 284 -19.22 -4.82 -23.42
C TYR D 284 -18.17 -4.85 -24.56
N ASP D 285 -17.05 -4.18 -24.32
CA ASP D 285 -16.01 -4.00 -25.34
C ASP D 285 -15.29 -5.31 -25.74
N ILE D 286 -14.88 -5.41 -27.00
CA ILE D 286 -14.32 -6.65 -27.54
C ILE D 286 -12.87 -6.92 -27.07
N ILE D 287 -12.24 -5.88 -26.52
CA ILE D 287 -10.85 -5.95 -26.04
C ILE D 287 -10.85 -6.09 -24.53
N TRP D 288 -11.63 -5.24 -23.87
CA TRP D 288 -11.77 -5.30 -22.42
C TRP D 288 -13.27 -5.25 -22.08
N PRO D 289 -13.83 -6.38 -21.58
CA PRO D 289 -13.21 -7.61 -21.05
C PRO D 289 -12.66 -8.63 -22.04
N GLY D 290 -12.96 -8.53 -23.32
CA GLY D 290 -12.29 -9.38 -24.27
C GLY D 290 -13.00 -10.63 -24.78
N PHE D 291 -12.26 -11.38 -25.59
CA PHE D 291 -12.80 -12.44 -26.43
C PHE D 291 -13.23 -13.66 -25.61
N THR D 292 -12.35 -14.10 -24.73
CA THR D 292 -12.62 -15.29 -23.92
C THR D 292 -13.81 -15.03 -23.00
N HIS D 293 -13.81 -13.84 -22.40
CA HIS D 293 -14.93 -13.35 -21.63
C HIS D 293 -16.22 -13.36 -22.45
N TRP D 294 -16.15 -12.89 -23.69
CA TRP D 294 -17.34 -12.81 -24.55
C TRP D 294 -17.87 -14.19 -24.97
N MET D 295 -16.98 -15.16 -25.18
CA MET D 295 -17.48 -16.51 -25.45
C MET D 295 -18.38 -16.99 -24.34
N GLU D 296 -17.99 -16.76 -23.09
CA GLU D 296 -18.79 -17.18 -21.94
C GLU D 296 -20.02 -16.31 -21.75
N LEU D 297 -19.85 -15.00 -21.93
CA LEU D 297 -20.97 -14.09 -21.72
C LEU D 297 -22.02 -14.29 -22.81
N GLY D 298 -21.54 -14.52 -24.03
CA GLY D 298 -22.42 -14.81 -25.13
C GLY D 298 -23.31 -15.99 -24.79
N GLU D 299 -22.71 -17.01 -24.18
CA GLU D 299 -23.47 -18.18 -23.72
C GLU D 299 -24.60 -17.80 -22.77
N LYS D 300 -24.28 -17.04 -21.72
CA LYS D 300 -25.29 -16.56 -20.78
C LYS D 300 -26.43 -15.77 -21.48
N LEU D 301 -26.07 -14.78 -22.29
CA LEU D 301 -27.10 -13.95 -22.95
C LEU D 301 -27.96 -14.79 -23.89
N ASP D 302 -27.33 -15.64 -24.68
CA ASP D 302 -28.03 -16.54 -25.57
C ASP D 302 -29.13 -17.31 -24.82
N ALA D 303 -28.78 -17.80 -23.63
CA ALA D 303 -29.68 -18.64 -22.84
C ALA D 303 -30.88 -17.83 -22.38
N HIS D 304 -30.70 -16.51 -22.33
CA HIS D 304 -31.77 -15.61 -21.92
C HIS D 304 -32.49 -14.99 -23.09
N GLY D 305 -32.05 -15.29 -24.30
CA GLY D 305 -32.66 -14.68 -25.48
C GLY D 305 -32.23 -13.23 -25.66
N LEU D 306 -31.12 -12.87 -25.01
CA LEU D 306 -30.58 -11.52 -25.16
C LEU D 306 -29.54 -11.48 -26.29
N ARG D 307 -29.27 -10.27 -26.79
CA ARG D 307 -28.40 -10.08 -27.94
C ARG D 307 -27.03 -9.52 -27.59
N SER D 308 -26.05 -9.91 -28.39
CA SER D 308 -24.67 -9.52 -28.19
C SER D 308 -24.27 -8.56 -29.29
N ALA D 309 -23.76 -7.39 -28.89
CA ALA D 309 -23.18 -6.44 -29.84
C ALA D 309 -21.90 -5.88 -29.23
N PRO D 310 -20.78 -6.61 -29.36
CA PRO D 310 -19.58 -6.12 -28.69
C PRO D 310 -19.16 -4.74 -29.21
N HIS D 311 -18.91 -3.82 -28.27
CA HIS D 311 -18.42 -2.49 -28.59
C HIS D 311 -17.04 -2.63 -29.21
N CYS D 312 -16.81 -1.86 -30.26
CA CYS D 312 -15.48 -1.74 -30.81
C CYS D 312 -15.33 -0.32 -31.35
N TYR D 313 -14.51 0.47 -30.67
CA TYR D 313 -14.10 1.75 -31.21
C TYR D 313 -12.80 2.13 -30.53
N GLY D 314 -11.87 2.66 -31.31
CA GLY D 314 -10.60 3.07 -30.76
C GLY D 314 -9.56 1.98 -30.89
N ASN D 315 -9.96 0.83 -31.43
CA ASN D 315 -9.03 -0.28 -31.67
C ASN D 315 -9.44 -1.10 -32.87
N ALA D 316 -8.75 -0.90 -33.99
CA ALA D 316 -9.10 -1.56 -35.25
C ALA D 316 -9.08 -3.08 -35.18
N TYR D 317 -8.12 -3.64 -34.46
CA TYR D 317 -8.00 -5.09 -34.33
C TYR D 317 -9.31 -5.72 -33.89
N GLY D 318 -9.98 -5.06 -32.95
CA GLY D 318 -11.26 -5.51 -32.41
C GLY D 318 -12.34 -5.82 -33.42
N ILE D 319 -12.33 -5.11 -34.56
CA ILE D 319 -13.27 -5.39 -35.64
C ILE D 319 -13.16 -6.84 -36.10
N TYR D 320 -11.95 -7.27 -36.40
CA TYR D 320 -11.74 -8.57 -37.00
C TYR D 320 -11.96 -9.65 -35.94
N ALA D 321 -11.63 -9.34 -34.69
CA ALA D 321 -11.93 -10.23 -33.58
C ALA D 321 -13.45 -10.45 -33.42
N SER D 322 -14.20 -9.36 -33.50
CA SER D 322 -15.66 -9.43 -33.39
C SER D 322 -16.21 -10.37 -34.42
N GLY D 323 -15.65 -10.32 -35.61
CA GLY D 323 -16.10 -11.17 -36.70
C GLY D 323 -15.98 -12.65 -36.35
N HIS D 324 -14.83 -13.05 -35.82
CA HIS D 324 -14.61 -14.46 -35.50
C HIS D 324 -15.48 -14.88 -34.34
N LEU D 325 -15.63 -13.98 -33.39
CA LEU D 325 -16.44 -14.21 -32.21
C LEU D 325 -17.89 -14.52 -32.58
N SER D 326 -18.38 -13.96 -33.69
CA SER D 326 -19.78 -14.17 -34.07
C SER D 326 -20.10 -15.67 -34.14
N ALA D 327 -19.13 -16.47 -34.60
CA ALA D 327 -19.34 -17.90 -34.81
C ALA D 327 -19.65 -18.67 -33.52
N ALA D 328 -19.37 -18.05 -32.38
CA ALA D 328 -19.49 -18.70 -31.08
C ALA D 328 -20.72 -18.27 -30.30
N VAL D 329 -21.46 -17.30 -30.85
CA VAL D 329 -22.59 -16.71 -30.15
C VAL D 329 -23.83 -16.75 -31.06
N ARG D 330 -24.94 -17.29 -30.57
CA ARG D 330 -26.11 -17.40 -31.42
C ARG D 330 -26.69 -16.01 -31.77
N ASN D 331 -26.96 -15.22 -30.74
CA ASN D 331 -27.62 -13.91 -30.95
C ASN D 331 -26.62 -12.78 -31.15
N PHE D 332 -25.67 -13.00 -32.04
CA PHE D 332 -24.65 -12.00 -32.36
C PHE D 332 -25.23 -11.03 -33.37
N GLU D 333 -25.20 -9.74 -33.04
CA GLU D 333 -25.89 -8.74 -33.85
C GLU D 333 -25.05 -8.18 -34.99
N PHE D 334 -23.97 -7.50 -34.64
CA PHE D 334 -23.21 -6.77 -35.63
C PHE D 334 -21.73 -6.71 -35.28
N VAL D 335 -20.90 -6.68 -36.32
CA VAL D 335 -19.54 -6.18 -36.16
C VAL D 335 -19.62 -4.65 -36.30
N GLU D 336 -19.18 -3.92 -35.28
CA GLU D 336 -19.08 -2.46 -35.34
C GLU D 336 -17.88 -2.04 -36.18
N TYR D 337 -18.15 -1.45 -37.35
CA TYR D 337 -17.10 -1.18 -38.31
C TYR D 337 -16.65 0.28 -38.43
N ASP D 338 -15.33 0.45 -38.34
CA ASP D 338 -14.67 1.74 -38.56
C ASP D 338 -13.57 1.44 -39.60
N ASP D 339 -13.56 2.20 -40.69
CA ASP D 339 -12.62 1.93 -41.79
C ASP D 339 -11.24 2.49 -41.46
N ILE D 340 -10.36 1.62 -40.99
CA ILE D 340 -9.03 2.00 -40.52
C ILE D 340 -7.92 1.28 -41.27
N THR D 341 -6.86 2.01 -41.61
CA THR D 341 -5.66 1.39 -42.16
C THR D 341 -4.52 1.50 -41.15
N ILE D 342 -4.07 0.35 -40.65
CA ILE D 342 -3.00 0.31 -39.68
C ILE D 342 -1.75 -0.21 -40.41
N GLU D 343 -0.69 0.57 -40.34
CA GLU D 343 0.56 0.18 -40.98
C GLU D 343 1.08 -1.13 -40.41
N GLY D 344 1.32 -2.09 -41.29
CA GLY D 344 1.88 -3.37 -40.91
C GLY D 344 0.82 -4.40 -40.55
N MET D 345 -0.45 -4.00 -40.61
CA MET D 345 -1.55 -4.90 -40.28
C MET D 345 -2.44 -5.13 -41.50
N ASP D 346 -2.10 -6.16 -42.27
CA ASP D 346 -2.77 -6.43 -43.53
C ASP D 346 -4.11 -7.15 -43.30
N VAL D 347 -5.22 -6.41 -43.46
CA VAL D 347 -6.55 -6.97 -43.25
C VAL D 347 -7.29 -7.26 -44.55
N SER D 348 -6.58 -7.34 -45.66
CA SER D 348 -7.19 -7.43 -46.99
C SER D 348 -7.94 -8.72 -47.26
N GLY D 349 -7.68 -9.75 -46.44
CA GLY D 349 -8.45 -10.98 -46.50
C GLY D 349 -9.93 -10.72 -46.20
N TYR D 350 -10.22 -9.64 -45.47
CA TYR D 350 -11.59 -9.28 -45.14
C TYR D 350 -12.14 -8.32 -46.17
N ARG D 351 -13.44 -8.35 -46.37
CA ARG D 351 -14.09 -7.38 -47.24
C ARG D 351 -15.50 -7.09 -46.77
N ILE D 352 -15.95 -5.89 -47.11
CA ILE D 352 -17.30 -5.43 -46.81
C ILE D 352 -18.15 -5.54 -48.06
N GLU D 353 -19.26 -6.28 -47.98
CA GLU D 353 -20.22 -6.27 -49.09
C GLU D 353 -21.65 -6.31 -48.57
N ASN D 354 -22.48 -5.43 -49.10
CA ASN D 354 -23.88 -5.32 -48.71
C ASN D 354 -24.13 -5.47 -47.21
N GLY D 355 -23.48 -4.64 -46.42
CA GLY D 355 -23.77 -4.55 -45.00
C GLY D 355 -23.28 -5.77 -44.24
N GLU D 356 -22.36 -6.51 -44.86
CA GLU D 356 -21.77 -7.67 -44.22
C GLU D 356 -20.26 -7.65 -44.40
N ILE D 357 -19.52 -8.04 -43.36
CA ILE D 357 -18.09 -8.30 -43.48
C ILE D 357 -17.85 -9.79 -43.73
N HIS D 358 -17.08 -10.09 -44.77
CA HIS D 358 -16.70 -11.45 -45.11
C HIS D 358 -15.38 -11.82 -44.44
N VAL D 359 -15.44 -12.76 -43.50
CA VAL D 359 -14.24 -13.19 -42.78
C VAL D 359 -13.53 -14.29 -43.57
N PRO D 360 -12.23 -14.14 -43.81
CA PRO D 360 -11.51 -15.16 -44.57
C PRO D 360 -11.39 -16.49 -43.79
N ALA D 361 -11.13 -17.56 -44.52
CA ALA D 361 -11.05 -18.89 -43.93
C ALA D 361 -9.60 -19.28 -43.65
N THR D 362 -8.72 -18.27 -43.65
CA THR D 362 -7.29 -18.47 -43.47
C THR D 362 -6.94 -18.63 -42.00
N PRO D 363 -5.77 -19.21 -41.70
CA PRO D 363 -5.44 -19.58 -40.30
C PRO D 363 -5.44 -18.42 -39.32
N GLY D 364 -5.75 -18.75 -38.06
CA GLY D 364 -5.75 -17.75 -37.01
C GLY D 364 -6.84 -16.73 -37.24
N PHE D 365 -6.53 -15.45 -37.01
CA PHE D 365 -7.49 -14.38 -37.23
C PHE D 365 -7.46 -13.84 -38.65
N GLY D 366 -6.66 -14.47 -39.51
CA GLY D 366 -6.61 -14.12 -40.92
C GLY D 366 -6.01 -12.74 -41.22
N ILE D 367 -5.39 -12.12 -40.21
CA ILE D 367 -4.68 -10.85 -40.39
C ILE D 367 -3.20 -11.16 -40.62
N VAL D 368 -2.62 -10.60 -41.68
CA VAL D 368 -1.22 -10.84 -41.98
C VAL D 368 -0.35 -9.66 -41.57
N PHE D 369 0.45 -9.85 -40.53
CA PHE D 369 1.31 -8.78 -40.02
C PHE D 369 2.64 -8.73 -40.76
N ASP D 370 3.15 -7.52 -40.93
CA ASP D 370 4.45 -7.30 -41.56
C ASP D 370 5.52 -7.63 -40.52
N ASP D 371 6.05 -8.86 -40.59
CA ASP D 371 6.98 -9.35 -39.57
C ASP D 371 8.14 -8.37 -39.33
N GLU D 372 8.73 -7.88 -40.42
CA GLU D 372 9.90 -7.01 -40.30
C GLU D 372 9.57 -5.62 -39.80
N LEU D 373 8.40 -5.10 -40.17
CA LEU D 373 8.02 -3.80 -39.64
C LEU D 373 7.77 -3.94 -38.16
N VAL D 374 7.08 -5.01 -37.76
CA VAL D 374 6.80 -5.21 -36.34
C VAL D 374 8.12 -5.37 -35.58
N THR D 375 9.05 -6.13 -36.15
CA THR D 375 10.37 -6.27 -35.53
C THR D 375 11.03 -4.90 -35.34
N TYR D 376 10.98 -4.07 -36.37
CA TYR D 376 11.49 -2.70 -36.26
C TYR D 376 10.85 -1.97 -35.07
N LEU D 377 9.51 -1.98 -35.01
CA LEU D 377 8.82 -1.27 -33.94
C LEU D 377 9.08 -1.86 -32.55
N ILE D 378 9.17 -3.19 -32.47
CA ILE D 378 9.50 -3.82 -31.19
C ILE D 378 10.83 -3.27 -30.68
N ASN D 379 11.82 -3.23 -31.58
CA ASN D 379 13.14 -2.83 -31.16
C ASN D 379 13.29 -1.32 -30.94
N ARG D 380 12.60 -0.53 -31.76
CA ARG D 380 12.66 0.93 -31.64
C ARG D 380 11.92 1.45 -30.41
N SER D 381 10.71 0.95 -30.17
CA SER D 381 9.86 1.55 -29.13
C SER D 381 9.21 0.51 -28.22
N GLY D 382 9.25 -0.75 -28.63
CA GLY D 382 8.59 -1.81 -27.87
C GLY D 382 9.54 -2.53 -26.94
N TRP D 383 9.24 -3.79 -26.65
CA TRP D 383 10.09 -4.61 -25.78
C TRP D 383 9.98 -6.09 -26.07
N SER D 384 10.91 -6.85 -25.51
CA SER D 384 10.99 -8.27 -25.77
C SER D 384 11.41 -9.03 -24.51
N GLU D 385 10.80 -10.20 -24.29
CA GLU D 385 11.17 -11.08 -23.19
C GLU D 385 11.28 -12.51 -23.69
N GLY D 386 12.35 -13.19 -23.27
CA GLY D 386 12.54 -14.58 -23.65
C GLY D 386 13.51 -14.71 -24.78
N HIS D 387 13.44 -15.83 -25.49
CA HIS D 387 14.42 -16.12 -26.54
C HIS D 387 13.86 -17.10 -27.56
MG MG E . 16.28 5.61 22.87
MG MG F . 21.15 2.39 17.71
O1 DGU G . 9.88 0.68 22.60
O2 DGU G . 9.59 2.95 20.95
O5 DGU G . 14.09 4.82 22.40
O6B DGU G . 15.29 5.47 24.84
C1 DGU G . 10.55 1.70 22.79
C2 DGU G . 10.10 3.09 22.29
C3 DGU G . 11.25 4.13 22.29
C4 DGU G . 12.07 4.17 23.61
C5 DGU G . 13.29 5.09 23.55
C6 DGU G . 14.10 5.07 24.87
O3 DGU G . 10.70 5.43 22.06
O4 DGU G . 12.55 2.86 23.89
O6A DGU G . 13.49 4.66 25.88
MG MG H . 24.81 -0.37 -1.77
MG MG I . 20.99 -1.66 4.99
OAA D54 J . 32.55 -1.25 0.29
OAB D54 J . 31.69 1.64 0.58
OAC D54 J . 27.00 0.22 -1.22
OAD D54 J . 26.19 -1.12 -3.54
CAE D54 J . 31.44 -0.73 0.08
CAF D54 J . 31.32 0.71 -0.44
CAG D54 J . 29.87 0.93 -0.92
CAH D54 J . 29.32 -0.36 -1.57
CAI D54 J . 27.83 -0.32 -1.96
CAJ D54 J . 27.41 -1.03 -3.28
OAK D54 J . 29.82 2.02 -1.86
OAL D54 J . 28.32 -1.49 -4.02
MG MG K . -29.07 12.23 -3.74
MG MG L . -24.09 9.42 -9.01
OAA D54 M . -33.18 5.87 -1.89
OAB D54 M . -34.69 7.41 -3.84
OAC D54 M . -30.94 10.80 -3.49
OAD D54 M . -31.01 11.36 -0.02
CAE D54 M . -32.96 7.06 -2.17
CAF D54 M . -34.07 7.98 -2.67
CAG D54 M . -33.46 9.37 -2.96
CAH D54 M . -32.41 9.73 -1.91
CAI D54 M . -31.29 10.70 -2.32
CAJ D54 M . -30.63 11.55 -1.22
OAK D54 M . -34.48 10.39 -3.01
OAL D54 M . -29.73 12.37 -1.58
C1 GOL N . -37.91 6.14 2.46
O1 GOL N . -38.74 5.32 3.27
C2 GOL N . -37.97 5.74 0.99
O2 GOL N . -39.24 5.21 0.67
C3 GOL N . -36.90 4.70 0.67
O3 GOL N . -35.70 5.32 0.25
MG MG O . -21.83 3.76 -27.77
MG MG P . -24.27 2.78 -20.43
OAA D54 Q . -14.31 5.03 -27.58
OAB D54 Q . -15.71 8.07 -27.21
OAC D54 Q . -19.93 5.04 -28.00
OAD D54 Q . -20.52 2.82 -29.63
CAE D54 Q . -15.22 5.73 -27.12
CAF D54 Q . -15.90 6.85 -27.94
CAG D54 Q . -17.39 6.48 -28.15
CAH D54 Q . -17.58 4.97 -28.48
CAI D54 Q . -19.04 4.51 -28.68
CAJ D54 Q . -19.38 3.35 -29.69
OAK D54 Q . -17.97 7.29 -29.18
OAL D54 Q . -18.49 3.00 -30.53
#